data_3BH1
#
_entry.id   3BH1
#
_cell.length_a   95.453
_cell.length_b   138.936
_cell.length_c   98.266
_cell.angle_alpha   90.00
_cell.angle_beta   116.49
_cell.angle_gamma   90.00
#
_symmetry.space_group_name_H-M   'P 1 21 1'
#
loop_
_entity.id
_entity.type
_entity.pdbx_description
1 polymer 'UPF0371 protein DIP2346'
2 non-polymer GLYCEROL
3 water water
#
_entity_poly.entity_id   1
_entity_poly.type   'polypeptide(L)'
_entity_poly.pdbx_seq_one_letter_code
;MSLVNTIGFDREKYIEMQSQHIRERREALGGKLYLEMGGKLFDDMHASRVLPGFTPDNKIAMLDRIKDEVEILVCINAKD
LERHKIRADLGISYEEDVLRLVDVFRDRGFLVEHVVLTQLENDNRLALAFIERLQRLGIKVSRHRVIPGYPTDMDRIVSD
EGFGLNEYAETTRDLVVVTAPGPGSGKLATCLSQVYHEHKRGVAAGYAKFETFPIWNLPLEHPVNLAYEAATVDLNDANV
IDHFHLAAYGEQTVNYNRDVEAFPLLKTLLERLMGESPYQSPTDMGVNMAGNCISDDAACRHASEQEIIRRYFKALVEEA
RTGKDSTQSDRAAVVMAKAGIKASQRVVVEPARQVEERTSLPGCAIELVDGSIITGATSDLLGCSSSMLLNALKHLAGID
DAIHLLSPESIEPIQTLKTVHLGSSNPRLHTDEVLIALSVSAATDSNAQKALDQLKNLRGCDVHTTTILGSVDEGIFRNL
GVLVTSDPKFQKNKLYQKREGHHHHHH
;
_entity_poly.pdbx_strand_id   A,B,C,D
#
# COMPACT_ATOMS: atom_id res chain seq x y z
N THR A 6 -45.47 9.05 -14.08
CA THR A 6 -45.39 9.37 -15.52
C THR A 6 -44.44 8.41 -16.26
N ILE A 7 -44.70 8.20 -17.55
CA ILE A 7 -44.02 7.18 -18.35
C ILE A 7 -43.34 7.78 -19.58
N GLY A 8 -42.02 7.64 -19.67
CA GLY A 8 -41.26 8.17 -20.81
C GLY A 8 -40.48 7.14 -21.61
N PHE A 9 -40.67 5.86 -21.28
CA PHE A 9 -39.96 4.77 -21.94
C PHE A 9 -40.92 3.66 -22.33
N ASP A 10 -40.88 3.28 -23.60
CA ASP A 10 -41.70 2.22 -24.13
C ASP A 10 -41.03 0.88 -23.83
N ARG A 11 -41.53 0.22 -22.80
CA ARG A 11 -41.06 -1.09 -22.37
C ARG A 11 -41.28 -2.13 -23.45
N GLU A 12 -42.48 -2.14 -24.03
CA GLU A 12 -42.88 -3.16 -24.99
C GLU A 12 -42.10 -3.07 -26.29
N LYS A 13 -41.93 -1.85 -26.81
CA LYS A 13 -41.10 -1.60 -27.99
C LYS A 13 -39.66 -2.07 -27.77
N TYR A 14 -39.14 -1.80 -26.58
CA TYR A 14 -37.78 -2.25 -26.22
C TYR A 14 -37.61 -3.76 -26.27
N ILE A 15 -38.56 -4.49 -25.68
CA ILE A 15 -38.53 -5.96 -25.70
C ILE A 15 -38.54 -6.50 -27.14
N GLU A 16 -39.36 -5.91 -28.01
CA GLU A 16 -39.38 -6.26 -29.44
C GLU A 16 -38.06 -5.93 -30.16
N MET A 17 -37.63 -4.68 -30.06
CA MET A 17 -36.52 -4.15 -30.85
C MET A 17 -35.15 -4.69 -30.45
N GLN A 18 -34.92 -4.83 -29.14
CA GLN A 18 -33.63 -5.26 -28.61
C GLN A 18 -33.38 -6.73 -28.85
N SER A 19 -34.40 -7.55 -28.62
CA SER A 19 -34.34 -8.97 -28.91
C SER A 19 -34.11 -9.23 -30.40
N GLN A 20 -34.79 -8.44 -31.25
CA GLN A 20 -34.63 -8.56 -32.70
C GLN A 20 -33.25 -8.13 -33.18
N HIS A 21 -32.70 -7.08 -32.57
CA HIS A 21 -31.38 -6.58 -32.98
C HIS A 21 -30.26 -7.57 -32.66
N ILE A 22 -30.39 -8.23 -31.51
CA ILE A 22 -29.46 -9.28 -31.08
C ILE A 22 -29.53 -10.49 -32.03
N ARG A 23 -30.75 -10.90 -32.39
CA ARG A 23 -30.99 -11.91 -33.43
C ARG A 23 -30.35 -11.54 -34.75
N GLU A 24 -30.50 -10.28 -35.16
CA GLU A 24 -29.86 -9.77 -36.37
C GLU A 24 -28.33 -9.88 -36.29
N ARG A 25 -27.78 -9.59 -35.11
CA ARG A 25 -26.33 -9.64 -34.92
C ARG A 25 -25.73 -11.05 -35.07
N ARG A 26 -26.43 -12.07 -34.60
CA ARG A 26 -25.92 -13.45 -34.80
C ARG A 26 -26.05 -13.95 -36.24
N GLU A 27 -27.14 -13.59 -36.93
CA GLU A 27 -27.32 -13.89 -38.35
C GLU A 27 -26.26 -13.21 -39.21
N ALA A 28 -25.91 -11.97 -38.86
CA ALA A 28 -24.86 -11.21 -39.55
C ALA A 28 -23.46 -11.74 -39.29
N LEU A 29 -23.27 -12.48 -38.19
CA LEU A 29 -21.95 -12.98 -37.79
C LEU A 29 -21.75 -14.49 -37.97
N GLY A 30 -22.69 -15.17 -38.62
CA GLY A 30 -22.52 -16.59 -38.91
C GLY A 30 -23.60 -17.51 -38.39
N GLY A 31 -24.21 -17.14 -37.27
CA GLY A 31 -25.30 -17.93 -36.69
C GLY A 31 -25.09 -18.31 -35.24
N LYS A 32 -23.89 -18.09 -34.71
CA LYS A 32 -23.63 -18.30 -33.29
C LYS A 32 -22.95 -17.09 -32.64
N LEU A 33 -23.56 -16.60 -31.56
CA LEU A 33 -23.12 -15.38 -30.90
C LEU A 33 -22.85 -15.54 -29.41
N TYR A 34 -21.66 -15.10 -29.00
CA TYR A 34 -21.34 -14.90 -27.59
C TYR A 34 -21.50 -13.41 -27.28
N LEU A 35 -22.47 -13.12 -26.41
CA LEU A 35 -22.85 -11.75 -26.08
C LEU A 35 -22.45 -11.43 -24.64
N GLU A 36 -21.51 -10.50 -24.49
CA GLU A 36 -21.11 -10.06 -23.15
C GLU A 36 -22.18 -9.13 -22.60
N MET A 37 -22.68 -9.43 -21.40
CA MET A 37 -23.67 -8.58 -20.76
C MET A 37 -23.02 -7.79 -19.66
N GLY A 38 -22.80 -6.50 -19.92
CA GLY A 38 -22.28 -5.57 -18.91
C GLY A 38 -23.41 -4.95 -18.10
N GLY A 39 -23.23 -4.90 -16.78
CA GLY A 39 -24.21 -4.28 -15.91
C GLY A 39 -25.10 -5.26 -15.19
N LYS A 40 -25.91 -4.74 -14.27
CA LYS A 40 -26.88 -5.54 -13.52
C LYS A 40 -27.99 -6.01 -14.44
N LEU A 41 -28.32 -7.29 -14.33
CA LEU A 41 -29.33 -7.86 -15.20
C LEU A 41 -30.70 -7.89 -14.54
N PHE A 42 -30.75 -8.06 -13.22
CA PHE A 42 -32.01 -8.30 -12.51
C PHE A 42 -32.62 -7.14 -11.75
N ASP A 43 -31.78 -6.35 -11.10
CA ASP A 43 -32.28 -5.23 -10.30
CA ASP A 43 -32.23 -5.26 -10.24
C ASP A 43 -31.59 -3.92 -10.63
N ASP A 44 -31.64 -3.57 -11.92
CA ASP A 44 -31.09 -2.30 -12.38
C ASP A 44 -32.06 -1.19 -11.98
N MET A 45 -31.95 -0.79 -10.72
CA MET A 45 -32.81 0.22 -10.14
C MET A 45 -32.51 1.58 -10.79
N HIS A 46 -31.22 1.81 -11.09
CA HIS A 46 -30.78 3.06 -11.73
C HIS A 46 -31.53 3.32 -13.02
N ALA A 47 -31.59 2.31 -13.87
CA ALA A 47 -32.27 2.42 -15.16
C ALA A 47 -33.74 2.71 -15.01
N SER A 48 -34.35 2.12 -13.99
CA SER A 48 -35.78 2.26 -13.74
C SER A 48 -36.11 3.69 -13.31
N ARG A 49 -35.23 4.28 -12.50
CA ARG A 49 -35.39 5.68 -12.07
C ARG A 49 -35.09 6.62 -13.24
N VAL A 50 -34.04 6.30 -13.99
CA VAL A 50 -33.55 7.13 -15.09
C VAL A 50 -34.43 7.07 -16.37
N LEU A 51 -35.04 5.92 -16.62
CA LEU A 51 -35.94 5.77 -17.78
C LEU A 51 -37.32 5.27 -17.35
N PRO A 52 -38.20 6.20 -16.91
CA PRO A 52 -39.51 5.81 -16.37
C PRO A 52 -40.27 4.93 -17.35
N GLY A 53 -40.46 3.66 -16.98
CA GLY A 53 -41.04 2.66 -17.90
C GLY A 53 -40.12 1.47 -18.14
N PHE A 54 -38.82 1.66 -17.95
CA PHE A 54 -37.87 0.57 -17.96
C PHE A 54 -37.99 -0.07 -16.59
N THR A 55 -38.34 -1.35 -16.54
CA THR A 55 -38.50 -2.05 -15.26
C THR A 55 -37.14 -2.54 -14.79
N PRO A 56 -36.96 -2.76 -13.47
CA PRO A 56 -35.65 -3.26 -13.01
C PRO A 56 -35.22 -4.57 -13.69
N ASP A 57 -36.19 -5.37 -14.11
CA ASP A 57 -35.93 -6.68 -14.71
C ASP A 57 -35.99 -6.64 -16.24
N ASN A 58 -36.10 -5.44 -16.82
CA ASN A 58 -36.41 -5.28 -18.25
C ASN A 58 -35.50 -6.01 -19.24
N LYS A 59 -34.23 -6.17 -18.89
CA LYS A 59 -33.27 -6.92 -19.73
C LYS A 59 -33.62 -8.41 -19.77
N ILE A 60 -34.13 -8.93 -18.65
CA ILE A 60 -34.55 -10.33 -18.55
C ILE A 60 -35.86 -10.54 -19.29
N ALA A 61 -36.77 -9.56 -19.20
CA ALA A 61 -38.02 -9.61 -19.97
C ALA A 61 -37.74 -9.55 -21.47
N MET A 62 -36.65 -8.89 -21.84
CA MET A 62 -36.15 -8.89 -23.23
C MET A 62 -35.67 -10.27 -23.66
N LEU A 63 -34.88 -10.92 -22.81
CA LEU A 63 -34.39 -12.27 -23.10
C LEU A 63 -35.48 -13.33 -23.02
N ASP A 64 -36.56 -13.00 -22.31
CA ASP A 64 -37.72 -13.87 -22.20
C ASP A 64 -38.42 -14.04 -23.56
N ARG A 65 -38.40 -12.97 -24.37
CA ARG A 65 -38.94 -12.99 -25.73
C ARG A 65 -38.23 -13.98 -26.65
N ILE A 66 -37.01 -14.35 -26.29
CA ILE A 66 -36.18 -15.24 -27.11
C ILE A 66 -35.59 -16.38 -26.25
N LYS A 67 -36.34 -16.78 -25.22
CA LYS A 67 -35.91 -17.75 -24.20
C LYS A 67 -35.38 -19.08 -24.74
N ASP A 68 -36.05 -19.62 -25.76
CA ASP A 68 -35.69 -20.93 -26.30
C ASP A 68 -34.44 -20.94 -27.20
N GLU A 69 -33.93 -19.76 -27.52
CA GLU A 69 -32.71 -19.61 -28.34
C GLU A 69 -31.48 -19.26 -27.49
N VAL A 70 -31.69 -19.06 -26.20
CA VAL A 70 -30.68 -18.49 -25.31
C VAL A 70 -30.11 -19.52 -24.33
N GLU A 71 -28.80 -19.43 -24.09
CA GLU A 71 -28.15 -20.09 -22.97
C GLU A 71 -27.48 -19.04 -22.09
N ILE A 72 -27.42 -19.30 -20.78
CA ILE A 72 -26.70 -18.43 -19.87
C ILE A 72 -25.39 -19.08 -19.47
N LEU A 73 -24.30 -18.34 -19.62
CA LEU A 73 -22.98 -18.75 -19.16
C LEU A 73 -22.50 -17.75 -18.11
N VAL A 74 -22.00 -18.27 -16.99
CA VAL A 74 -21.60 -17.43 -15.87
C VAL A 74 -20.09 -17.49 -15.63
N CYS A 75 -19.44 -16.33 -15.62
CA CYS A 75 -18.02 -16.26 -15.38
C CYS A 75 -17.71 -15.87 -13.93
N ILE A 76 -16.60 -16.37 -13.43
CA ILE A 76 -16.05 -15.91 -12.15
C ILE A 76 -14.52 -16.00 -12.17
N ASN A 77 -13.88 -14.89 -11.80
CA ASN A 77 -12.45 -14.85 -11.61
C ASN A 77 -12.10 -15.67 -10.37
N ALA A 78 -11.12 -16.55 -10.53
CA ALA A 78 -10.66 -17.42 -9.44
C ALA A 78 -9.93 -16.62 -8.36
N LYS A 79 -9.26 -15.55 -8.77
CA LYS A 79 -8.54 -14.67 -7.85
C LYS A 79 -9.49 -13.84 -6.99
N ASP A 80 -10.72 -13.66 -7.46
CA ASP A 80 -11.78 -13.01 -6.69
C ASP A 80 -12.26 -13.88 -5.52
N LEU A 81 -12.18 -15.20 -5.69
CA LEU A 81 -12.54 -16.13 -4.61
C LEU A 81 -11.55 -16.07 -3.46
N GLU A 82 -10.25 -16.14 -3.78
CA GLU A 82 -9.21 -16.14 -2.76
C GLU A 82 -8.86 -14.74 -2.24
N ARG A 83 -9.70 -13.77 -2.56
CA ARG A 83 -9.70 -12.47 -1.90
C ARG A 83 -11.03 -12.29 -1.16
N HIS A 84 -11.91 -13.29 -1.30
CA HIS A 84 -13.31 -13.28 -0.80
C HIS A 84 -14.05 -11.98 -1.16
N LYS A 85 -13.93 -11.60 -2.43
CA LYS A 85 -14.52 -10.38 -2.98
C LYS A 85 -16.04 -10.44 -2.88
N ILE A 86 -16.64 -9.37 -2.38
CA ILE A 86 -18.08 -9.34 -2.15
C ILE A 86 -18.80 -8.35 -3.07
N ARG A 87 -20.04 -8.68 -3.43
CA ARG A 87 -20.87 -7.75 -4.17
C ARG A 87 -21.57 -6.84 -3.18
N ALA A 88 -21.05 -5.61 -3.05
CA ALA A 88 -21.52 -4.62 -2.06
C ALA A 88 -23.03 -4.34 -2.11
N ASP A 89 -23.65 -4.57 -3.27
CA ASP A 89 -25.09 -4.43 -3.48
C ASP A 89 -25.91 -5.39 -2.62
N LEU A 90 -25.60 -6.67 -2.68
CA LEU A 90 -26.41 -7.70 -2.03
C LEU A 90 -25.86 -8.16 -0.68
N GLY A 91 -24.59 -7.84 -0.41
CA GLY A 91 -23.93 -8.27 0.81
C GLY A 91 -23.59 -9.76 0.81
N ILE A 92 -23.35 -10.32 -0.37
CA ILE A 92 -22.87 -11.70 -0.50
C ILE A 92 -21.56 -11.72 -1.28
N SER A 93 -20.79 -12.80 -1.11
CA SER A 93 -19.57 -12.99 -1.88
C SER A 93 -19.86 -13.23 -3.37
N TYR A 94 -18.87 -12.95 -4.21
CA TYR A 94 -18.91 -13.27 -5.64
C TYR A 94 -19.21 -14.74 -5.89
N GLU A 95 -18.68 -15.59 -5.01
CA GLU A 95 -18.90 -17.03 -5.01
C GLU A 95 -20.39 -17.39 -4.83
N GLU A 96 -21.04 -16.71 -3.89
CA GLU A 96 -22.46 -16.96 -3.61
C GLU A 96 -23.37 -16.34 -4.66
N ASP A 97 -22.87 -15.29 -5.33
CA ASP A 97 -23.62 -14.64 -6.40
C ASP A 97 -23.71 -15.48 -7.66
N VAL A 98 -22.72 -16.34 -7.88
CA VAL A 98 -22.75 -17.27 -9.02
C VAL A 98 -23.88 -18.28 -8.84
N LEU A 99 -23.94 -18.86 -7.64
CA LEU A 99 -25.02 -19.78 -7.27
C LEU A 99 -26.39 -19.11 -7.30
N ARG A 100 -26.44 -17.83 -6.94
CA ARG A 100 -27.66 -17.01 -7.01
C ARG A 100 -28.11 -16.78 -8.45
N LEU A 101 -27.15 -16.41 -9.31
CA LEU A 101 -27.42 -16.12 -10.72
C LEU A 101 -27.93 -17.34 -11.48
N VAL A 102 -27.43 -18.52 -11.12
CA VAL A 102 -27.91 -19.77 -11.69
C VAL A 102 -29.35 -20.03 -11.25
N ASP A 103 -29.59 -19.91 -9.94
CA ASP A 103 -30.90 -20.18 -9.34
C ASP A 103 -32.03 -19.31 -9.88
N VAL A 104 -31.80 -18.00 -9.91
CA VAL A 104 -32.84 -17.06 -10.31
C VAL A 104 -33.14 -17.12 -11.83
N PHE A 105 -32.12 -17.44 -12.63
CA PHE A 105 -32.28 -17.64 -14.06
C PHE A 105 -33.00 -18.94 -14.39
N ARG A 106 -32.71 -19.99 -13.63
CA ARG A 106 -33.37 -21.28 -13.82
C ARG A 106 -34.85 -21.23 -13.41
N ASP A 107 -35.16 -20.44 -12.38
CA ASP A 107 -36.54 -20.18 -11.95
C ASP A 107 -37.41 -19.54 -13.03
N ARG A 108 -36.79 -18.69 -13.85
CA ARG A 108 -37.50 -18.03 -14.96
CA ARG A 108 -37.50 -18.03 -14.96
C ARG A 108 -37.49 -18.87 -16.25
N GLY A 109 -37.03 -20.11 -16.14
CA GLY A 109 -37.06 -21.06 -17.26
C GLY A 109 -35.97 -20.92 -18.30
N PHE A 110 -34.87 -20.28 -17.94
CA PHE A 110 -33.73 -20.17 -18.85
C PHE A 110 -32.82 -21.38 -18.67
N LEU A 111 -32.16 -21.78 -19.76
CA LEU A 111 -31.19 -22.87 -19.70
C LEU A 111 -29.84 -22.36 -19.22
N VAL A 112 -29.42 -22.81 -18.04
CA VAL A 112 -28.12 -22.45 -17.46
C VAL A 112 -27.40 -23.71 -17.03
N GLU A 113 -26.26 -24.00 -17.66
CA GLU A 113 -25.50 -25.19 -17.29
C GLU A 113 -23.97 -25.02 -17.28
N HIS A 114 -23.49 -23.82 -17.63
CA HIS A 114 -22.04 -23.59 -17.67
C HIS A 114 -21.54 -22.52 -16.72
N VAL A 115 -20.53 -22.86 -15.94
CA VAL A 115 -19.76 -21.87 -15.18
C VAL A 115 -18.30 -21.90 -15.59
N VAL A 116 -17.80 -20.77 -16.09
CA VAL A 116 -16.40 -20.65 -16.46
C VAL A 116 -15.63 -19.95 -15.33
N LEU A 117 -14.66 -20.68 -14.77
CA LEU A 117 -13.77 -20.14 -13.74
C LEU A 117 -12.52 -19.62 -14.43
N THR A 118 -12.35 -18.31 -14.45
CA THR A 118 -11.25 -17.68 -15.19
C THR A 118 -10.06 -17.39 -14.29
N GLN A 119 -8.89 -17.20 -14.91
CA GLN A 119 -7.62 -16.86 -14.25
C GLN A 119 -7.20 -17.91 -13.21
N LEU A 120 -7.43 -19.18 -13.53
CA LEU A 120 -7.23 -20.27 -12.56
C LEU A 120 -5.78 -20.74 -12.49
N GLU A 121 -5.20 -20.61 -11.31
CA GLU A 121 -3.91 -21.22 -10.99
C GLU A 121 -4.14 -22.38 -10.02
N ASN A 122 -3.46 -23.50 -10.26
CA ASN A 122 -3.74 -24.77 -9.56
C ASN A 122 -3.30 -24.87 -8.09
N ASP A 123 -2.78 -23.76 -7.54
CA ASP A 123 -2.49 -23.67 -6.12
C ASP A 123 -3.63 -22.97 -5.35
N ASN A 124 -4.70 -22.64 -6.07
CA ASN A 124 -5.87 -22.01 -5.48
C ASN A 124 -6.84 -23.06 -4.91
N ARG A 125 -6.59 -23.46 -3.67
CA ARG A 125 -7.38 -24.51 -3.02
C ARG A 125 -8.83 -24.12 -2.72
N LEU A 126 -9.10 -22.82 -2.62
CA LEU A 126 -10.45 -22.32 -2.40
C LEU A 126 -11.28 -22.34 -3.68
N ALA A 127 -10.60 -22.23 -4.82
CA ALA A 127 -11.28 -22.21 -6.12
C ALA A 127 -11.65 -23.61 -6.58
N LEU A 128 -10.79 -24.58 -6.28
CA LEU A 128 -11.06 -25.96 -6.66
C LEU A 128 -12.08 -26.63 -5.71
N ALA A 129 -12.22 -26.09 -4.51
CA ALA A 129 -13.25 -26.50 -3.57
C ALA A 129 -14.63 -26.04 -4.05
N PHE A 130 -14.65 -24.86 -4.67
CA PHE A 130 -15.84 -24.30 -5.31
C PHE A 130 -16.25 -25.10 -6.56
N ILE A 131 -15.25 -25.69 -7.23
CA ILE A 131 -15.49 -26.47 -8.45
C ILE A 131 -16.29 -27.74 -8.14
N GLU A 132 -15.89 -28.49 -7.12
CA GLU A 132 -16.63 -29.68 -6.70
C GLU A 132 -17.97 -29.33 -6.05
N ARG A 133 -18.04 -28.13 -5.47
CA ARG A 133 -19.29 -27.60 -4.92
CA ARG A 133 -19.28 -27.58 -4.92
C ARG A 133 -20.29 -27.32 -6.05
N LEU A 134 -19.76 -26.88 -7.19
CA LEU A 134 -20.58 -26.63 -8.38
C LEU A 134 -20.99 -27.94 -9.08
N GLN A 135 -20.06 -28.90 -9.12
CA GLN A 135 -20.26 -30.15 -9.85
C GLN A 135 -21.34 -31.05 -9.25
N ARG A 136 -21.49 -30.99 -7.92
CA ARG A 136 -22.50 -31.77 -7.21
C ARG A 136 -23.93 -31.27 -7.45
N LEU A 137 -24.06 -30.01 -7.86
CA LEU A 137 -25.36 -29.44 -8.24
C LEU A 137 -25.68 -29.63 -9.73
N GLY A 138 -24.86 -30.42 -10.42
CA GLY A 138 -25.06 -30.70 -11.85
C GLY A 138 -24.73 -29.53 -12.76
N ILE A 139 -23.65 -28.83 -12.45
CA ILE A 139 -23.19 -27.68 -13.24
C ILE A 139 -21.87 -28.03 -13.92
N LYS A 140 -21.77 -27.77 -15.22
CA LYS A 140 -20.54 -28.02 -15.97
C LYS A 140 -19.53 -26.89 -15.75
N VAL A 141 -18.34 -27.25 -15.31
CA VAL A 141 -17.29 -26.28 -14.99
C VAL A 141 -16.12 -26.36 -15.98
N SER A 142 -15.88 -25.26 -16.70
CA SER A 142 -14.76 -25.15 -17.61
C SER A 142 -13.71 -24.24 -16.98
N ARG A 143 -12.45 -24.69 -17.03
CA ARG A 143 -11.34 -23.95 -16.44
C ARG A 143 -10.63 -23.07 -17.47
N HIS A 144 -10.47 -21.80 -17.13
CA HIS A 144 -9.75 -20.83 -17.97
C HIS A 144 -8.55 -20.25 -17.24
N ARG A 145 -7.45 -20.05 -17.97
CA ARG A 145 -6.15 -19.76 -17.37
C ARG A 145 -5.65 -18.35 -17.61
N VAL A 146 -4.54 -18.00 -16.97
CA VAL A 146 -3.83 -16.73 -17.20
C VAL A 146 -3.06 -16.85 -18.52
N ILE A 147 -3.33 -15.93 -19.45
CA ILE A 147 -2.61 -15.93 -20.72
C ILE A 147 -1.48 -14.92 -20.72
N PRO A 148 -0.22 -15.41 -20.84
CA PRO A 148 0.91 -14.49 -20.92
C PRO A 148 0.95 -13.80 -22.29
N GLY A 149 1.13 -12.48 -22.27
CA GLY A 149 1.09 -11.70 -23.50
C GLY A 149 -0.29 -11.21 -23.86
N TYR A 150 -1.27 -11.44 -23.00
CA TYR A 150 -2.59 -10.84 -23.15
C TYR A 150 -2.50 -9.41 -22.61
N PRO A 151 -3.07 -8.42 -23.34
CA PRO A 151 -3.75 -8.51 -24.63
C PRO A 151 -2.92 -8.11 -25.87
N THR A 152 -1.61 -7.99 -25.71
CA THR A 152 -0.75 -7.43 -26.76
C THR A 152 -0.16 -8.46 -27.74
N ASP A 153 0.25 -9.61 -27.23
CA ASP A 153 0.95 -10.63 -28.03
C ASP A 153 -0.03 -11.53 -28.80
N MET A 154 -0.44 -11.05 -29.97
CA MET A 154 -1.46 -11.69 -30.79
C MET A 154 -1.13 -13.11 -31.24
N ASP A 155 0.14 -13.37 -31.53
CA ASP A 155 0.61 -14.70 -31.90
C ASP A 155 0.48 -15.70 -30.76
N ARG A 156 0.82 -15.24 -29.54
CA ARG A 156 0.69 -16.07 -28.34
C ARG A 156 -0.76 -16.35 -28.00
N ILE A 157 -1.60 -15.32 -28.05
CA ILE A 157 -3.02 -15.42 -27.69
C ILE A 157 -3.80 -16.36 -28.63
N VAL A 158 -3.65 -16.16 -29.94
CA VAL A 158 -4.32 -17.01 -30.92
C VAL A 158 -3.41 -18.18 -31.30
N SER A 159 -3.21 -19.07 -30.33
CA SER A 159 -2.41 -20.28 -30.49
C SER A 159 -2.70 -21.23 -29.33
N ASP A 160 -1.98 -22.35 -29.33
CA ASP A 160 -2.11 -23.39 -28.31
C ASP A 160 -1.61 -22.91 -26.95
N GLU A 161 -0.64 -21.99 -26.95
CA GLU A 161 -0.11 -21.40 -25.72
C GLU A 161 -0.96 -20.23 -25.22
N GLY A 162 -2.03 -19.91 -25.96
CA GLY A 162 -2.95 -18.84 -25.57
C GLY A 162 -4.32 -19.36 -25.20
N PHE A 163 -5.29 -19.12 -26.09
CA PHE A 163 -6.65 -19.61 -25.89
C PHE A 163 -6.76 -21.13 -25.86
N GLY A 164 -5.79 -21.80 -26.48
CA GLY A 164 -5.72 -23.26 -26.49
C GLY A 164 -5.45 -23.91 -25.14
N LEU A 165 -4.99 -23.10 -24.18
CA LEU A 165 -4.83 -23.53 -22.79
C LEU A 165 -6.17 -23.72 -22.12
N ASN A 166 -7.16 -22.95 -22.57
CA ASN A 166 -8.47 -22.92 -21.95
C ASN A 166 -9.35 -24.11 -22.32
N GLU A 167 -10.13 -24.55 -21.33
CA GLU A 167 -11.18 -25.54 -21.58
C GLU A 167 -12.36 -24.90 -22.32
N TYR A 168 -13.20 -25.73 -22.91
CA TYR A 168 -14.30 -25.26 -23.75
C TYR A 168 -15.66 -25.57 -23.12
N ALA A 169 -16.48 -24.54 -23.00
CA ALA A 169 -17.87 -24.71 -22.57
C ALA A 169 -18.68 -25.25 -23.74
N GLU A 170 -19.22 -26.46 -23.56
CA GLU A 170 -19.92 -27.17 -24.61
C GLU A 170 -21.36 -26.65 -24.78
N THR A 171 -21.49 -25.47 -25.39
CA THR A 171 -22.75 -24.74 -25.45
C THR A 171 -23.73 -25.31 -26.46
N THR A 172 -25.01 -25.39 -26.07
CA THR A 172 -26.04 -26.03 -26.88
C THR A 172 -26.76 -25.05 -27.81
N ARG A 173 -27.13 -23.88 -27.29
CA ARG A 173 -27.87 -22.89 -28.08
C ARG A 173 -26.97 -21.87 -28.79
N ASP A 174 -27.53 -21.22 -29.81
CA ASP A 174 -26.76 -20.38 -30.74
C ASP A 174 -26.56 -18.96 -30.25
N LEU A 175 -27.20 -18.63 -29.13
CA LEU A 175 -27.04 -17.33 -28.53
C LEU A 175 -26.64 -17.53 -27.08
N VAL A 176 -25.38 -17.26 -26.78
CA VAL A 176 -24.87 -17.49 -25.43
C VAL A 176 -24.69 -16.17 -24.71
N VAL A 177 -25.46 -15.99 -23.66
CA VAL A 177 -25.48 -14.78 -22.86
C VAL A 177 -24.42 -14.93 -21.76
N VAL A 178 -23.39 -14.10 -21.83
CA VAL A 178 -22.24 -14.23 -20.93
C VAL A 178 -22.28 -13.16 -19.85
N THR A 179 -22.45 -13.62 -18.61
CA THR A 179 -22.58 -12.74 -17.46
C THR A 179 -21.67 -13.16 -16.31
N ALA A 180 -21.75 -12.42 -15.21
CA ALA A 180 -20.81 -12.55 -14.08
C ALA A 180 -21.36 -11.78 -12.88
N PRO A 181 -20.77 -11.98 -11.67
CA PRO A 181 -21.16 -11.13 -10.55
C PRO A 181 -20.75 -9.67 -10.67
N GLY A 182 -19.81 -9.37 -11.56
CA GLY A 182 -19.37 -8.00 -11.80
C GLY A 182 -18.12 -7.95 -12.64
N PRO A 183 -17.56 -6.75 -12.85
CA PRO A 183 -16.35 -6.55 -13.66
C PRO A 183 -15.11 -7.25 -13.11
N GLY A 184 -14.17 -7.55 -14.01
CA GLY A 184 -12.93 -8.24 -13.67
C GLY A 184 -13.07 -9.75 -13.65
N SER A 185 -14.22 -10.23 -14.12
CA SER A 185 -14.54 -11.66 -14.07
C SER A 185 -14.10 -12.41 -15.31
N GLY A 186 -13.64 -11.65 -16.31
CA GLY A 186 -13.15 -12.26 -17.53
C GLY A 186 -14.22 -12.65 -18.52
N LYS A 187 -15.32 -11.90 -18.58
CA LYS A 187 -16.41 -12.17 -19.54
CA LYS A 187 -16.41 -12.17 -19.54
C LYS A 187 -15.90 -12.09 -20.98
N LEU A 188 -15.20 -11.00 -21.29
CA LEU A 188 -14.69 -10.76 -22.64
C LEU A 188 -13.70 -11.83 -23.08
N ALA A 189 -12.76 -12.15 -22.21
CA ALA A 189 -11.76 -13.18 -22.49
C ALA A 189 -12.43 -14.53 -22.69
N THR A 190 -13.48 -14.82 -21.91
CA THR A 190 -14.28 -16.05 -22.06
C THR A 190 -14.98 -16.08 -23.42
N CYS A 191 -15.57 -14.97 -23.81
CA CYS A 191 -16.22 -14.84 -25.11
C CYS A 191 -15.23 -15.09 -26.25
N LEU A 192 -14.05 -14.50 -26.15
CA LEU A 192 -13.03 -14.61 -27.20
C LEU A 192 -12.38 -15.99 -27.25
N SER A 193 -12.22 -16.62 -26.09
CA SER A 193 -11.73 -18.00 -25.99
C SER A 193 -12.72 -18.98 -26.63
N GLN A 194 -14.01 -18.73 -26.42
CA GLN A 194 -15.07 -19.55 -26.97
C GLN A 194 -15.10 -19.48 -28.50
N VAL A 195 -14.96 -18.27 -29.03
CA VAL A 195 -14.89 -18.02 -30.48
C VAL A 195 -13.71 -18.78 -31.13
N TYR A 196 -12.55 -18.76 -30.46
CA TYR A 196 -11.36 -19.50 -30.89
C TYR A 196 -11.64 -20.99 -31.00
N HIS A 197 -12.15 -21.57 -29.92
CA HIS A 197 -12.43 -22.99 -29.86
C HIS A 197 -13.53 -23.43 -30.83
N GLU A 198 -14.47 -22.53 -31.11
CA GLU A 198 -15.55 -22.84 -32.06
C GLU A 198 -15.14 -22.72 -33.51
N HIS A 199 -14.27 -21.76 -33.82
CA HIS A 199 -13.67 -21.65 -35.15
C HIS A 199 -12.84 -22.89 -35.51
N LYS A 200 -12.18 -23.47 -34.50
CA LYS A 200 -11.38 -24.70 -34.67
C LYS A 200 -12.24 -25.90 -35.03
N ARG A 201 -13.48 -25.90 -34.54
CA ARG A 201 -14.44 -26.97 -34.80
C ARG A 201 -15.32 -26.70 -36.03
N GLY A 202 -14.92 -25.70 -36.84
CA GLY A 202 -15.62 -25.41 -38.10
C GLY A 202 -16.87 -24.56 -37.99
N VAL A 203 -17.28 -24.25 -36.76
CA VAL A 203 -18.48 -23.43 -36.49
C VAL A 203 -18.14 -21.95 -36.56
N ALA A 204 -18.95 -21.19 -37.30
CA ALA A 204 -18.81 -19.74 -37.39
C ALA A 204 -19.37 -19.08 -36.13
N ALA A 205 -18.50 -18.40 -35.40
CA ALA A 205 -18.89 -17.75 -34.15
C ALA A 205 -18.44 -16.30 -34.09
N GLY A 206 -19.17 -15.48 -33.34
CA GLY A 206 -18.86 -14.05 -33.25
C GLY A 206 -19.08 -13.48 -31.85
N TYR A 207 -18.50 -12.29 -31.62
CA TYR A 207 -18.64 -11.57 -30.35
C TYR A 207 -19.40 -10.28 -30.55
N ALA A 208 -20.21 -9.91 -29.55
CA ALA A 208 -20.80 -8.59 -29.46
C ALA A 208 -20.99 -8.23 -27.98
N LYS A 209 -21.21 -6.95 -27.69
CA LYS A 209 -21.44 -6.48 -26.32
C LYS A 209 -22.84 -5.87 -26.14
N PHE A 210 -23.40 -6.06 -24.94
CA PHE A 210 -24.67 -5.48 -24.56
C PHE A 210 -24.54 -4.67 -23.27
N GLU A 211 -24.82 -3.38 -23.37
CA GLU A 211 -24.84 -2.45 -22.24
C GLU A 211 -25.90 -1.40 -22.46
N THR A 212 -26.62 -1.06 -21.40
CA THR A 212 -27.67 -0.07 -21.48
C THR A 212 -27.07 1.32 -21.46
N PHE A 213 -26.05 1.52 -20.64
CA PHE A 213 -25.45 2.83 -20.47
C PHE A 213 -23.95 2.84 -20.75
N PRO A 214 -23.43 3.95 -21.33
CA PRO A 214 -24.14 5.11 -21.87
C PRO A 214 -24.89 4.76 -23.16
N ILE A 215 -25.85 5.60 -23.54
CA ILE A 215 -26.64 5.34 -24.74
C ILE A 215 -25.93 5.97 -25.92
N TRP A 216 -25.47 5.12 -26.84
CA TRP A 216 -24.62 5.54 -27.96
C TRP A 216 -25.28 6.59 -28.86
N ASN A 217 -26.58 6.47 -29.10
CA ASN A 217 -27.31 7.39 -29.99
C ASN A 217 -28.07 8.52 -29.27
N LEU A 218 -27.72 8.75 -27.99
CA LEU A 218 -28.13 9.96 -27.30
C LEU A 218 -26.91 10.86 -27.15
N PRO A 219 -27.10 12.19 -27.25
CA PRO A 219 -25.95 13.09 -27.11
C PRO A 219 -25.22 12.97 -25.76
N LEU A 220 -23.92 13.29 -25.76
CA LEU A 220 -23.09 13.25 -24.56
C LEU A 220 -23.63 14.21 -23.48
N GLU A 221 -24.32 15.25 -23.92
CA GLU A 221 -24.88 16.27 -23.04
C GLU A 221 -26.35 16.03 -22.69
N HIS A 222 -26.86 14.85 -23.02
CA HIS A 222 -28.19 14.41 -22.60
C HIS A 222 -28.16 13.96 -21.15
N PRO A 223 -29.13 14.42 -20.32
CA PRO A 223 -29.23 14.05 -18.90
C PRO A 223 -29.16 12.55 -18.60
N VAL A 224 -29.72 11.72 -19.49
CA VAL A 224 -29.67 10.27 -19.31
C VAL A 224 -28.23 9.76 -19.32
N ASN A 225 -27.46 10.20 -20.30
CA ASN A 225 -26.02 9.93 -20.35
C ASN A 225 -25.24 10.61 -19.22
N LEU A 226 -25.65 11.82 -18.84
CA LEU A 226 -25.04 12.50 -17.68
C LEU A 226 -25.31 11.78 -16.35
N ALA A 227 -26.49 11.19 -16.21
CA ALA A 227 -26.88 10.46 -14.99
C ALA A 227 -26.02 9.23 -14.79
N TYR A 228 -25.73 8.53 -15.89
CA TYR A 228 -24.77 7.44 -15.88
C TYR A 228 -23.41 7.89 -15.34
N GLU A 229 -22.92 9.04 -15.82
CA GLU A 229 -21.64 9.59 -15.35
C GLU A 229 -21.68 9.88 -13.86
N ALA A 230 -22.80 10.41 -13.39
CA ALA A 230 -23.01 10.62 -11.96
C ALA A 230 -23.01 9.32 -11.15
N ALA A 231 -23.47 8.23 -11.77
CA ALA A 231 -23.45 6.90 -11.13
C ALA A 231 -22.06 6.23 -11.09
N THR A 232 -21.06 6.82 -11.74
CA THR A 232 -19.72 6.20 -11.79
C THR A 232 -18.69 6.82 -10.85
N VAL A 233 -17.68 6.03 -10.51
CA VAL A 233 -16.68 6.41 -9.50
C VAL A 233 -15.28 6.47 -10.11
N ASP A 234 -15.21 6.32 -11.43
CA ASP A 234 -13.94 6.15 -12.12
C ASP A 234 -13.87 6.96 -13.42
N LEU A 235 -12.67 7.44 -13.74
CA LEU A 235 -12.43 8.13 -15.02
C LEU A 235 -12.60 7.18 -16.20
N ASN A 236 -12.25 5.91 -15.99
CA ASN A 236 -12.45 4.82 -16.96
C ASN A 236 -13.87 4.66 -17.50
N ASP A 237 -14.85 5.11 -16.72
CA ASP A 237 -16.25 4.94 -17.09
C ASP A 237 -16.87 6.23 -17.64
N ALA A 238 -16.07 7.30 -17.67
CA ALA A 238 -16.54 8.61 -18.16
C ALA A 238 -16.81 8.60 -19.67
N ASN A 239 -17.91 9.24 -20.05
CA ASN A 239 -18.33 9.33 -21.44
C ASN A 239 -17.37 10.13 -22.33
N VAL A 240 -16.96 9.52 -23.44
CA VAL A 240 -16.17 10.20 -24.47
C VAL A 240 -16.87 10.01 -25.81
N ILE A 241 -16.65 10.93 -26.75
CA ILE A 241 -17.02 10.68 -28.15
C ILE A 241 -16.20 9.52 -28.74
N ASP A 242 -16.90 8.55 -29.33
CA ASP A 242 -16.29 7.42 -30.02
C ASP A 242 -15.57 7.94 -31.26
N HIS A 243 -14.26 8.16 -31.14
CA HIS A 243 -13.50 8.73 -32.25
C HIS A 243 -13.24 7.77 -33.41
N PHE A 244 -13.28 6.48 -33.13
CA PHE A 244 -13.14 5.47 -34.17
C PHE A 244 -14.34 5.52 -35.10
N HIS A 245 -15.52 5.66 -34.50
CA HIS A 245 -16.78 5.70 -35.22
C HIS A 245 -16.92 6.98 -36.02
N LEU A 246 -16.47 8.08 -35.41
CA LEU A 246 -16.48 9.37 -36.07
C LEU A 246 -15.51 9.39 -37.26
N ALA A 247 -14.31 8.82 -37.09
CA ALA A 247 -13.32 8.72 -38.18
C ALA A 247 -13.81 7.83 -39.31
N ALA A 248 -14.56 6.78 -38.97
CA ALA A 248 -14.97 5.78 -39.95
C ALA A 248 -16.23 6.18 -40.72
N TYR A 249 -17.19 6.80 -40.03
CA TYR A 249 -18.51 7.02 -40.64
C TYR A 249 -18.91 8.49 -40.70
N GLY A 250 -18.27 9.31 -39.89
CA GLY A 250 -18.60 10.73 -39.85
C GLY A 250 -19.78 11.04 -38.95
N GLU A 251 -20.23 10.05 -38.19
CA GLU A 251 -21.35 10.25 -37.25
C GLU A 251 -20.91 10.20 -35.79
N GLN A 252 -21.43 11.13 -35.01
CA GLN A 252 -21.07 11.32 -33.62
C GLN A 252 -21.86 10.39 -32.71
N THR A 253 -21.15 9.56 -31.95
CA THR A 253 -21.76 8.61 -31.01
C THR A 253 -21.00 8.58 -29.69
N VAL A 254 -21.69 8.13 -28.64
CA VAL A 254 -21.13 8.13 -27.30
C VAL A 254 -20.62 6.74 -26.91
N ASN A 255 -19.39 6.72 -26.41
CA ASN A 255 -18.85 5.55 -25.75
C ASN A 255 -18.13 6.06 -24.49
N TYR A 256 -17.17 5.31 -23.98
CA TYR A 256 -16.49 5.69 -22.75
C TYR A 256 -15.05 5.22 -22.75
N ASN A 257 -14.26 5.81 -21.86
CA ASN A 257 -12.82 5.61 -21.80
C ASN A 257 -12.33 4.16 -21.87
N ARG A 258 -12.83 3.29 -20.99
CA ARG A 258 -12.32 1.91 -20.89
C ARG A 258 -12.42 1.15 -22.21
N ASP A 259 -13.60 1.17 -22.82
CA ASP A 259 -13.79 0.46 -24.08
C ASP A 259 -13.07 1.14 -25.24
N VAL A 260 -13.00 2.46 -25.23
CA VAL A 260 -12.29 3.19 -26.31
C VAL A 260 -10.78 2.90 -26.30
N GLU A 261 -10.20 2.83 -25.09
CA GLU A 261 -8.77 2.53 -24.95
C GLU A 261 -8.47 1.07 -25.28
N ALA A 262 -9.38 0.17 -24.94
CA ALA A 262 -9.17 -1.27 -25.17
C ALA A 262 -9.54 -1.73 -26.58
N PHE A 263 -10.21 -0.86 -27.34
CA PHE A 263 -10.67 -1.21 -28.70
C PHE A 263 -9.61 -1.60 -29.74
N PRO A 264 -8.50 -0.82 -29.87
CA PRO A 264 -7.51 -1.17 -30.91
C PRO A 264 -6.95 -2.60 -30.83
N LEU A 265 -6.66 -3.07 -29.62
CA LEU A 265 -6.17 -4.44 -29.46
C LEU A 265 -7.29 -5.46 -29.61
N LEU A 266 -8.49 -5.08 -29.21
CA LEU A 266 -9.68 -5.92 -29.38
C LEU A 266 -9.99 -6.13 -30.88
N LYS A 267 -9.93 -5.06 -31.66
CA LYS A 267 -10.20 -5.13 -33.11
C LYS A 267 -9.22 -6.05 -33.83
N THR A 268 -7.93 -5.90 -33.52
CA THR A 268 -6.89 -6.75 -34.07
C THR A 268 -7.15 -8.20 -33.70
N LEU A 269 -7.57 -8.42 -32.46
CA LEU A 269 -7.90 -9.76 -31.96
C LEU A 269 -9.07 -10.40 -32.70
N LEU A 270 -10.09 -9.61 -33.00
CA LEU A 270 -11.21 -10.10 -33.78
C LEU A 270 -10.85 -10.45 -35.22
N GLU A 271 -9.91 -9.71 -35.80
CA GLU A 271 -9.42 -10.01 -37.16
C GLU A 271 -8.74 -11.37 -37.23
N ARG A 272 -7.80 -11.61 -36.31
CA ARG A 272 -7.11 -12.90 -36.22
C ARG A 272 -8.06 -14.06 -35.96
N LEU A 273 -9.12 -13.80 -35.20
CA LEU A 273 -10.09 -14.82 -34.83
C LEU A 273 -11.11 -15.12 -35.92
N MET A 274 -11.50 -14.10 -36.69
CA MET A 274 -12.66 -14.22 -37.56
C MET A 274 -12.35 -14.03 -39.05
N GLY A 275 -11.11 -13.63 -39.35
CA GLY A 275 -10.69 -13.40 -40.73
C GLY A 275 -10.55 -11.93 -41.02
N GLU A 276 -11.65 -11.20 -40.85
CA GLU A 276 -11.68 -9.75 -40.97
C GLU A 276 -12.59 -9.19 -39.89
N SER A 277 -12.40 -7.92 -39.54
CA SER A 277 -13.22 -7.29 -38.53
C SER A 277 -14.57 -6.87 -39.10
N PRO A 278 -15.66 -7.23 -38.40
CA PRO A 278 -16.99 -6.68 -38.69
C PRO A 278 -17.23 -5.29 -38.05
N TYR A 279 -16.31 -4.85 -37.19
CA TYR A 279 -16.49 -3.64 -36.40
C TYR A 279 -15.37 -2.62 -36.60
N GLN A 280 -15.73 -1.41 -36.99
CA GLN A 280 -14.77 -0.32 -37.11
C GLN A 280 -14.74 0.56 -35.85
N SER A 281 -15.59 0.23 -34.88
CA SER A 281 -15.79 1.07 -33.69
C SER A 281 -16.37 0.27 -32.51
N PRO A 282 -16.12 0.71 -31.27
CA PRO A 282 -16.83 0.11 -30.12
C PRO A 282 -18.35 0.31 -30.19
N THR A 283 -18.80 1.35 -30.90
CA THR A 283 -20.22 1.55 -31.19
C THR A 283 -20.78 0.42 -32.06
N ASP A 284 -20.05 0.03 -33.11
CA ASP A 284 -20.43 -1.10 -33.98
C ASP A 284 -20.57 -2.39 -33.18
N MET A 285 -19.63 -2.57 -32.25
CA MET A 285 -19.51 -3.74 -31.38
C MET A 285 -20.73 -3.93 -30.48
N GLY A 286 -21.39 -2.83 -30.12
CA GLY A 286 -22.53 -2.87 -29.22
C GLY A 286 -23.83 -3.17 -29.93
N VAL A 287 -24.89 -3.29 -29.14
CA VAL A 287 -26.14 -3.84 -29.65
C VAL A 287 -27.37 -3.14 -29.02
N ASN A 288 -27.08 -2.18 -28.12
CA ASN A 288 -28.08 -1.43 -27.37
C ASN A 288 -29.07 -0.62 -28.21
N MET A 289 -30.36 -0.78 -27.93
CA MET A 289 -31.42 -0.14 -28.70
C MET A 289 -32.30 0.78 -27.84
N ALA A 290 -31.94 0.91 -26.55
CA ALA A 290 -32.72 1.66 -25.57
C ALA A 290 -33.03 3.10 -25.96
N GLY A 291 -32.08 3.75 -26.63
CA GLY A 291 -32.25 5.13 -27.07
C GLY A 291 -33.12 5.32 -28.29
N ASN A 292 -33.73 4.24 -28.76
CA ASN A 292 -34.75 4.34 -29.80
C ASN A 292 -36.13 4.13 -29.18
N CYS A 293 -36.15 3.87 -27.87
CA CYS A 293 -37.39 3.52 -27.19
C CYS A 293 -37.87 4.58 -26.21
N ILE A 294 -37.33 5.78 -26.34
CA ILE A 294 -37.77 6.92 -25.53
C ILE A 294 -39.04 7.49 -26.14
N SER A 295 -40.14 7.40 -25.39
CA SER A 295 -41.46 7.81 -25.87
C SER A 295 -41.79 9.23 -25.42
N ASP A 296 -41.10 9.68 -24.37
CA ASP A 296 -41.19 11.06 -23.90
C ASP A 296 -39.83 11.56 -23.41
N ASP A 297 -39.20 12.41 -24.22
CA ASP A 297 -37.86 12.93 -23.92
C ASP A 297 -37.83 13.74 -22.63
N ALA A 298 -38.88 14.52 -22.38
CA ALA A 298 -38.95 15.39 -21.22
C ALA A 298 -38.98 14.63 -19.90
N ALA A 299 -39.83 13.60 -19.81
CA ALA A 299 -39.93 12.77 -18.61
C ALA A 299 -38.59 12.13 -18.22
N CYS A 300 -37.86 11.63 -19.22
CA CYS A 300 -36.55 11.01 -19.04
C CYS A 300 -35.51 12.02 -18.59
N ARG A 301 -35.52 13.20 -19.20
CA ARG A 301 -34.64 14.29 -18.84
C ARG A 301 -34.84 14.70 -17.38
N HIS A 302 -36.09 14.91 -16.99
CA HIS A 302 -36.42 15.27 -15.61
C HIS A 302 -36.00 14.19 -14.62
N ALA A 303 -36.37 12.94 -14.92
CA ALA A 303 -36.03 11.79 -14.09
C ALA A 303 -34.53 11.66 -13.85
N SER A 304 -33.75 11.76 -14.93
CA SER A 304 -32.31 11.61 -14.83
C SER A 304 -31.59 12.83 -14.25
N GLU A 305 -32.17 14.02 -14.40
CA GLU A 305 -31.66 15.23 -13.73
C GLU A 305 -31.76 15.09 -12.22
N GLN A 306 -32.92 14.61 -11.76
CA GLN A 306 -33.15 14.30 -10.36
C GLN A 306 -32.18 13.24 -9.84
N GLU A 307 -31.91 12.23 -10.66
CA GLU A 307 -30.93 11.19 -10.33
C GLU A 307 -29.52 11.75 -10.12
N ILE A 308 -29.10 12.68 -10.99
CA ILE A 308 -27.78 13.35 -10.87
C ILE A 308 -27.63 14.02 -9.49
N ILE A 309 -28.69 14.69 -9.04
CA ILE A 309 -28.69 15.34 -7.72
C ILE A 309 -28.61 14.30 -6.61
N ARG A 310 -29.39 13.23 -6.70
CA ARG A 310 -29.33 12.14 -5.74
C ARG A 310 -27.91 11.57 -5.59
N ARG A 311 -27.25 11.33 -6.72
CA ARG A 311 -25.88 10.80 -6.71
C ARG A 311 -24.91 11.76 -6.03
N TYR A 312 -25.10 13.04 -6.28
CA TYR A 312 -24.29 14.09 -5.68
C TYR A 312 -24.37 14.05 -4.15
N PHE A 313 -25.58 13.86 -3.60
CA PHE A 313 -25.74 13.77 -2.16
C PHE A 313 -25.27 12.43 -1.56
N LYS A 314 -25.36 11.36 -2.34
CA LYS A 314 -24.86 10.07 -1.89
C LYS A 314 -23.33 10.08 -1.74
N ALA A 315 -22.64 10.71 -2.69
CA ALA A 315 -21.19 10.85 -2.61
C ALA A 315 -20.74 11.70 -1.42
N LEU A 316 -21.38 12.86 -1.24
CA LEU A 316 -21.11 13.73 -0.09
C LEU A 316 -21.24 13.02 1.25
N VAL A 317 -22.29 12.20 1.39
CA VAL A 317 -22.51 11.45 2.61
C VAL A 317 -21.45 10.36 2.75
N GLU A 318 -21.15 9.68 1.66
CA GLU A 318 -20.22 8.56 1.65
C GLU A 318 -18.81 8.98 2.07
N GLU A 319 -18.40 10.17 1.62
CA GLU A 319 -17.13 10.78 2.01
C GLU A 319 -17.09 11.18 3.49
N ALA A 320 -18.24 11.60 4.03
CA ALA A 320 -18.34 11.96 5.44
C ALA A 320 -18.27 10.76 6.40
N ARG A 321 -18.80 9.61 5.96
CA ARG A 321 -18.79 8.39 6.75
C ARG A 321 -17.39 7.77 6.79
N THR A 322 -16.65 7.88 5.70
CA THR A 322 -15.37 7.20 5.53
C THR A 322 -14.15 8.09 5.82
N GLY A 323 -14.34 9.40 5.75
CA GLY A 323 -13.26 10.36 5.94
C GLY A 323 -12.43 10.61 4.69
N LYS A 324 -12.88 10.05 3.56
CA LYS A 324 -12.26 10.28 2.25
C LYS A 324 -12.41 11.73 1.76
N ASP A 325 -11.57 12.11 0.79
CA ASP A 325 -11.62 13.45 0.21
C ASP A 325 -12.79 13.59 -0.79
N SER A 326 -12.93 14.78 -1.38
CA SER A 326 -14.12 15.13 -2.13
C SER A 326 -14.07 14.85 -3.62
N THR A 327 -13.13 13.99 -4.05
CA THR A 327 -12.99 13.61 -5.47
C THR A 327 -14.31 13.23 -6.15
N GLN A 328 -15.09 12.37 -5.50
CA GLN A 328 -16.32 11.82 -6.09
CA GLN A 328 -16.31 11.84 -6.11
C GLN A 328 -17.46 12.83 -6.11
N SER A 329 -17.61 13.60 -5.03
CA SER A 329 -18.68 14.58 -4.96
C SER A 329 -18.40 15.76 -5.89
N ASP A 330 -17.13 16.15 -5.98
CA ASP A 330 -16.69 17.12 -6.99
C ASP A 330 -16.99 16.65 -8.42
N ARG A 331 -16.69 15.39 -8.71
CA ARG A 331 -17.03 14.77 -10.00
C ARG A 331 -18.53 14.85 -10.34
N ALA A 332 -19.39 14.63 -9.34
CA ALA A 332 -20.84 14.76 -9.54
C ALA A 332 -21.28 16.21 -9.76
N ALA A 333 -20.61 17.16 -9.10
CA ALA A 333 -20.88 18.59 -9.30
C ALA A 333 -20.59 19.04 -10.72
N VAL A 334 -19.51 18.49 -11.31
CA VAL A 334 -19.14 18.72 -12.71
C VAL A 334 -20.30 18.30 -13.62
N VAL A 335 -20.84 17.12 -13.34
CA VAL A 335 -22.00 16.60 -14.06
C VAL A 335 -23.25 17.48 -13.83
N MET A 336 -23.44 17.99 -12.61
CA MET A 336 -24.50 18.96 -12.34
C MET A 336 -24.32 20.20 -13.24
N ALA A 337 -23.08 20.68 -13.33
CA ALA A 337 -22.75 21.82 -14.19
C ALA A 337 -23.00 21.55 -15.69
N LYS A 338 -22.71 20.34 -16.15
CA LYS A 338 -22.94 19.98 -17.56
C LYS A 338 -24.42 19.82 -17.87
N ALA A 339 -25.19 19.43 -16.87
CA ALA A 339 -26.64 19.33 -17.02
C ALA A 339 -27.33 20.69 -16.82
N GLY A 340 -26.59 21.64 -16.22
CA GLY A 340 -27.09 22.97 -15.94
C GLY A 340 -28.16 22.95 -14.86
N ILE A 341 -27.86 22.24 -13.78
CA ILE A 341 -28.81 22.08 -12.67
C ILE A 341 -28.11 22.37 -11.35
N LYS A 342 -28.89 22.79 -10.36
CA LYS A 342 -28.41 23.14 -9.03
C LYS A 342 -29.03 22.14 -8.04
N ALA A 343 -28.34 21.88 -6.93
CA ALA A 343 -28.83 21.00 -5.86
C ALA A 343 -30.24 21.34 -5.37
N SER A 344 -30.59 22.62 -5.42
CA SER A 344 -31.91 23.13 -5.02
C SER A 344 -33.06 22.64 -5.90
N GLN A 345 -32.74 22.11 -7.08
CA GLN A 345 -33.76 21.58 -7.99
C GLN A 345 -34.38 20.28 -7.47
N ARG A 346 -33.81 19.74 -6.40
CA ARG A 346 -34.42 18.64 -5.67
C ARG A 346 -35.34 19.27 -4.65
N VAL A 347 -36.64 19.20 -4.92
CA VAL A 347 -37.63 19.99 -4.17
C VAL A 347 -37.69 19.74 -2.66
N VAL A 348 -37.22 18.60 -2.20
CA VAL A 348 -37.27 18.27 -0.76
C VAL A 348 -36.10 18.83 0.06
N VAL A 349 -35.14 19.46 -0.61
CA VAL A 349 -33.92 19.92 0.05
C VAL A 349 -34.15 21.15 0.95
N GLU A 350 -34.65 22.24 0.37
CA GLU A 350 -34.86 23.49 1.15
C GLU A 350 -35.90 23.43 2.29
N PRO A 351 -37.07 22.77 2.07
CA PRO A 351 -38.00 22.58 3.19
C PRO A 351 -37.39 21.87 4.39
N ALA A 352 -36.63 20.81 4.13
CA ALA A 352 -35.96 20.07 5.20
C ALA A 352 -34.99 21.00 5.94
N ARG A 353 -34.25 21.79 5.18
CA ARG A 353 -33.27 22.73 5.74
C ARG A 353 -33.91 23.86 6.56
N GLN A 354 -35.07 24.34 6.13
CA GLN A 354 -35.83 25.36 6.86
C GLN A 354 -36.27 24.89 8.25
N VAL A 355 -36.67 23.60 8.35
CA VAL A 355 -37.01 22.98 9.63
C VAL A 355 -35.83 23.03 10.60
N GLU A 356 -34.62 22.77 10.11
CA GLU A 356 -33.41 22.86 10.94
C GLU A 356 -33.08 24.30 11.30
N GLU A 357 -33.13 25.18 10.31
CA GLU A 357 -32.79 26.60 10.48
C GLU A 357 -33.59 27.28 11.59
N ARG A 358 -34.86 26.90 11.73
CA ARG A 358 -35.69 27.55 12.74
C ARG A 358 -36.00 26.74 14.00
N THR A 359 -35.47 25.52 14.10
CA THR A 359 -35.64 24.72 15.33
C THR A 359 -34.32 24.44 16.03
N SER A 360 -33.21 24.56 15.28
CA SER A 360 -31.86 24.17 15.70
C SER A 360 -31.68 22.66 15.93
N LEU A 361 -32.60 21.88 15.37
CA LEU A 361 -32.61 20.42 15.52
C LEU A 361 -32.79 19.76 14.14
N PRO A 362 -32.36 18.49 13.96
CA PRO A 362 -32.46 17.85 12.64
C PRO A 362 -33.85 17.90 11.99
N GLY A 363 -33.87 18.16 10.68
CA GLY A 363 -35.11 18.24 9.90
C GLY A 363 -35.12 17.21 8.78
N CYS A 364 -36.23 17.20 8.04
CA CYS A 364 -36.60 16.07 7.20
C CYS A 364 -37.81 16.47 6.36
N ALA A 365 -37.82 16.09 5.07
CA ALA A 365 -38.98 16.34 4.19
C ALA A 365 -39.19 15.23 3.15
N ILE A 366 -40.45 15.03 2.75
CA ILE A 366 -40.82 14.05 1.73
C ILE A 366 -41.75 14.65 0.65
N GLU A 367 -41.58 14.21 -0.60
CA GLU A 367 -42.50 14.56 -1.67
C GLU A 367 -43.36 13.37 -2.04
N LEU A 368 -44.65 13.52 -1.82
CA LEU A 368 -45.61 12.45 -2.09
C LEU A 368 -45.88 12.36 -3.59
N VAL A 369 -46.42 11.24 -4.02
CA VAL A 369 -46.69 10.99 -5.45
C VAL A 369 -47.57 12.11 -6.01
N ASP A 370 -48.50 12.54 -5.16
CA ASP A 370 -49.33 13.73 -5.30
C ASP A 370 -48.59 15.02 -5.68
N GLY A 371 -47.37 15.18 -5.18
CA GLY A 371 -46.59 16.40 -5.37
C GLY A 371 -46.46 17.22 -4.10
N SER A 372 -47.21 16.85 -3.07
CA SER A 372 -47.21 17.53 -1.77
C SER A 372 -45.88 17.39 -1.05
N ILE A 373 -45.41 18.48 -0.45
CA ILE A 373 -44.22 18.46 0.39
C ILE A 373 -44.65 18.36 1.84
N ILE A 374 -44.19 17.32 2.54
CA ILE A 374 -44.48 17.16 3.95
C ILE A 374 -43.16 17.10 4.72
N THR A 375 -43.06 17.85 5.82
CA THR A 375 -41.85 17.84 6.62
C THR A 375 -42.04 17.17 7.99
N GLY A 376 -40.92 16.87 8.64
CA GLY A 376 -40.92 16.35 10.00
C GLY A 376 -39.90 17.07 10.85
N ALA A 377 -40.20 17.22 12.14
CA ALA A 377 -39.32 17.93 13.07
C ALA A 377 -38.95 17.05 14.27
N THR A 378 -37.86 17.39 14.93
CA THR A 378 -37.43 16.68 16.12
C THR A 378 -38.22 17.20 17.32
N SER A 379 -38.77 16.27 18.11
CA SER A 379 -39.45 16.59 19.35
C SER A 379 -38.96 15.69 20.49
N ASP A 380 -39.53 15.87 21.69
CA ASP A 380 -39.21 15.04 22.86
C ASP A 380 -39.53 13.58 22.63
N LEU A 381 -40.59 13.35 21.86
CA LEU A 381 -41.12 12.01 21.63
C LEU A 381 -40.55 11.35 20.38
N LEU A 382 -40.34 12.16 19.34
CA LEU A 382 -40.09 11.65 18.00
C LEU A 382 -38.85 12.26 17.38
N GLY A 383 -38.06 11.41 16.70
CA GLY A 383 -37.04 11.89 15.76
C GLY A 383 -37.73 12.45 14.53
N CYS A 384 -37.02 13.25 13.74
CA CYS A 384 -37.68 13.99 12.65
C CYS A 384 -38.18 13.12 11.51
N SER A 385 -37.52 11.99 11.25
CA SER A 385 -37.94 11.07 10.20
C SER A 385 -39.19 10.28 10.62
N SER A 386 -39.24 9.85 11.89
CA SER A 386 -40.43 9.25 12.50
C SER A 386 -41.62 10.20 12.43
N SER A 387 -41.37 11.46 12.80
CA SER A 387 -42.34 12.53 12.72
C SER A 387 -42.81 12.79 11.28
N MET A 388 -41.89 12.80 10.33
CA MET A 388 -42.21 12.97 8.91
C MET A 388 -43.12 11.85 8.39
N LEU A 389 -42.83 10.62 8.78
CA LEU A 389 -43.60 9.44 8.37
C LEU A 389 -45.05 9.52 8.80
N LEU A 390 -45.28 9.82 10.08
CA LEU A 390 -46.62 9.91 10.63
C LEU A 390 -47.40 11.03 9.97
N ASN A 391 -46.73 12.16 9.71
CA ASN A 391 -47.34 13.28 8.98
C ASN A 391 -47.71 12.90 7.55
N ALA A 392 -46.82 12.14 6.89
CA ALA A 392 -47.04 11.70 5.51
C ALA A 392 -48.17 10.69 5.43
N LEU A 393 -48.21 9.77 6.39
CA LEU A 393 -49.25 8.75 6.45
C LEU A 393 -50.62 9.36 6.74
N LYS A 394 -50.65 10.36 7.63
CA LYS A 394 -51.85 11.14 7.91
C LYS A 394 -52.37 11.87 6.67
N HIS A 395 -51.46 12.49 5.93
CA HIS A 395 -51.81 13.22 4.72
C HIS A 395 -52.41 12.32 3.65
N LEU A 396 -51.78 11.17 3.42
CA LEU A 396 -52.20 10.23 2.38
C LEU A 396 -53.51 9.53 2.68
N ALA A 397 -53.77 9.30 3.97
CA ALA A 397 -54.99 8.66 4.44
C ALA A 397 -56.14 9.64 4.63
N GLY A 398 -55.84 10.93 4.61
CA GLY A 398 -56.83 11.96 4.83
C GLY A 398 -57.23 12.07 6.29
N ILE A 399 -56.28 11.84 7.18
CA ILE A 399 -56.54 12.02 8.60
C ILE A 399 -56.17 13.44 8.97
N ASP A 400 -57.09 14.11 9.67
CA ASP A 400 -56.94 15.50 10.11
C ASP A 400 -55.66 15.69 10.90
N ASP A 401 -54.99 16.81 10.65
CA ASP A 401 -53.68 17.13 11.23
C ASP A 401 -53.58 17.05 12.75
N ALA A 402 -54.64 17.43 13.45
CA ALA A 402 -54.66 17.49 14.91
C ALA A 402 -54.74 16.12 15.59
N ILE A 403 -55.19 15.11 14.85
CA ILE A 403 -55.40 13.75 15.38
C ILE A 403 -54.08 13.07 15.77
N HIS A 404 -54.03 12.55 17.00
CA HIS A 404 -52.92 11.74 17.47
C HIS A 404 -53.17 10.26 17.16
N LEU A 405 -52.47 9.71 16.18
CA LEU A 405 -52.63 8.29 15.88
C LEU A 405 -51.57 7.41 16.52
N LEU A 406 -51.39 7.57 17.82
CA LEU A 406 -50.41 6.82 18.59
C LEU A 406 -50.86 6.86 20.06
N SER A 407 -51.44 5.77 20.53
CA SER A 407 -51.93 5.68 21.91
CA SER A 407 -51.93 5.69 21.90
C SER A 407 -50.78 5.61 22.90
N PRO A 408 -50.90 6.31 24.05
CA PRO A 408 -49.82 6.25 25.04
C PRO A 408 -49.56 4.87 25.66
N GLU A 409 -50.38 3.88 25.30
CA GLU A 409 -50.20 2.51 25.77
C GLU A 409 -49.20 1.76 24.87
N SER A 410 -48.99 2.29 23.66
CA SER A 410 -48.04 1.73 22.71
C SER A 410 -46.66 2.38 22.85
N ILE A 411 -46.65 3.66 23.21
CA ILE A 411 -45.43 4.45 23.36
C ILE A 411 -44.65 4.08 24.63
N GLU A 412 -45.34 4.13 25.78
CA GLU A 412 -44.78 3.86 27.12
C GLU A 412 -43.88 2.61 27.34
N PRO A 413 -44.27 1.41 26.82
CA PRO A 413 -43.36 0.27 27.02
C PRO A 413 -42.01 0.43 26.34
N ILE A 414 -41.99 1.05 25.16
CA ILE A 414 -40.74 1.28 24.41
C ILE A 414 -39.81 2.29 25.12
N GLN A 415 -40.41 3.36 25.67
CA GLN A 415 -39.66 4.37 26.40
C GLN A 415 -39.05 3.78 27.67
N THR A 416 -39.87 3.03 28.42
CA THR A 416 -39.46 2.39 29.68
C THR A 416 -38.36 1.35 29.42
N LEU A 417 -38.39 0.72 28.26
CA LEU A 417 -37.36 -0.25 27.88
C LEU A 417 -36.01 0.44 27.64
N LYS A 418 -36.06 1.57 26.93
CA LYS A 418 -34.86 2.30 26.53
C LYS A 418 -34.12 2.97 27.68
N THR A 419 -34.87 3.64 28.56
CA THR A 419 -34.26 4.42 29.65
C THR A 419 -33.89 3.56 30.86
N VAL A 420 -34.83 2.71 31.28
CA VAL A 420 -34.64 1.89 32.48
C VAL A 420 -33.70 0.70 32.24
N HIS A 421 -33.92 -0.02 31.14
CA HIS A 421 -33.23 -1.29 30.93
C HIS A 421 -32.07 -1.21 29.95
N LEU A 422 -32.22 -0.36 28.94
CA LEU A 422 -31.20 -0.22 27.91
C LEU A 422 -30.30 0.99 28.17
N GLY A 423 -30.64 1.73 29.23
CA GLY A 423 -29.81 2.81 29.77
C GLY A 423 -29.45 3.98 28.86
N SER A 424 -30.24 4.22 27.82
CA SER A 424 -30.03 5.39 26.97
C SER A 424 -30.66 6.60 27.64
N SER A 425 -30.10 7.79 27.36
CA SER A 425 -30.62 9.03 27.91
CA SER A 425 -30.61 9.05 27.91
C SER A 425 -31.52 9.74 26.92
N ASN A 426 -31.43 9.35 25.65
CA ASN A 426 -32.28 9.88 24.59
C ASN A 426 -33.49 8.97 24.34
N PRO A 427 -34.68 9.39 24.81
CA PRO A 427 -35.83 8.51 24.76
C PRO A 427 -36.68 8.62 23.48
N ARG A 428 -36.35 9.56 22.60
CA ARG A 428 -37.13 9.76 21.37
C ARG A 428 -37.00 8.56 20.42
N LEU A 429 -38.06 8.31 19.67
CA LEU A 429 -38.19 7.08 18.93
C LEU A 429 -37.63 7.19 17.52
N HIS A 430 -37.08 6.08 17.05
CA HIS A 430 -36.66 5.94 15.66
C HIS A 430 -37.84 5.45 14.84
N THR A 431 -37.63 5.33 13.53
CA THR A 431 -38.69 4.99 12.59
C THR A 431 -39.25 3.58 12.79
N ASP A 432 -38.40 2.64 13.19
CA ASP A 432 -38.82 1.27 13.41
C ASP A 432 -39.73 1.12 14.62
N GLU A 433 -39.42 1.85 15.68
CA GLU A 433 -40.18 1.76 16.91
C GLU A 433 -41.48 2.58 16.85
N VAL A 434 -41.49 3.59 15.99
CA VAL A 434 -42.70 4.36 15.72
C VAL A 434 -43.68 3.52 14.93
N LEU A 435 -43.19 2.85 13.90
CA LEU A 435 -43.99 1.94 13.10
C LEU A 435 -44.54 0.76 13.91
N ILE A 436 -43.76 0.30 14.90
CA ILE A 436 -44.22 -0.73 15.84
C ILE A 436 -45.34 -0.18 16.73
N ALA A 437 -45.13 1.03 17.25
CA ALA A 437 -46.13 1.71 18.06
C ALA A 437 -47.40 2.03 17.28
N LEU A 438 -47.25 2.33 15.99
CA LEU A 438 -48.37 2.60 15.10
C LEU A 438 -49.15 1.32 14.86
N SER A 439 -48.43 0.22 14.66
CA SER A 439 -49.03 -1.09 14.41
C SER A 439 -49.75 -1.65 15.65
N VAL A 440 -49.20 -1.37 16.83
CA VAL A 440 -49.84 -1.72 18.10
C VAL A 440 -51.11 -0.88 18.30
N SER A 441 -51.02 0.41 18.00
CA SER A 441 -52.16 1.34 18.06
C SER A 441 -53.29 0.97 17.09
N ALA A 442 -52.94 0.39 15.95
CA ALA A 442 -53.90 0.02 14.91
C ALA A 442 -54.83 -1.14 15.27
N ALA A 443 -54.45 -1.90 16.30
CA ALA A 443 -55.28 -2.98 16.81
C ALA A 443 -56.59 -2.47 17.44
N THR A 444 -56.53 -1.28 18.03
CA THR A 444 -57.68 -0.68 18.72
C THR A 444 -58.18 0.64 18.09
N ASP A 445 -57.31 1.34 17.39
CA ASP A 445 -57.65 2.62 16.77
C ASP A 445 -57.80 2.44 15.26
N SER A 446 -58.83 3.09 14.72
CA SER A 446 -59.12 3.03 13.28
C SER A 446 -58.18 3.92 12.45
N ASN A 447 -57.87 5.11 12.97
CA ASN A 447 -56.99 6.07 12.29
C ASN A 447 -55.57 5.54 12.06
N ALA A 448 -55.05 4.82 13.04
CA ALA A 448 -53.73 4.22 12.95
C ALA A 448 -53.67 3.14 11.87
N GLN A 449 -54.74 2.38 11.71
CA GLN A 449 -54.84 1.35 10.67
C GLN A 449 -54.87 1.95 9.27
N LYS A 450 -55.63 3.03 9.11
CA LYS A 450 -55.70 3.76 7.83
C LYS A 450 -54.36 4.36 7.44
N ALA A 451 -53.63 4.84 8.45
CA ALA A 451 -52.26 5.33 8.29
C ALA A 451 -51.33 4.23 7.82
N LEU A 452 -51.36 3.09 8.52
CA LEU A 452 -50.56 1.91 8.16
C LEU A 452 -50.76 1.49 6.71
N ASP A 453 -52.01 1.51 6.25
CA ASP A 453 -52.36 1.19 4.86
C ASP A 453 -51.62 2.00 3.81
N GLN A 454 -51.18 3.20 4.18
CA GLN A 454 -50.55 4.12 3.24
C GLN A 454 -49.04 3.93 3.04
N LEU A 455 -48.40 3.14 3.91
CA LEU A 455 -46.97 2.83 3.80
C LEU A 455 -46.59 2.30 2.41
N LYS A 456 -47.47 1.46 1.86
CA LYS A 456 -47.52 1.06 0.47
C LYS A 456 -47.19 2.22 -0.49
N ASN A 457 -47.86 3.35 -0.30
CA ASN A 457 -47.76 4.51 -1.21
C ASN A 457 -46.52 5.40 -1.06
N LEU A 458 -45.65 5.10 -0.09
CA LEU A 458 -44.41 5.85 0.06
C LEU A 458 -43.32 5.37 -0.91
N ARG A 459 -43.59 4.27 -1.60
CA ARG A 459 -42.68 3.67 -2.58
C ARG A 459 -42.27 4.61 -3.71
N GLY A 460 -40.97 4.86 -3.83
CA GLY A 460 -40.43 5.72 -4.89
C GLY A 460 -40.40 7.22 -4.60
N CYS A 461 -41.00 7.63 -3.48
CA CYS A 461 -40.96 9.03 -3.02
C CYS A 461 -39.58 9.49 -2.58
N ASP A 462 -39.32 10.78 -2.73
CA ASP A 462 -38.02 11.37 -2.40
C ASP A 462 -38.00 12.00 -1.02
N VAL A 463 -36.86 11.85 -0.33
CA VAL A 463 -36.68 12.37 1.01
C VAL A 463 -35.34 13.11 1.10
N HIS A 464 -35.33 14.23 1.81
CA HIS A 464 -34.08 14.82 2.25
C HIS A 464 -34.09 15.01 3.76
N THR A 465 -32.94 14.77 4.37
CA THR A 465 -32.74 15.02 5.79
C THR A 465 -31.51 15.90 5.92
N THR A 466 -31.43 16.65 7.01
CA THR A 466 -30.32 17.57 7.24
C THR A 466 -29.19 16.92 8.04
N THR A 467 -29.40 15.68 8.45
CA THR A 467 -28.42 14.93 9.21
C THR A 467 -28.33 13.51 8.65
N ILE A 468 -27.17 12.88 8.81
CA ILE A 468 -26.94 11.53 8.31
C ILE A 468 -27.72 10.53 9.16
N LEU A 469 -28.41 9.60 8.51
CA LEU A 469 -29.22 8.63 9.21
C LEU A 469 -28.39 7.49 9.79
N GLY A 470 -28.89 6.88 10.87
CA GLY A 470 -28.34 5.64 11.39
C GLY A 470 -28.71 4.45 10.51
N SER A 471 -28.15 3.29 10.82
CA SER A 471 -28.37 2.09 10.01
C SER A 471 -29.83 1.64 9.99
N VAL A 472 -30.47 1.74 11.16
CA VAL A 472 -31.88 1.36 11.34
C VAL A 472 -32.82 2.18 10.46
N ASP A 473 -32.74 3.51 10.56
CA ASP A 473 -33.60 4.39 9.79
C ASP A 473 -33.35 4.24 8.29
N GLU A 474 -32.08 4.08 7.91
CA GLU A 474 -31.74 3.85 6.50
C GLU A 474 -32.32 2.52 6.01
N GLY A 475 -32.33 1.52 6.90
CA GLY A 475 -32.93 0.22 6.62
C GLY A 475 -34.42 0.28 6.36
N ILE A 476 -35.15 0.98 7.23
CA ILE A 476 -36.61 1.13 7.11
C ILE A 476 -37.02 1.86 5.82
N PHE A 477 -36.30 2.94 5.50
CA PHE A 477 -36.53 3.66 4.25
C PHE A 477 -36.20 2.82 3.03
N ARG A 478 -35.16 1.97 3.13
CA ARG A 478 -34.83 1.02 2.08
C ARG A 478 -35.97 0.04 1.82
N ASN A 479 -36.56 -0.48 2.90
CA ASN A 479 -37.69 -1.41 2.83
C ASN A 479 -38.92 -0.80 2.17
N LEU A 480 -39.17 0.46 2.47
CA LEU A 480 -40.35 1.16 1.94
C LEU A 480 -40.12 1.70 0.54
N GLY A 481 -38.89 1.56 0.03
CA GLY A 481 -38.56 1.96 -1.33
C GLY A 481 -38.45 3.46 -1.47
N VAL A 482 -38.05 4.11 -0.38
CA VAL A 482 -37.97 5.55 -0.30
C VAL A 482 -36.58 6.01 -0.70
N LEU A 483 -36.51 7.04 -1.55
CA LEU A 483 -35.26 7.55 -2.07
C LEU A 483 -34.74 8.73 -1.23
N VAL A 484 -33.80 8.41 -0.35
CA VAL A 484 -33.30 9.32 0.67
C VAL A 484 -31.97 9.97 0.28
N THR A 485 -31.89 11.30 0.45
CA THR A 485 -30.64 12.04 0.43
C THR A 485 -30.43 12.74 1.76
N SER A 486 -29.20 13.20 2.00
CA SER A 486 -28.82 13.81 3.29
C SER A 486 -27.69 14.81 3.15
N ASP A 487 -27.77 15.89 3.94
CA ASP A 487 -26.66 16.81 4.11
C ASP A 487 -25.54 16.11 4.91
N PRO A 488 -24.28 16.28 4.49
CA PRO A 488 -23.16 15.56 5.12
C PRO A 488 -22.74 16.02 6.54
N LYS A 489 -23.65 15.89 7.49
CA LYS A 489 -23.39 16.22 8.90
C LYS A 489 -23.98 15.14 9.81
N PHE A 490 -23.32 14.91 10.95
CA PHE A 490 -23.87 14.03 11.99
C PHE A 490 -24.64 14.83 13.04
N GLN A 491 -25.40 14.12 13.87
CA GLN A 491 -26.10 14.72 15.01
C GLN A 491 -25.11 15.05 16.11
N THR B 6 16.13 15.18 -41.94
CA THR B 6 15.31 16.31 -42.50
C THR B 6 14.52 17.00 -41.40
N ILE B 7 14.22 18.28 -41.62
CA ILE B 7 13.47 19.07 -40.64
C ILE B 7 12.05 19.42 -41.15
N GLY B 8 11.09 19.38 -40.23
CA GLY B 8 9.68 19.58 -40.56
C GLY B 8 8.95 20.60 -39.72
N PHE B 9 9.68 21.33 -38.89
CA PHE B 9 9.12 22.40 -38.06
C PHE B 9 9.81 23.73 -38.33
N ASP B 10 9.02 24.76 -38.54
CA ASP B 10 9.54 26.11 -38.79
C ASP B 10 9.71 26.84 -37.45
N ARG B 11 10.94 26.82 -36.93
CA ARG B 11 11.29 27.43 -35.65
C ARG B 11 10.99 28.93 -35.62
N GLU B 12 11.37 29.64 -36.70
CA GLU B 12 11.21 31.09 -36.78
C GLU B 12 9.74 31.54 -36.90
N LYS B 13 8.95 30.83 -37.70
CA LYS B 13 7.52 31.11 -37.83
C LYS B 13 6.86 30.97 -36.46
N TYR B 14 7.19 29.91 -35.75
CA TYR B 14 6.67 29.64 -34.41
C TYR B 14 6.93 30.77 -33.41
N ILE B 15 8.18 31.23 -33.35
CA ILE B 15 8.54 32.38 -32.52
C ILE B 15 7.63 33.60 -32.83
N GLU B 16 7.48 33.91 -34.11
CA GLU B 16 6.60 35.00 -34.54
C GLU B 16 5.12 34.76 -34.30
N MET B 17 4.63 33.58 -34.66
CA MET B 17 3.20 33.27 -34.63
C MET B 17 2.65 33.01 -33.21
N GLN B 18 3.37 32.22 -32.43
CA GLN B 18 2.98 31.91 -31.05
C GLN B 18 2.94 33.15 -30.17
N SER B 19 4.01 33.94 -30.18
CA SER B 19 4.10 35.17 -29.40
C SER B 19 3.04 36.19 -29.81
N GLN B 20 2.75 36.27 -31.10
CA GLN B 20 1.70 37.16 -31.59
C GLN B 20 0.30 36.72 -31.17
N HIS B 21 0.05 35.41 -31.21
CA HIS B 21 -1.24 34.85 -30.76
C HIS B 21 -1.48 35.15 -29.29
N ILE B 22 -0.42 35.01 -28.49
CA ILE B 22 -0.43 35.32 -27.06
C ILE B 22 -0.79 36.79 -26.81
N ARG B 23 -0.18 37.68 -27.59
CA ARG B 23 -0.47 39.12 -27.52
C ARG B 23 -1.91 39.43 -27.89
N GLU B 24 -2.38 38.74 -28.93
CA GLU B 24 -3.74 38.86 -29.42
C GLU B 24 -4.75 38.40 -28.37
N ARG B 25 -4.41 37.36 -27.62
CA ARG B 25 -5.27 36.83 -26.55
CA ARG B 25 -5.31 36.86 -26.59
C ARG B 25 -5.45 37.82 -25.40
N ARG B 26 -4.34 38.46 -24.98
CA ARG B 26 -4.47 39.43 -23.89
C ARG B 26 -5.22 40.71 -24.26
N GLU B 27 -5.15 41.10 -25.53
CA GLU B 27 -5.95 42.23 -26.02
C GLU B 27 -7.43 41.86 -26.00
N ALA B 28 -7.74 40.65 -26.44
CA ALA B 28 -9.13 40.14 -26.45
C ALA B 28 -9.71 39.98 -25.04
N LEU B 29 -8.85 39.76 -24.06
CA LEU B 29 -9.28 39.59 -22.67
C LEU B 29 -9.28 40.91 -21.88
N GLY B 30 -8.99 42.02 -22.56
CA GLY B 30 -9.12 43.33 -21.96
C GLY B 30 -7.84 44.08 -21.63
N GLY B 31 -6.69 43.49 -21.92
CA GLY B 31 -5.42 44.22 -21.76
C GLY B 31 -4.36 43.57 -20.89
N LYS B 32 -4.77 42.67 -19.99
CA LYS B 32 -3.81 41.93 -19.16
C LYS B 32 -4.11 40.42 -19.16
N LEU B 33 -3.05 39.61 -19.18
CA LEU B 33 -3.21 38.16 -19.25
C LEU B 33 -2.35 37.39 -18.25
N TYR B 34 -3.00 36.44 -17.57
CA TYR B 34 -2.31 35.47 -16.73
C TYR B 34 -2.27 34.11 -17.46
N LEU B 35 -1.07 33.71 -17.89
CA LEU B 35 -0.88 32.56 -18.78
C LEU B 35 -0.30 31.39 -18.02
N GLU B 36 -1.05 30.30 -17.91
CA GLU B 36 -0.53 29.09 -17.27
C GLU B 36 0.29 28.29 -18.28
N MET B 37 1.53 28.02 -17.91
CA MET B 37 2.41 27.17 -18.74
C MET B 37 2.44 25.76 -18.18
N GLY B 38 1.84 24.82 -18.91
CA GLY B 38 1.89 23.40 -18.53
C GLY B 38 3.07 22.70 -19.17
N GLY B 39 4.00 22.23 -18.34
CA GLY B 39 5.11 21.41 -18.84
C GLY B 39 6.48 22.07 -18.85
N LYS B 40 7.41 21.41 -19.54
CA LYS B 40 8.81 21.82 -19.55
C LYS B 40 9.05 23.01 -20.46
N LEU B 41 9.79 24.00 -19.94
CA LEU B 41 10.08 25.22 -20.69
C LEU B 41 11.46 25.23 -21.35
N PHE B 42 12.44 24.61 -20.71
CA PHE B 42 13.82 24.73 -21.14
C PHE B 42 14.41 23.50 -21.83
N ASP B 43 13.89 22.32 -21.52
CA ASP B 43 14.54 21.09 -21.94
C ASP B 43 13.58 20.09 -22.58
N ASP B 44 12.65 20.59 -23.39
CA ASP B 44 11.66 19.72 -24.03
C ASP B 44 12.29 18.90 -25.15
N MET B 45 13.02 17.86 -24.76
CA MET B 45 13.72 16.97 -25.69
C MET B 45 12.73 16.16 -26.52
N HIS B 46 11.57 15.86 -25.93
CA HIS B 46 10.52 15.10 -26.60
C HIS B 46 10.07 15.85 -27.84
N ALA B 47 9.63 17.09 -27.65
CA ALA B 47 9.23 17.96 -28.74
C ALA B 47 10.30 18.17 -29.81
N SER B 48 11.58 18.12 -29.40
CA SER B 48 12.67 18.25 -30.37
C SER B 48 12.83 17.01 -31.26
N ARG B 49 12.59 15.83 -30.69
CA ARG B 49 12.60 14.57 -31.45
C ARG B 49 11.34 14.40 -32.28
N VAL B 50 10.24 14.96 -31.79
CA VAL B 50 8.91 14.76 -32.38
C VAL B 50 8.58 15.80 -33.46
N LEU B 51 9.05 17.03 -33.26
CA LEU B 51 8.90 18.09 -34.26
C LEU B 51 10.29 18.57 -34.66
N PRO B 52 10.94 17.87 -35.62
CA PRO B 52 12.34 18.19 -35.91
C PRO B 52 12.46 19.61 -36.41
N GLY B 53 13.28 20.40 -35.73
CA GLY B 53 13.38 21.83 -35.98
C GLY B 53 12.93 22.66 -34.78
N PHE B 54 12.08 22.07 -33.95
CA PHE B 54 11.66 22.64 -32.69
C PHE B 54 12.84 22.42 -31.74
N THR B 55 13.48 23.51 -31.31
CA THR B 55 14.60 23.39 -30.37
C THR B 55 14.06 23.12 -28.97
N PRO B 56 14.82 22.36 -28.14
CA PRO B 56 14.43 22.17 -26.72
C PRO B 56 14.04 23.45 -25.96
N ASP B 57 14.67 24.56 -26.34
N ASP B 57 14.66 24.58 -26.29
CA ASP B 57 14.51 25.88 -25.74
CA ASP B 57 14.38 25.84 -25.61
C ASP B 57 13.40 26.73 -26.37
C ASP B 57 13.43 26.76 -26.40
N ASN B 58 12.74 26.21 -27.40
CA ASN B 58 11.89 27.00 -28.31
C ASN B 58 10.80 27.88 -27.71
N LYS B 59 10.20 27.44 -26.60
CA LYS B 59 9.19 28.24 -25.92
C LYS B 59 9.81 29.48 -25.26
N ILE B 60 11.05 29.35 -24.81
CA ILE B 60 11.78 30.46 -24.18
C ILE B 60 12.21 31.46 -25.26
N ALA B 61 12.67 30.95 -26.39
CA ALA B 61 13.02 31.81 -27.53
C ALA B 61 11.79 32.56 -28.07
N MET B 62 10.61 31.94 -27.96
CA MET B 62 9.34 32.59 -28.28
C MET B 62 9.05 33.79 -27.35
N LEU B 63 9.21 33.57 -26.05
CA LEU B 63 8.98 34.63 -25.07
C LEU B 63 10.04 35.73 -25.19
N ASP B 64 11.23 35.34 -25.64
CA ASP B 64 12.37 36.23 -25.84
C ASP B 64 12.04 37.33 -26.85
N ARG B 65 11.23 36.99 -27.85
CA ARG B 65 10.78 37.95 -28.86
C ARG B 65 9.94 39.07 -28.24
N ILE B 66 9.19 38.74 -27.19
CA ILE B 66 8.31 39.70 -26.51
C ILE B 66 8.73 39.94 -25.06
N LYS B 67 10.00 39.71 -24.77
CA LYS B 67 10.61 39.81 -23.43
C LYS B 67 10.25 41.06 -22.61
N ASP B 68 10.15 42.21 -23.28
CA ASP B 68 9.85 43.47 -22.59
C ASP B 68 8.41 43.61 -22.12
N GLU B 69 7.53 42.72 -22.60
CA GLU B 69 6.12 42.75 -22.19
C GLU B 69 5.80 41.61 -21.23
N VAL B 70 6.82 40.83 -20.89
CA VAL B 70 6.65 39.58 -20.13
C VAL B 70 7.18 39.69 -18.69
N GLU B 71 6.41 39.15 -17.75
CA GLU B 71 6.85 38.93 -16.37
C GLU B 71 6.73 37.45 -16.06
N ILE B 72 7.69 36.91 -15.33
CA ILE B 72 7.64 35.52 -14.90
C ILE B 72 7.24 35.44 -13.43
N LEU B 73 6.18 34.69 -13.16
CA LEU B 73 5.74 34.41 -11.80
C LEU B 73 5.89 32.92 -11.55
N VAL B 74 6.49 32.58 -10.42
CA VAL B 74 6.76 31.18 -10.08
C VAL B 74 5.90 30.71 -8.91
N CYS B 75 5.15 29.64 -9.14
CA CYS B 75 4.30 29.04 -8.11
C CYS B 75 4.99 27.87 -7.44
N ILE B 76 4.73 27.68 -6.16
CA ILE B 76 5.20 26.50 -5.42
C ILE B 76 4.26 26.16 -4.24
N ASN B 77 3.82 24.90 -4.20
CA ASN B 77 2.97 24.40 -3.12
C ASN B 77 3.74 24.32 -1.82
N ALA B 78 3.07 24.72 -0.74
CA ALA B 78 3.66 24.72 0.61
C ALA B 78 3.93 23.31 1.14
N LYS B 79 3.18 22.33 0.65
CA LYS B 79 3.40 20.92 0.99
C LYS B 79 4.65 20.39 0.30
N ASP B 80 4.94 20.92 -0.89
CA ASP B 80 6.13 20.53 -1.66
C ASP B 80 7.45 21.08 -1.08
N LEU B 81 7.35 22.15 -0.29
CA LEU B 81 8.48 22.69 0.46
C LEU B 81 8.75 21.83 1.70
N GLU B 82 7.68 21.30 2.28
CA GLU B 82 7.76 20.56 3.56
C GLU B 82 8.05 19.08 3.41
N ARG B 83 7.44 18.45 2.39
CA ARG B 83 7.72 17.06 2.04
C ARG B 83 9.10 16.87 1.40
N HIS B 84 9.74 17.99 1.05
CA HIS B 84 10.98 18.05 0.26
C HIS B 84 10.86 17.21 -1.03
N LYS B 85 9.80 17.49 -1.78
CA LYS B 85 9.43 16.74 -2.99
C LYS B 85 10.51 16.82 -4.07
N ILE B 86 11.03 15.67 -4.47
CA ILE B 86 12.10 15.63 -5.48
C ILE B 86 11.55 15.54 -6.91
N ARG B 87 12.01 16.43 -7.77
CA ARG B 87 11.68 16.38 -9.19
C ARG B 87 12.64 15.42 -9.89
N ALA B 88 12.06 14.42 -10.57
CA ALA B 88 12.81 13.29 -11.13
C ALA B 88 13.82 13.67 -12.23
N ASP B 89 13.49 14.70 -13.02
CA ASP B 89 14.31 15.13 -14.16
C ASP B 89 15.70 15.59 -13.77
N LEU B 90 15.77 16.64 -12.95
CA LEU B 90 17.03 17.25 -12.58
C LEU B 90 17.59 16.74 -11.26
N GLY B 91 16.79 15.93 -10.56
CA GLY B 91 17.18 15.32 -9.29
C GLY B 91 17.39 16.31 -8.15
N ILE B 92 16.51 17.30 -8.05
CA ILE B 92 16.57 18.29 -6.97
C ILE B 92 15.18 18.55 -6.38
N SER B 93 15.16 19.14 -5.18
CA SER B 93 13.92 19.49 -4.50
C SER B 93 13.20 20.63 -5.23
N TYR B 94 11.88 20.68 -5.07
CA TYR B 94 11.03 21.74 -5.61
C TYR B 94 11.45 23.13 -5.12
N GLU B 95 11.90 23.18 -3.86
CA GLU B 95 12.47 24.38 -3.25
C GLU B 95 13.67 24.91 -4.04
N GLU B 96 14.58 24.02 -4.42
CA GLU B 96 15.79 24.40 -5.16
C GLU B 96 15.50 24.67 -6.63
N ASP B 97 14.48 24.00 -7.16
CA ASP B 97 14.05 24.16 -8.53
C ASP B 97 13.44 25.54 -8.77
N VAL B 98 12.86 26.14 -7.71
CA VAL B 98 12.30 27.49 -7.79
C VAL B 98 13.42 28.50 -8.01
N LEU B 99 14.43 28.43 -7.14
CA LEU B 99 15.60 29.32 -7.21
C LEU B 99 16.37 29.14 -8.51
N ARG B 100 16.39 27.91 -9.01
CA ARG B 100 17.04 27.60 -10.30
C ARG B 100 16.23 28.18 -11.46
N LEU B 101 14.91 28.24 -11.32
CA LEU B 101 14.08 28.88 -12.34
C LEU B 101 14.21 30.40 -12.28
N VAL B 102 14.33 30.95 -11.07
CA VAL B 102 14.45 32.39 -10.86
C VAL B 102 15.67 32.99 -11.57
N ASP B 103 16.84 32.37 -11.40
CA ASP B 103 18.06 32.95 -11.97
C ASP B 103 18.28 32.61 -13.45
N VAL B 104 17.79 31.46 -13.89
CA VAL B 104 17.93 31.04 -15.29
C VAL B 104 17.10 31.94 -16.25
N PHE B 105 15.92 32.36 -15.80
CA PHE B 105 15.14 33.38 -16.49
C PHE B 105 15.82 34.75 -16.47
N ARG B 106 16.46 35.06 -15.34
CA ARG B 106 17.19 36.31 -15.16
C ARG B 106 18.50 36.37 -15.95
N ASP B 107 19.11 35.19 -16.15
CA ASP B 107 20.29 35.03 -17.01
C ASP B 107 20.02 35.47 -18.44
N ARG B 108 18.82 35.15 -18.91
CA ARG B 108 18.39 35.48 -20.27
CA ARG B 108 18.40 35.49 -20.27
C ARG B 108 17.58 36.77 -20.32
N GLY B 109 17.61 37.56 -19.24
CA GLY B 109 17.03 38.90 -19.22
C GLY B 109 15.55 39.11 -18.93
N PHE B 110 14.87 38.06 -18.49
CA PHE B 110 13.46 38.19 -18.12
C PHE B 110 13.29 38.83 -16.75
N LEU B 111 12.19 39.56 -16.58
CA LEU B 111 11.79 40.13 -15.29
C LEU B 111 11.11 39.07 -14.43
N VAL B 112 11.77 38.69 -13.33
CA VAL B 112 11.18 37.79 -12.31
C VAL B 112 11.20 38.49 -10.95
N GLU B 113 10.04 38.84 -10.43
CA GLU B 113 9.97 39.51 -9.12
C GLU B 113 8.79 39.06 -8.23
N HIS B 114 8.19 37.91 -8.57
CA HIS B 114 7.03 37.41 -7.83
C HIS B 114 7.01 35.89 -7.75
N VAL B 115 7.06 35.39 -6.52
CA VAL B 115 6.88 33.96 -6.26
C VAL B 115 5.62 33.77 -5.41
N VAL B 116 4.71 32.95 -5.89
CA VAL B 116 3.50 32.69 -5.11
C VAL B 116 3.61 31.36 -4.39
N LEU B 117 3.41 31.41 -3.08
CA LEU B 117 3.41 30.23 -2.22
C LEU B 117 1.97 29.77 -1.98
N THR B 118 1.57 28.73 -2.70
CA THR B 118 0.18 28.28 -2.70
C THR B 118 -0.05 27.22 -1.65
N GLN B 119 -1.33 27.04 -1.27
CA GLN B 119 -1.79 25.98 -0.37
C GLN B 119 -1.18 26.08 1.03
N LEU B 120 -0.91 27.32 1.46
CA LEU B 120 -0.23 27.58 2.73
C LEU B 120 -1.14 27.32 3.93
N GLU B 121 -0.70 26.39 4.78
CA GLU B 121 -1.50 25.91 5.89
C GLU B 121 -1.07 26.52 7.22
N ASN B 122 -0.01 25.94 7.80
CA ASN B 122 0.36 26.23 9.17
C ASN B 122 1.45 27.30 9.35
N ASP B 123 1.70 28.07 8.28
CA ASP B 123 2.77 29.09 8.21
C ASP B 123 4.21 28.54 8.31
N ASN B 124 4.51 27.81 9.39
CA ASN B 124 5.74 26.99 9.55
C ASN B 124 7.06 27.77 9.70
N ARG B 125 8.14 27.04 9.94
CA ARG B 125 9.49 27.61 10.08
C ARG B 125 10.33 27.39 8.82
N LEU B 126 10.05 26.29 8.12
CA LEU B 126 10.69 25.99 6.83
C LEU B 126 10.28 27.03 5.80
N ALA B 127 9.00 27.40 5.82
CA ALA B 127 8.46 28.39 4.89
C ALA B 127 8.92 29.80 5.23
N LEU B 128 8.99 30.13 6.53
CA LEU B 128 9.53 31.42 7.00
C LEU B 128 10.97 31.64 6.53
N ALA B 129 11.78 30.58 6.57
CA ALA B 129 13.17 30.61 6.12
C ALA B 129 13.28 30.72 4.60
N PHE B 130 12.20 30.37 3.90
CA PHE B 130 12.13 30.42 2.44
C PHE B 130 11.71 31.80 1.91
N ILE B 131 10.79 32.46 2.63
CA ILE B 131 10.33 33.81 2.29
C ILE B 131 11.47 34.83 2.31
N GLU B 132 12.24 34.85 3.40
CA GLU B 132 13.34 35.80 3.60
C GLU B 132 14.54 35.54 2.68
N ARG B 133 14.74 34.27 2.31
CA ARG B 133 15.76 33.86 1.35
C ARG B 133 15.44 34.42 -0.04
N LEU B 134 14.15 34.58 -0.33
CA LEU B 134 13.70 35.12 -1.60
C LEU B 134 13.59 36.64 -1.57
N GLN B 135 13.45 37.20 -0.37
CA GLN B 135 13.44 38.66 -0.19
C GLN B 135 14.83 39.27 -0.45
N ARG B 136 15.87 38.52 -0.13
CA ARG B 136 17.26 38.96 -0.31
C ARG B 136 17.66 38.97 -1.78
N LEU B 137 16.95 38.17 -2.59
CA LEU B 137 17.18 38.09 -4.01
C LEU B 137 16.25 39.02 -4.78
N GLY B 138 15.58 39.91 -4.05
CA GLY B 138 14.72 40.94 -4.63
C GLY B 138 13.27 40.57 -4.94
N ILE B 139 12.93 39.28 -4.88
CA ILE B 139 11.59 38.86 -5.25
C ILE B 139 10.58 38.89 -4.09
N LYS B 140 9.41 39.49 -4.37
CA LYS B 140 8.31 39.59 -3.40
C LYS B 140 7.47 38.32 -3.47
N VAL B 141 7.24 37.72 -2.30
CA VAL B 141 6.56 36.43 -2.27
C VAL B 141 5.17 36.48 -1.61
N SER B 142 4.14 36.12 -2.38
CA SER B 142 2.75 36.19 -1.95
C SER B 142 2.31 34.91 -1.26
N ARG B 143 1.50 35.04 -0.24
CA ARG B 143 0.97 33.88 0.48
C ARG B 143 -0.44 33.56 0.00
N HIS B 144 -0.61 32.35 -0.55
CA HIS B 144 -1.92 31.89 -1.02
C HIS B 144 -2.44 30.71 -0.20
N ARG B 145 -3.75 30.69 0.01
CA ARG B 145 -4.40 29.79 0.97
C ARG B 145 -5.17 28.63 0.32
N VAL B 146 -5.56 27.66 1.15
CA VAL B 146 -6.49 26.61 0.73
C VAL B 146 -7.88 27.23 0.71
N ILE B 147 -8.42 27.39 -0.50
CA ILE B 147 -9.70 28.06 -0.71
C ILE B 147 -10.86 27.13 -0.36
N PRO B 148 -11.71 27.52 0.61
CA PRO B 148 -12.85 26.72 1.01
C PRO B 148 -13.86 26.55 -0.12
N GLY B 149 -14.27 25.30 -0.35
CA GLY B 149 -15.26 24.98 -1.38
C GLY B 149 -14.77 25.09 -2.82
N TYR B 150 -13.46 25.01 -3.01
CA TYR B 150 -12.88 24.95 -4.35
C TYR B 150 -12.89 23.49 -4.83
N PRO B 151 -13.27 23.25 -6.11
CA PRO B 151 -13.71 24.17 -7.14
C PRO B 151 -15.23 24.24 -7.38
N THR B 152 -16.04 23.87 -6.39
CA THR B 152 -17.49 23.75 -6.60
C THR B 152 -18.31 24.92 -6.07
N ASP B 153 -17.95 25.45 -4.89
CA ASP B 153 -18.72 26.51 -4.24
C ASP B 153 -18.45 27.89 -4.85
N MET B 154 -19.13 28.14 -5.96
CA MET B 154 -18.94 29.35 -6.78
C MET B 154 -19.13 30.67 -6.05
N ASP B 155 -20.16 30.75 -5.20
CA ASP B 155 -20.40 31.93 -4.37
C ASP B 155 -19.25 32.19 -3.40
N ARG B 156 -18.77 31.14 -2.75
CA ARG B 156 -17.66 31.24 -1.80
C ARG B 156 -16.31 31.55 -2.47
N ILE B 157 -16.05 30.93 -3.62
CA ILE B 157 -14.78 31.11 -4.32
C ILE B 157 -14.59 32.57 -4.78
N VAL B 158 -15.49 33.05 -5.63
CA VAL B 158 -15.47 34.44 -6.08
C VAL B 158 -16.06 35.34 -4.98
N SER B 159 -15.29 35.50 -3.91
CA SER B 159 -15.66 36.33 -2.77
C SER B 159 -14.41 36.60 -1.98
N ASP B 160 -14.50 37.52 -1.02
CA ASP B 160 -13.38 37.78 -0.12
C ASP B 160 -13.20 36.72 0.96
N GLU B 161 -14.12 35.75 1.00
CA GLU B 161 -14.00 34.59 1.87
CA GLU B 161 -14.00 34.58 1.88
C GLU B 161 -13.33 33.43 1.12
N GLY B 162 -13.10 33.63 -0.18
CA GLY B 162 -12.44 32.64 -1.04
C GLY B 162 -11.10 33.12 -1.57
N PHE B 163 -11.08 33.62 -2.81
CA PHE B 163 -9.88 34.21 -3.42
C PHE B 163 -9.32 35.43 -2.67
N GLY B 164 -10.21 36.15 -1.96
CA GLY B 164 -9.82 37.29 -1.15
C GLY B 164 -8.90 36.97 0.01
N LEU B 165 -8.79 35.68 0.36
CA LEU B 165 -7.88 35.24 1.42
C LEU B 165 -6.43 35.26 0.95
N ASN B 166 -6.22 35.12 -0.36
CA ASN B 166 -4.90 35.16 -0.96
C ASN B 166 -4.36 36.57 -1.04
N GLU B 167 -3.08 36.73 -0.74
CA GLU B 167 -2.37 37.98 -0.98
C GLU B 167 -2.16 38.17 -2.48
N TYR B 168 -2.61 39.31 -2.98
CA TYR B 168 -2.46 39.67 -4.38
C TYR B 168 -1.00 40.01 -4.69
N ALA B 169 -0.45 39.36 -5.70
CA ALA B 169 0.88 39.67 -6.21
C ALA B 169 0.76 40.87 -7.13
N GLU B 170 1.40 41.98 -6.75
CA GLU B 170 1.31 43.24 -7.50
C GLU B 170 2.20 43.23 -8.74
N THR B 171 1.75 42.54 -9.78
CA THR B 171 2.49 42.39 -11.03
C THR B 171 2.52 43.70 -11.82
N THR B 172 3.62 43.92 -12.55
CA THR B 172 3.89 45.20 -13.21
C THR B 172 3.54 45.20 -14.71
N ARG B 173 3.77 44.07 -15.37
CA ARG B 173 3.56 43.96 -16.81
C ARG B 173 2.25 43.29 -17.16
N ASP B 174 1.77 43.58 -18.36
CA ASP B 174 0.43 43.15 -18.79
C ASP B 174 0.36 41.69 -19.24
N LEU B 175 1.51 41.02 -19.29
CA LEU B 175 1.58 39.60 -19.61
C LEU B 175 2.37 38.83 -18.57
N VAL B 176 1.65 38.13 -17.69
CA VAL B 176 2.27 37.38 -16.60
C VAL B 176 2.31 35.90 -16.96
N VAL B 177 3.51 35.35 -16.95
CA VAL B 177 3.76 33.97 -17.32
C VAL B 177 3.89 33.17 -16.04
N VAL B 178 2.89 32.34 -15.77
CA VAL B 178 2.81 31.60 -14.54
C VAL B 178 3.37 30.19 -14.77
N THR B 179 4.49 29.89 -14.11
CA THR B 179 5.11 28.59 -14.25
C THR B 179 5.52 28.02 -12.87
N ALA B 180 5.97 26.77 -12.85
CA ALA B 180 6.17 26.02 -11.62
C ALA B 180 7.10 24.81 -11.82
N PRO B 181 7.71 24.27 -10.73
CA PRO B 181 8.57 23.07 -10.86
C PRO B 181 7.86 21.82 -11.39
N GLY B 182 6.55 21.71 -11.14
CA GLY B 182 5.78 20.57 -11.64
C GLY B 182 4.29 20.72 -11.38
N PRO B 183 3.52 19.63 -11.58
CA PRO B 183 2.08 19.60 -11.31
C PRO B 183 1.77 19.69 -9.81
N GLY B 184 0.54 20.11 -9.50
CA GLY B 184 0.10 20.25 -8.11
C GLY B 184 0.55 21.51 -7.40
N SER B 185 1.03 22.49 -8.16
CA SER B 185 1.65 23.68 -7.58
C SER B 185 0.71 24.88 -7.47
N GLY B 186 -0.50 24.74 -7.98
CA GLY B 186 -1.54 25.77 -7.84
C GLY B 186 -1.52 26.86 -8.90
N LYS B 187 -0.89 26.59 -10.05
CA LYS B 187 -0.78 27.55 -11.14
C LYS B 187 -2.12 28.13 -11.57
N LEU B 188 -3.07 27.26 -11.90
CA LEU B 188 -4.42 27.65 -12.29
C LEU B 188 -5.09 28.46 -11.19
N ALA B 189 -5.02 27.96 -9.95
CA ALA B 189 -5.65 28.61 -8.81
C ALA B 189 -5.09 30.01 -8.63
N THR B 190 -3.77 30.15 -8.79
CA THR B 190 -3.10 31.44 -8.69
C THR B 190 -3.56 32.38 -9.79
N CYS B 191 -3.55 31.88 -11.03
CA CYS B 191 -4.04 32.66 -12.17
C CYS B 191 -5.44 33.21 -11.95
N LEU B 192 -6.35 32.37 -11.50
CA LEU B 192 -7.74 32.78 -11.27
C LEU B 192 -7.89 33.73 -10.10
N SER B 193 -7.09 33.53 -9.06
CA SER B 193 -7.06 34.42 -7.89
C SER B 193 -6.59 35.81 -8.30
N GLN B 194 -5.50 35.84 -9.07
CA GLN B 194 -4.91 37.09 -9.55
C GLN B 194 -5.87 37.87 -10.46
N VAL B 195 -6.64 37.15 -11.28
CA VAL B 195 -7.68 37.75 -12.13
C VAL B 195 -8.77 38.39 -11.26
N TYR B 196 -9.19 37.68 -10.21
CA TYR B 196 -10.19 38.18 -9.27
C TYR B 196 -9.80 39.54 -8.65
N HIS B 197 -8.58 39.59 -8.09
CA HIS B 197 -8.03 40.79 -7.45
C HIS B 197 -7.86 41.96 -8.42
N GLU B 198 -7.50 41.62 -9.66
CA GLU B 198 -7.34 42.59 -10.73
C GLU B 198 -8.69 43.22 -11.07
N HIS B 199 -9.75 42.41 -11.07
CA HIS B 199 -11.13 42.88 -11.27
C HIS B 199 -11.67 43.72 -10.11
N LYS B 200 -11.15 43.49 -8.91
CA LYS B 200 -11.44 44.35 -7.75
C LYS B 200 -10.78 45.72 -7.91
N ARG B 201 -9.62 45.73 -8.56
CA ARG B 201 -8.85 46.95 -8.81
C ARG B 201 -9.34 47.73 -10.02
N GLY B 202 -10.33 47.21 -10.72
CA GLY B 202 -10.86 47.85 -11.92
C GLY B 202 -10.08 47.53 -13.18
N VAL B 203 -9.02 46.74 -13.05
CA VAL B 203 -8.19 46.33 -14.19
C VAL B 203 -8.80 45.12 -14.89
N ALA B 204 -9.12 45.29 -16.17
CA ALA B 204 -9.64 44.19 -16.98
C ALA B 204 -8.52 43.18 -17.28
N ALA B 205 -8.74 41.93 -16.88
CA ALA B 205 -7.74 40.90 -16.99
C ALA B 205 -8.39 39.57 -17.34
N GLY B 206 -7.59 38.62 -17.80
CA GLY B 206 -8.10 37.30 -18.12
C GLY B 206 -7.08 36.19 -17.93
N TYR B 207 -7.53 34.97 -18.17
CA TYR B 207 -6.71 33.77 -18.04
C TYR B 207 -6.65 33.04 -19.38
N ALA B 208 -5.50 32.45 -19.69
CA ALA B 208 -5.39 31.47 -20.79
C ALA B 208 -4.35 30.39 -20.45
N LYS B 209 -4.35 29.31 -21.24
CA LYS B 209 -3.39 28.22 -21.01
C LYS B 209 -2.49 28.00 -22.22
N PHE B 210 -1.21 27.79 -21.95
CA PHE B 210 -0.23 27.41 -22.96
C PHE B 210 0.32 26.01 -22.72
N GLU B 211 0.12 25.15 -23.71
CA GLU B 211 0.64 23.78 -23.73
CA GLU B 211 0.64 23.77 -23.72
C GLU B 211 0.93 23.34 -25.15
N THR B 212 2.06 22.68 -25.35
CA THR B 212 2.51 22.25 -26.68
C THR B 212 1.77 20.98 -27.13
N PHE B 213 1.51 20.08 -26.20
CA PHE B 213 0.86 18.81 -26.53
C PHE B 213 -0.33 18.52 -25.62
N PRO B 214 -1.41 17.91 -26.16
CA PRO B 214 -1.61 17.50 -27.56
C PRO B 214 -1.93 18.70 -28.44
N ILE B 215 -1.85 18.53 -29.75
CA ILE B 215 -2.07 19.66 -30.66
C ILE B 215 -3.51 19.65 -31.10
N TRP B 216 -4.22 20.69 -30.69
CA TRP B 216 -5.67 20.80 -30.86
C TRP B 216 -6.12 20.61 -32.33
N ASN B 217 -5.35 21.13 -33.28
CA ASN B 217 -5.75 21.07 -34.69
C ASN B 217 -4.98 20.05 -35.54
N LEU B 218 -4.45 19.02 -34.89
CA LEU B 218 -4.03 17.82 -35.59
C LEU B 218 -5.02 16.74 -35.19
N PRO B 219 -5.36 15.83 -36.12
CA PRO B 219 -6.25 14.72 -35.76
C PRO B 219 -5.77 13.91 -34.56
N LEU B 220 -6.72 13.29 -33.86
CA LEU B 220 -6.42 12.41 -32.73
C LEU B 220 -5.52 11.25 -33.17
N GLU B 221 -5.73 10.80 -34.41
CA GLU B 221 -4.97 9.71 -35.03
C GLU B 221 -3.65 10.15 -35.72
N HIS B 222 -3.27 11.42 -35.59
CA HIS B 222 -1.99 11.91 -36.09
C HIS B 222 -0.85 11.44 -35.18
N PRO B 223 0.20 10.85 -35.77
CA PRO B 223 1.38 10.35 -35.04
C PRO B 223 1.92 11.28 -33.96
N VAL B 224 2.00 12.59 -34.23
CA VAL B 224 2.47 13.57 -33.23
C VAL B 224 1.66 13.51 -31.93
N ASN B 225 0.33 13.45 -32.05
CA ASN B 225 -0.56 13.30 -30.89
C ASN B 225 -0.46 11.93 -30.22
N LEU B 226 -0.37 10.89 -31.04
CA LEU B 226 -0.13 9.52 -30.56
C LEU B 226 1.17 9.39 -29.75
N ALA B 227 2.23 10.05 -30.21
CA ALA B 227 3.53 10.04 -29.54
C ALA B 227 3.48 10.74 -28.19
N TYR B 228 2.62 11.75 -28.06
CA TYR B 228 2.37 12.37 -26.75
C TYR B 228 1.74 11.36 -25.79
N GLU B 229 0.76 10.60 -26.28
CA GLU B 229 0.13 9.54 -25.48
C GLU B 229 1.17 8.51 -25.04
N ALA B 230 2.14 8.21 -25.92
CA ALA B 230 3.23 7.29 -25.60
C ALA B 230 4.18 7.87 -24.55
N ALA B 231 4.25 9.19 -24.48
CA ALA B 231 5.11 9.86 -23.53
C ALA B 231 4.42 10.07 -22.19
N THR B 232 3.22 9.53 -22.03
CA THR B 232 2.46 9.73 -20.79
C THR B 232 2.02 8.45 -20.10
N VAL B 233 1.84 8.57 -18.78
CA VAL B 233 1.61 7.45 -17.87
C VAL B 233 0.12 7.19 -17.61
N ASP B 234 -0.62 8.25 -17.29
CA ASP B 234 -1.98 8.11 -16.78
C ASP B 234 -3.06 8.33 -17.85
N LEU B 235 -4.22 7.71 -17.64
CA LEU B 235 -5.40 7.91 -18.49
C LEU B 235 -5.90 9.37 -18.47
N ASN B 236 -5.57 10.12 -17.41
CA ASN B 236 -5.82 11.56 -17.36
C ASN B 236 -5.21 12.38 -18.50
N ASP B 237 -4.13 11.86 -19.08
CA ASP B 237 -3.44 12.54 -20.17
C ASP B 237 -3.85 12.03 -21.55
N ALA B 238 -4.76 11.05 -21.58
CA ALA B 238 -5.21 10.45 -22.83
C ALA B 238 -6.06 11.41 -23.67
N ASN B 239 -5.72 11.51 -24.95
CA ASN B 239 -6.41 12.37 -25.89
C ASN B 239 -7.86 11.98 -26.13
N VAL B 240 -8.72 12.99 -26.17
CA VAL B 240 -10.12 12.80 -26.47
C VAL B 240 -10.56 13.90 -27.42
N ILE B 241 -11.67 13.68 -28.11
CA ILE B 241 -12.32 14.70 -28.90
C ILE B 241 -12.96 15.72 -27.96
N ASP B 242 -12.59 16.98 -28.12
CA ASP B 242 -13.13 18.09 -27.33
C ASP B 242 -14.60 18.27 -27.68
N HIS B 243 -15.45 17.57 -26.94
CA HIS B 243 -16.89 17.56 -27.20
C HIS B 243 -17.58 18.88 -26.92
N PHE B 244 -16.97 19.72 -26.09
CA PHE B 244 -17.46 21.09 -25.87
C PHE B 244 -17.26 21.92 -27.13
N HIS B 245 -16.11 21.74 -27.79
CA HIS B 245 -15.80 22.48 -29.01
C HIS B 245 -16.70 22.06 -30.16
N LEU B 246 -16.98 20.75 -30.22
CA LEU B 246 -17.81 20.16 -31.26
C LEU B 246 -19.30 20.54 -31.12
N ALA B 247 -19.81 20.62 -29.89
CA ALA B 247 -21.18 21.08 -29.66
C ALA B 247 -21.35 22.55 -30.01
N ALA B 248 -20.32 23.35 -29.73
CA ALA B 248 -20.40 24.80 -29.91
C ALA B 248 -20.14 25.28 -31.35
N TYR B 249 -19.27 24.61 -32.08
CA TYR B 249 -18.81 25.10 -33.38
C TYR B 249 -18.95 24.11 -34.53
N GLY B 250 -19.12 22.84 -34.20
CA GLY B 250 -19.17 21.82 -35.23
C GLY B 250 -17.80 21.43 -35.73
N GLU B 251 -16.73 21.91 -35.09
CA GLU B 251 -15.39 21.50 -35.51
C GLU B 251 -14.67 20.55 -34.57
N GLN B 252 -14.05 19.54 -35.16
CA GLN B 252 -13.39 18.48 -34.41
C GLN B 252 -12.00 18.89 -33.99
N THR B 253 -11.75 18.87 -32.68
CA THR B 253 -10.46 19.24 -32.12
C THR B 253 -10.05 18.30 -31.00
N VAL B 254 -8.78 18.37 -30.60
CA VAL B 254 -8.20 17.41 -29.67
C VAL B 254 -7.85 18.08 -28.36
N ASN B 255 -8.37 17.53 -27.28
CA ASN B 255 -7.94 17.87 -25.93
C ASN B 255 -7.67 16.54 -25.23
N TYR B 256 -7.78 16.52 -23.91
CA TYR B 256 -7.45 15.33 -23.13
C TYR B 256 -8.31 15.25 -21.88
N ASN B 257 -8.39 14.04 -21.32
CA ASN B 257 -9.27 13.72 -20.20
C ASN B 257 -9.29 14.70 -19.03
N ARG B 258 -8.12 15.05 -18.48
CA ARG B 258 -8.07 15.90 -17.30
C ARG B 258 -8.70 17.29 -17.51
N ASP B 259 -8.32 17.96 -18.60
CA ASP B 259 -8.84 19.30 -18.89
C ASP B 259 -10.29 19.31 -19.39
N VAL B 260 -10.74 18.21 -20.00
CA VAL B 260 -12.12 18.10 -20.44
C VAL B 260 -13.03 17.84 -19.24
N GLU B 261 -12.55 17.00 -18.32
CA GLU B 261 -13.24 16.73 -17.07
C GLU B 261 -13.34 17.97 -16.16
N ALA B 262 -12.37 18.87 -16.24
CA ALA B 262 -12.30 20.02 -15.33
C ALA B 262 -12.82 21.33 -15.94
N PHE B 263 -13.14 21.29 -17.23
CA PHE B 263 -13.63 22.49 -17.92
C PHE B 263 -14.98 23.07 -17.43
N PRO B 264 -16.01 22.22 -17.18
CA PRO B 264 -17.30 22.79 -16.79
C PRO B 264 -17.30 23.65 -15.53
N LEU B 265 -16.50 23.28 -14.53
CA LEU B 265 -16.35 24.11 -13.34
C LEU B 265 -15.49 25.36 -13.59
N LEU B 266 -14.56 25.25 -14.53
CA LEU B 266 -13.72 26.39 -14.93
C LEU B 266 -14.55 27.42 -15.70
N LYS B 267 -15.47 26.94 -16.54
CA LYS B 267 -16.32 27.81 -17.34
C LYS B 267 -17.23 28.64 -16.44
N THR B 268 -17.84 27.99 -15.46
CA THR B 268 -18.66 28.66 -14.45
C THR B 268 -17.83 29.68 -13.69
N LEU B 269 -16.61 29.29 -13.31
CA LEU B 269 -15.70 30.16 -12.59
C LEU B 269 -15.33 31.42 -13.38
N LEU B 270 -15.04 31.23 -14.66
CA LEU B 270 -14.74 32.35 -15.54
C LEU B 270 -15.96 33.26 -15.76
N GLU B 271 -17.15 32.65 -15.86
CA GLU B 271 -18.40 33.40 -15.99
C GLU B 271 -18.62 34.38 -14.85
N ARG B 272 -18.39 33.91 -13.62
CA ARG B 272 -18.51 34.76 -12.44
C ARG B 272 -17.41 35.81 -12.34
N LEU B 273 -16.20 35.46 -12.79
CA LEU B 273 -15.07 36.39 -12.73
C LEU B 273 -15.10 37.47 -13.83
N MET B 274 -15.80 37.20 -14.93
CA MET B 274 -15.74 38.05 -16.12
C MET B 274 -17.09 38.33 -16.80
N GLY B 275 -18.19 38.13 -16.07
CA GLY B 275 -19.52 38.43 -16.59
C GLY B 275 -20.05 37.30 -17.46
N GLU B 276 -19.43 37.12 -18.62
CA GLU B 276 -19.65 35.92 -19.43
C GLU B 276 -18.29 35.22 -19.69
N SER B 277 -18.34 33.94 -20.06
CA SER B 277 -17.11 33.21 -20.34
C SER B 277 -16.61 33.50 -21.75
N PRO B 278 -15.30 33.79 -21.87
CA PRO B 278 -14.77 34.02 -23.21
C PRO B 278 -14.49 32.72 -23.95
N TYR B 279 -14.68 31.59 -23.27
CA TYR B 279 -14.34 30.28 -23.81
C TYR B 279 -15.51 29.31 -23.79
N GLN B 280 -15.79 28.71 -24.95
CA GLN B 280 -16.83 27.69 -25.03
C GLN B 280 -16.27 26.29 -24.79
N SER B 281 -14.97 26.17 -24.95
CA SER B 281 -14.27 24.88 -24.94
C SER B 281 -12.89 25.05 -24.32
N PRO B 282 -12.28 23.95 -23.84
CA PRO B 282 -10.86 24.05 -23.46
C PRO B 282 -9.91 24.29 -24.65
N THR B 283 -10.37 24.03 -25.88
CA THR B 283 -9.66 24.44 -27.09
C THR B 283 -9.54 25.98 -27.18
N ASP B 284 -10.67 26.68 -27.02
CA ASP B 284 -10.72 28.15 -26.92
C ASP B 284 -9.80 28.71 -25.83
N MET B 285 -9.82 28.06 -24.67
CA MET B 285 -9.00 28.38 -23.50
C MET B 285 -7.50 28.36 -23.86
N GLY B 286 -7.13 27.50 -24.81
CA GLY B 286 -5.74 27.34 -25.22
C GLY B 286 -5.24 28.40 -26.18
N VAL B 287 -3.94 28.35 -26.43
CA VAL B 287 -3.24 29.41 -27.14
C VAL B 287 -2.17 28.86 -28.13
N ASN B 288 -2.03 27.53 -28.17
CA ASN B 288 -1.02 26.78 -28.95
C ASN B 288 -1.02 26.90 -30.50
N MET B 289 0.07 27.42 -31.05
CA MET B 289 0.27 27.56 -32.51
C MET B 289 1.23 26.53 -33.13
N ALA B 290 1.70 25.56 -32.32
CA ALA B 290 2.69 24.56 -32.77
C ALA B 290 2.30 23.78 -34.04
N GLY B 291 1.03 23.40 -34.13
CA GLY B 291 0.52 22.69 -35.30
C GLY B 291 0.48 23.53 -36.57
N ASN B 292 0.36 24.84 -36.43
CA ASN B 292 0.37 25.74 -37.60
C ASN B 292 1.77 26.00 -38.15
N CYS B 293 2.79 25.48 -37.47
CA CYS B 293 4.18 25.75 -37.84
C CYS B 293 4.93 24.51 -38.33
N ILE B 294 4.19 23.42 -38.53
CA ILE B 294 4.73 22.22 -39.16
C ILE B 294 4.90 22.51 -40.64
N SER B 295 6.14 22.47 -41.11
CA SER B 295 6.46 22.83 -42.50
C SER B 295 6.61 21.62 -43.40
N ASP B 296 6.78 20.45 -42.79
CA ASP B 296 6.81 19.18 -43.51
C ASP B 296 6.13 18.12 -42.65
N ASP B 297 4.88 17.85 -42.99
CA ASP B 297 4.03 16.94 -42.20
C ASP B 297 4.55 15.51 -42.16
N ALA B 298 5.04 15.03 -43.31
CA ALA B 298 5.56 13.68 -43.44
C ALA B 298 6.77 13.44 -42.55
N ALA B 299 7.65 14.45 -42.48
CA ALA B 299 8.84 14.38 -41.64
C ALA B 299 8.49 14.27 -40.17
N CYS B 300 7.46 15.00 -39.74
CA CYS B 300 6.97 14.94 -38.36
C CYS B 300 6.26 13.63 -38.09
N ARG B 301 5.51 13.13 -39.08
CA ARG B 301 4.87 11.82 -38.97
C ARG B 301 5.91 10.74 -38.73
N HIS B 302 6.98 10.74 -39.54
CA HIS B 302 8.03 9.75 -39.40
C HIS B 302 8.69 9.83 -38.02
N ALA B 303 9.09 11.05 -37.65
CA ALA B 303 9.80 11.32 -36.41
C ALA B 303 9.03 10.85 -35.18
N SER B 304 7.74 11.14 -35.14
CA SER B 304 6.93 10.78 -33.99
C SER B 304 6.53 9.31 -33.97
N GLU B 305 6.38 8.69 -35.15
CA GLU B 305 6.20 7.23 -35.22
C GLU B 305 7.41 6.49 -34.66
N GLN B 306 8.61 7.02 -34.91
CA GLN B 306 9.83 6.49 -34.32
C GLN B 306 9.88 6.74 -32.82
N GLU B 307 9.28 7.83 -32.36
CA GLU B 307 9.23 8.13 -30.93
C GLU B 307 8.37 7.10 -30.18
N ILE B 308 7.20 6.80 -30.74
CA ILE B 308 6.29 5.79 -30.20
C ILE B 308 6.97 4.44 -29.93
N ILE B 309 7.76 3.96 -30.91
CA ILE B 309 8.45 2.68 -30.76
C ILE B 309 9.48 2.73 -29.64
N ARG B 310 10.23 3.82 -29.58
CA ARG B 310 11.22 4.05 -28.51
C ARG B 310 10.58 3.99 -27.12
N ARG B 311 9.40 4.60 -26.99
CA ARG B 311 8.65 4.62 -25.74
C ARG B 311 8.23 3.24 -25.28
N TYR B 312 7.84 2.39 -26.25
CA TYR B 312 7.47 1.00 -25.99
C TYR B 312 8.62 0.17 -25.39
N PHE B 313 9.81 0.28 -25.98
CA PHE B 313 10.99 -0.42 -25.47
C PHE B 313 11.53 0.17 -24.17
N LYS B 314 11.42 1.50 -24.01
CA LYS B 314 11.74 2.18 -22.74
C LYS B 314 10.93 1.59 -21.60
N ALA B 315 9.62 1.44 -21.84
CA ALA B 315 8.69 0.92 -20.87
C ALA B 315 9.00 -0.52 -20.51
N LEU B 316 9.32 -1.34 -21.51
CA LEU B 316 9.67 -2.75 -21.29
C LEU B 316 10.93 -2.91 -20.46
N VAL B 317 11.95 -2.10 -20.76
CA VAL B 317 13.22 -2.13 -20.03
C VAL B 317 13.02 -1.64 -18.60
N GLU B 318 12.16 -0.64 -18.42
CA GLU B 318 11.85 -0.12 -17.09
C GLU B 318 11.10 -1.18 -16.27
N GLU B 319 10.15 -1.85 -16.92
CA GLU B 319 9.37 -2.93 -16.29
C GLU B 319 10.22 -4.12 -15.88
N ALA B 320 11.18 -4.47 -16.74
CA ALA B 320 12.11 -5.54 -16.46
C ALA B 320 13.03 -5.21 -15.28
N ARG B 321 13.45 -3.95 -15.16
CA ARG B 321 14.36 -3.52 -14.08
C ARG B 321 13.69 -3.46 -12.72
N THR B 322 12.44 -3.00 -12.69
CA THR B 322 11.70 -2.83 -11.42
C THR B 322 10.91 -4.07 -11.03
N GLY B 323 10.65 -4.94 -12.00
CA GLY B 323 9.80 -6.10 -11.79
C GLY B 323 8.33 -5.72 -11.76
N LYS B 324 8.02 -4.55 -12.32
CA LYS B 324 6.64 -4.06 -12.37
C LYS B 324 5.86 -4.85 -13.41
N ASP B 325 4.53 -4.82 -13.30
CA ASP B 325 3.66 -5.43 -14.29
C ASP B 325 3.69 -4.56 -15.55
N SER B 326 3.01 -5.02 -16.60
CA SER B 326 3.16 -4.41 -17.91
C SER B 326 2.11 -3.36 -18.26
N THR B 327 1.66 -2.58 -17.27
CA THR B 327 0.71 -1.50 -17.53
C THR B 327 1.21 -0.53 -18.62
N GLN B 328 2.43 -0.01 -18.43
CA GLN B 328 2.97 1.05 -19.28
C GLN B 328 3.27 0.60 -20.69
N SER B 329 3.83 -0.61 -20.81
CA SER B 329 4.18 -1.15 -22.12
C SER B 329 2.94 -1.54 -22.93
N ASP B 330 1.88 -1.93 -22.23
CA ASP B 330 0.60 -2.26 -22.85
C ASP B 330 -0.06 -1.03 -23.45
N ARG B 331 0.00 0.08 -22.72
CA ARG B 331 -0.55 1.34 -23.23
CA ARG B 331 -0.54 1.36 -23.21
C ARG B 331 0.19 1.79 -24.48
N ALA B 332 1.52 1.69 -24.46
CA ALA B 332 2.36 2.03 -25.62
C ALA B 332 2.08 1.13 -26.84
N ALA B 333 1.70 -0.12 -26.58
CA ALA B 333 1.31 -1.05 -27.65
C ALA B 333 -0.04 -0.70 -28.28
N VAL B 334 -0.98 -0.19 -27.47
CA VAL B 334 -2.25 0.35 -27.95
C VAL B 334 -2.02 1.53 -28.90
N VAL B 335 -1.07 2.39 -28.53
CA VAL B 335 -0.66 3.54 -29.35
C VAL B 335 -0.07 3.07 -30.69
N MET B 336 0.79 2.06 -30.63
CA MET B 336 1.36 1.43 -31.82
C MET B 336 0.28 0.91 -32.75
N ALA B 337 -0.69 0.22 -32.18
CA ALA B 337 -1.86 -0.27 -32.92
C ALA B 337 -2.66 0.86 -33.57
N LYS B 338 -2.84 1.97 -32.85
CA LYS B 338 -3.57 3.14 -33.37
C LYS B 338 -2.80 3.90 -34.44
N ALA B 339 -1.47 3.82 -34.40
CA ALA B 339 -0.63 4.45 -35.40
C ALA B 339 -0.47 3.57 -36.63
N GLY B 340 -0.81 2.28 -36.48
CA GLY B 340 -0.66 1.29 -37.55
C GLY B 340 0.79 0.91 -37.76
N ILE B 341 1.57 0.86 -36.68
CA ILE B 341 3.00 0.56 -36.79
C ILE B 341 3.40 -0.66 -35.95
N LYS B 342 4.46 -1.34 -36.37
CA LYS B 342 5.04 -2.48 -35.66
C LYS B 342 6.38 -2.04 -35.10
N ALA B 343 6.97 -2.87 -34.23
CA ALA B 343 8.30 -2.56 -33.70
C ALA B 343 9.40 -2.78 -34.75
N SER B 344 9.11 -3.61 -35.75
CA SER B 344 10.05 -3.89 -36.84
CA SER B 344 10.06 -3.89 -36.83
C SER B 344 10.33 -2.64 -37.67
N GLN B 345 9.40 -1.70 -37.63
CA GLN B 345 9.52 -0.43 -38.34
C GLN B 345 10.57 0.54 -37.78
N ARG B 346 11.14 0.19 -36.62
CA ARG B 346 12.37 0.80 -36.14
C ARG B 346 13.49 -0.08 -36.71
N VAL B 347 14.23 0.47 -37.66
CA VAL B 347 15.01 -0.36 -38.59
C VAL B 347 16.25 -1.05 -38.02
N VAL B 348 16.61 -0.70 -36.78
CA VAL B 348 17.75 -1.34 -36.13
C VAL B 348 17.34 -2.53 -35.27
N VAL B 349 16.04 -2.76 -35.12
CA VAL B 349 15.54 -3.84 -34.26
C VAL B 349 15.90 -5.21 -34.81
N GLU B 350 15.40 -5.50 -36.02
CA GLU B 350 15.62 -6.82 -36.64
C GLU B 350 17.09 -7.19 -36.96
N PRO B 351 17.91 -6.25 -37.51
CA PRO B 351 19.32 -6.62 -37.68
C PRO B 351 20.06 -6.95 -36.37
N ALA B 352 19.68 -6.29 -35.26
CA ALA B 352 20.31 -6.58 -33.97
C ALA B 352 19.93 -7.97 -33.46
N ARG B 353 18.67 -8.34 -33.66
CA ARG B 353 18.17 -9.67 -33.31
C ARG B 353 18.74 -10.77 -34.20
N GLN B 354 18.96 -10.45 -35.48
CA GLN B 354 19.56 -11.38 -36.44
C GLN B 354 20.98 -11.79 -36.02
N VAL B 355 21.72 -10.84 -35.44
CA VAL B 355 23.05 -11.09 -34.91
C VAL B 355 22.98 -12.04 -33.71
N GLU B 356 21.99 -11.84 -32.84
CA GLU B 356 21.81 -12.72 -31.68
C GLU B 356 21.33 -14.11 -32.09
N GLU B 357 20.48 -14.17 -33.11
CA GLU B 357 20.04 -15.43 -33.71
C GLU B 357 21.23 -16.26 -34.18
N ARG B 358 22.05 -15.65 -35.03
CA ARG B 358 23.12 -16.36 -35.71
C ARG B 358 24.35 -16.64 -34.85
N THR B 359 24.46 -15.98 -33.71
CA THR B 359 25.64 -16.14 -32.84
C THR B 359 25.34 -16.77 -31.48
N SER B 360 24.06 -16.78 -31.08
CA SER B 360 23.63 -17.16 -29.71
C SER B 360 24.24 -16.28 -28.61
N LEU B 361 24.62 -15.05 -28.99
CA LEU B 361 25.28 -14.09 -28.10
C LEU B 361 24.63 -12.72 -28.33
N PRO B 362 24.64 -11.83 -27.30
CA PRO B 362 23.99 -10.51 -27.43
C PRO B 362 24.41 -9.73 -28.67
N GLY B 363 23.42 -9.14 -29.34
CA GLY B 363 23.64 -8.43 -30.59
C GLY B 363 23.30 -6.95 -30.51
N CYS B 364 23.54 -6.23 -31.61
CA CYS B 364 23.66 -4.79 -31.57
C CYS B 364 23.60 -4.20 -32.99
N ALA B 365 22.84 -3.12 -33.18
CA ALA B 365 22.79 -2.44 -34.49
C ALA B 365 22.63 -0.92 -34.38
N ILE B 366 23.23 -0.19 -35.34
CA ILE B 366 23.12 1.29 -35.42
C ILE B 366 22.71 1.74 -36.82
N GLU B 367 21.94 2.83 -36.89
CA GLU B 367 21.65 3.45 -38.18
C GLU B 367 22.33 4.81 -38.26
N LEU B 368 23.26 4.91 -39.20
CA LEU B 368 24.03 6.12 -39.42
C LEU B 368 23.17 7.19 -40.10
N VAL B 369 23.66 8.44 -40.10
CA VAL B 369 22.99 9.56 -40.79
C VAL B 369 22.88 9.22 -42.29
N ASP B 370 23.94 8.58 -42.79
CA ASP B 370 23.99 7.86 -44.07
C ASP B 370 22.71 7.07 -44.39
N GLY B 371 22.21 6.30 -43.42
CA GLY B 371 21.09 5.38 -43.64
C GLY B 371 21.55 3.93 -43.50
N SER B 372 22.87 3.73 -43.55
CA SER B 372 23.47 2.41 -43.46
C SER B 372 23.24 1.75 -42.09
N ILE B 373 23.01 0.45 -42.10
CA ILE B 373 22.87 -0.31 -40.87
C ILE B 373 24.18 -1.02 -40.58
N ILE B 374 24.80 -0.67 -39.46
CA ILE B 374 26.04 -1.30 -39.03
C ILE B 374 25.77 -2.08 -37.75
N THR B 375 26.14 -3.35 -37.74
CA THR B 375 25.88 -4.22 -36.60
C THR B 375 27.13 -4.46 -35.77
N GLY B 376 26.93 -5.04 -34.58
CA GLY B 376 28.02 -5.43 -33.70
C GLY B 376 27.73 -6.75 -33.01
N ALA B 377 28.76 -7.54 -32.78
CA ALA B 377 28.63 -8.87 -32.19
C ALA B 377 29.59 -9.08 -31.04
N THR B 378 29.19 -9.97 -30.13
CA THR B 378 30.04 -10.35 -29.01
C THR B 378 31.14 -11.30 -29.48
N SER B 379 32.37 -10.94 -29.18
CA SER B 379 33.52 -11.79 -29.46
C SER B 379 34.31 -12.00 -28.17
N ASP B 380 35.53 -12.49 -28.29
CA ASP B 380 36.41 -12.69 -27.14
C ASP B 380 36.93 -11.36 -26.61
N LEU B 381 37.34 -10.51 -27.55
CA LEU B 381 37.92 -9.21 -27.25
C LEU B 381 36.87 -8.19 -26.87
N LEU B 382 35.73 -8.22 -27.54
CA LEU B 382 34.78 -7.13 -27.53
C LEU B 382 33.36 -7.56 -27.17
N GLY B 383 32.67 -6.72 -26.40
CA GLY B 383 31.22 -6.81 -26.23
C GLY B 383 30.58 -6.24 -27.48
N CYS B 384 29.30 -6.55 -27.71
CA CYS B 384 28.66 -6.21 -28.98
C CYS B 384 28.46 -4.72 -29.26
N SER B 385 28.31 -3.91 -28.22
CA SER B 385 28.15 -2.47 -28.40
C SER B 385 29.48 -1.82 -28.78
N SER B 386 30.55 -2.27 -28.14
CA SER B 386 31.91 -1.85 -28.47
C SER B 386 32.26 -2.19 -29.91
N SER B 387 31.93 -3.42 -30.29
CA SER B 387 32.09 -3.94 -31.64
C SER B 387 31.30 -3.09 -32.66
N MET B 388 30.07 -2.76 -32.32
CA MET B 388 29.22 -1.89 -33.13
C MET B 388 29.83 -0.50 -33.29
N LEU B 389 30.41 0.04 -32.22
CA LEU B 389 31.07 1.35 -32.26
C LEU B 389 32.24 1.40 -33.23
N LEU B 390 33.18 0.47 -33.05
CA LEU B 390 34.34 0.35 -33.93
C LEU B 390 33.96 0.15 -35.40
N ASN B 391 32.92 -0.65 -35.65
CA ASN B 391 32.47 -0.92 -37.01
C ASN B 391 31.86 0.31 -37.66
N ALA B 392 31.09 1.06 -36.87
CA ALA B 392 30.46 2.28 -37.35
C ALA B 392 31.49 3.37 -37.62
N LEU B 393 32.46 3.50 -36.71
CA LEU B 393 33.55 4.46 -36.84
C LEU B 393 34.39 4.18 -38.10
N LYS B 394 34.64 2.91 -38.37
CA LYS B 394 35.36 2.50 -39.58
C LYS B 394 34.59 2.79 -40.88
N HIS B 395 33.28 2.64 -40.84
CA HIS B 395 32.45 2.81 -42.03
C HIS B 395 32.41 4.27 -42.49
N LEU B 396 32.10 5.18 -41.58
CA LEU B 396 32.03 6.60 -41.95
C LEU B 396 33.37 7.33 -41.91
N ALA B 397 34.45 6.61 -41.61
CA ALA B 397 35.80 7.13 -41.83
C ALA B 397 36.34 6.62 -43.16
N GLY B 398 35.55 5.80 -43.84
CA GLY B 398 35.91 5.22 -45.14
C GLY B 398 37.02 4.20 -45.04
N ILE B 399 37.13 3.57 -43.88
CA ILE B 399 38.18 2.60 -43.58
C ILE B 399 37.71 1.17 -43.93
N ASP B 400 38.56 0.44 -44.63
CA ASP B 400 38.32 -0.92 -45.08
C ASP B 400 37.95 -1.86 -43.95
N ASP B 401 36.99 -2.75 -44.22
CA ASP B 401 36.37 -3.62 -43.23
C ASP B 401 37.32 -4.58 -42.50
N ALA B 402 38.44 -4.93 -43.14
CA ALA B 402 39.41 -5.85 -42.56
C ALA B 402 40.53 -5.16 -41.79
N ILE B 403 40.51 -3.83 -41.73
CA ILE B 403 41.54 -3.08 -41.01
C ILE B 403 41.32 -3.11 -39.50
N HIS B 404 42.31 -3.61 -38.76
CA HIS B 404 42.32 -3.52 -37.30
C HIS B 404 42.77 -2.13 -36.89
N LEU B 405 42.07 -1.53 -35.93
CA LEU B 405 42.51 -0.24 -35.39
C LEU B 405 42.57 -0.22 -33.88
N LEU B 406 43.27 -1.21 -33.30
CA LEU B 406 43.45 -1.30 -31.86
C LEU B 406 44.76 -2.03 -31.60
N SER B 407 45.71 -1.33 -31.02
CA SER B 407 47.04 -1.86 -30.72
C SER B 407 46.93 -2.96 -29.67
N PRO B 408 47.76 -4.01 -29.80
CA PRO B 408 47.88 -5.00 -28.74
C PRO B 408 48.28 -4.38 -27.40
N GLU B 409 49.26 -3.48 -27.42
CA GLU B 409 49.74 -2.85 -26.19
C GLU B 409 48.79 -1.77 -25.66
N SER B 410 47.74 -1.49 -26.42
CA SER B 410 46.65 -0.65 -25.93
C SER B 410 45.55 -1.52 -25.33
N ILE B 411 45.58 -2.81 -25.62
CA ILE B 411 44.60 -3.77 -25.12
C ILE B 411 45.11 -4.48 -23.86
N GLU B 412 46.35 -4.99 -23.93
CA GLU B 412 46.97 -5.74 -22.83
C GLU B 412 46.84 -5.14 -21.41
N PRO B 413 47.22 -3.85 -21.20
CA PRO B 413 47.14 -3.30 -19.84
C PRO B 413 45.74 -3.29 -19.20
N ILE B 414 44.70 -3.20 -20.01
CA ILE B 414 43.32 -3.23 -19.53
C ILE B 414 42.92 -4.63 -19.10
N GLN B 415 43.18 -5.61 -19.97
CA GLN B 415 42.81 -7.01 -19.75
C GLN B 415 43.63 -7.66 -18.64
N THR B 416 44.88 -7.23 -18.48
CA THR B 416 45.75 -7.69 -17.40
C THR B 416 45.23 -7.18 -16.06
N LEU B 417 44.77 -5.93 -16.04
CA LEU B 417 44.18 -5.32 -14.84
C LEU B 417 42.92 -6.08 -14.45
N LYS B 418 42.06 -6.31 -15.43
CA LYS B 418 40.78 -6.99 -15.25
C LYS B 418 40.90 -8.42 -14.70
N THR B 419 41.90 -9.16 -15.18
CA THR B 419 42.00 -10.59 -14.83
C THR B 419 42.85 -10.86 -13.59
N VAL B 420 44.02 -10.21 -13.49
CA VAL B 420 44.93 -10.46 -12.38
C VAL B 420 44.55 -9.65 -11.13
N HIS B 421 44.18 -8.39 -11.33
CA HIS B 421 43.95 -7.49 -10.22
C HIS B 421 42.48 -7.37 -9.81
N LEU B 422 41.58 -7.53 -10.78
CA LEU B 422 40.15 -7.33 -10.51
C LEU B 422 39.34 -8.62 -10.36
N GLY B 423 39.95 -9.74 -10.72
CA GLY B 423 39.33 -11.07 -10.59
C GLY B 423 38.17 -11.35 -11.54
N SER B 424 38.16 -10.67 -12.68
CA SER B 424 37.12 -10.89 -13.68
C SER B 424 37.46 -12.09 -14.56
N SER B 425 36.53 -13.04 -14.62
CA SER B 425 36.68 -14.23 -15.45
C SER B 425 36.49 -13.90 -16.93
N ASN B 426 35.65 -12.92 -17.22
CA ASN B 426 35.42 -12.43 -18.59
C ASN B 426 36.24 -11.18 -18.91
N PRO B 427 37.16 -11.30 -19.89
CA PRO B 427 38.04 -10.19 -20.29
C PRO B 427 37.47 -9.29 -21.39
N ARG B 428 36.19 -9.49 -21.75
CA ARG B 428 35.51 -8.64 -22.74
C ARG B 428 35.59 -7.16 -22.38
N LEU B 429 35.88 -6.34 -23.39
CA LEU B 429 35.98 -4.90 -23.19
C LEU B 429 34.64 -4.20 -23.37
N HIS B 430 34.30 -3.36 -22.40
CA HIS B 430 33.11 -2.53 -22.45
C HIS B 430 33.34 -1.28 -23.33
N THR B 431 32.27 -0.56 -23.61
CA THR B 431 32.30 0.61 -24.49
C THR B 431 33.27 1.72 -24.05
N ASP B 432 33.47 1.87 -22.74
CA ASP B 432 34.41 2.87 -22.23
C ASP B 432 35.86 2.49 -22.43
N GLU B 433 36.19 1.23 -22.16
CA GLU B 433 37.57 0.75 -22.24
C GLU B 433 38.06 0.55 -23.68
N VAL B 434 37.14 0.28 -24.60
CA VAL B 434 37.44 0.21 -26.03
C VAL B 434 37.82 1.60 -26.55
N LEU B 435 36.99 2.59 -26.23
CA LEU B 435 37.24 4.00 -26.60
C LEU B 435 38.57 4.53 -26.04
N ILE B 436 38.88 4.18 -24.79
CA ILE B 436 40.18 4.49 -24.20
C ILE B 436 41.31 3.85 -25.03
N ALA B 437 41.16 2.57 -25.34
CA ALA B 437 42.17 1.81 -26.08
C ALA B 437 42.30 2.29 -27.53
N LEU B 438 41.19 2.81 -28.06
CA LEU B 438 41.18 3.46 -29.35
C LEU B 438 41.94 4.78 -29.29
N SER B 439 41.77 5.51 -28.19
CA SER B 439 42.41 6.81 -28.00
C SER B 439 43.92 6.67 -27.78
N VAL B 440 44.31 5.56 -27.16
CA VAL B 440 45.72 5.22 -26.97
C VAL B 440 46.33 4.80 -28.32
N SER B 441 45.56 4.04 -29.11
CA SER B 441 45.98 3.62 -30.45
C SER B 441 46.11 4.79 -31.42
N ALA B 442 45.32 5.85 -31.18
CA ALA B 442 45.33 7.07 -32.00
C ALA B 442 46.60 7.91 -31.86
N ALA B 443 47.45 7.58 -30.89
CA ALA B 443 48.74 8.22 -30.74
C ALA B 443 49.69 7.84 -31.87
N THR B 444 49.60 6.59 -32.34
CA THR B 444 50.49 6.08 -33.41
C THR B 444 49.78 5.72 -34.72
N ASP B 445 48.48 5.42 -34.65
CA ASP B 445 47.72 4.95 -35.81
C ASP B 445 46.80 6.03 -36.38
N SER B 446 46.94 6.26 -37.68
CA SER B 446 46.11 7.22 -38.43
C SER B 446 44.67 6.75 -38.53
N ASN B 447 44.51 5.43 -38.72
CA ASN B 447 43.19 4.78 -38.77
C ASN B 447 42.36 5.04 -37.51
N ALA B 448 42.98 4.84 -36.35
CA ALA B 448 42.34 5.04 -35.05
C ALA B 448 41.92 6.48 -34.83
N GLN B 449 42.76 7.41 -35.28
CA GLN B 449 42.49 8.84 -35.18
C GLN B 449 41.33 9.24 -36.08
N LYS B 450 41.33 8.71 -37.30
CA LYS B 450 40.24 8.90 -38.27
C LYS B 450 38.92 8.37 -37.71
N ALA B 451 39.00 7.27 -36.95
CA ALA B 451 37.85 6.69 -36.26
C ALA B 451 37.34 7.57 -35.12
N LEU B 452 38.23 8.02 -34.24
CA LEU B 452 37.87 8.91 -33.11
C LEU B 452 37.13 10.18 -33.52
N ASP B 453 37.60 10.81 -34.60
CA ASP B 453 37.03 12.06 -35.11
C ASP B 453 35.58 11.91 -35.59
N GLN B 454 35.17 10.66 -35.79
CA GLN B 454 33.84 10.37 -36.29
C GLN B 454 32.79 10.13 -35.18
N LEU B 455 33.23 10.12 -33.92
CA LEU B 455 32.33 9.91 -32.79
C LEU B 455 31.27 11.00 -32.69
N LYS B 456 31.64 12.22 -33.08
CA LYS B 456 30.71 13.35 -33.08
C LYS B 456 29.57 13.19 -34.09
N ASN B 457 29.78 12.37 -35.12
CA ASN B 457 28.75 12.08 -36.12
C ASN B 457 27.75 11.00 -35.71
N LEU B 458 27.90 10.45 -34.51
CA LEU B 458 26.98 9.42 -34.01
C LEU B 458 25.80 10.03 -33.27
N ARG B 459 25.78 11.36 -33.17
CA ARG B 459 24.70 12.09 -32.48
C ARG B 459 23.37 11.99 -33.24
N GLY B 460 22.30 11.70 -32.51
CA GLY B 460 20.97 11.51 -33.10
C GLY B 460 20.69 10.14 -33.68
N CYS B 461 21.72 9.29 -33.77
CA CYS B 461 21.58 7.95 -34.35
C CYS B 461 20.87 6.96 -33.45
N ASP B 462 20.10 6.08 -34.07
CA ASP B 462 19.30 5.08 -33.37
C ASP B 462 20.05 3.77 -33.20
N VAL B 463 19.92 3.18 -32.01
CA VAL B 463 20.57 1.91 -31.67
C VAL B 463 19.57 0.96 -31.05
N HIS B 464 19.61 -0.30 -31.46
CA HIS B 464 18.94 -1.37 -30.72
C HIS B 464 19.97 -2.39 -30.23
N THR B 465 19.75 -2.90 -29.02
CA THR B 465 20.55 -3.98 -28.47
C THR B 465 19.58 -5.06 -28.03
N THR B 466 20.02 -6.32 -28.03
CA THR B 466 19.16 -7.45 -27.66
C THR B 466 19.15 -7.76 -26.17
N THR B 467 20.06 -7.13 -25.43
CA THR B 467 20.07 -7.24 -23.97
C THR B 467 20.10 -5.85 -23.33
N ILE B 468 19.65 -5.79 -22.07
CA ILE B 468 19.66 -4.56 -21.28
C ILE B 468 21.10 -4.17 -20.96
N LEU B 469 21.46 -2.92 -21.26
CA LEU B 469 22.82 -2.42 -21.03
C LEU B 469 23.06 -2.11 -19.57
N GLY B 470 24.29 -2.34 -19.12
CA GLY B 470 24.75 -1.93 -17.80
C GLY B 470 24.89 -0.43 -17.72
N SER B 471 25.27 0.07 -16.54
CA SER B 471 25.30 1.53 -16.29
C SER B 471 26.39 2.27 -17.08
N VAL B 472 27.50 1.58 -17.35
CA VAL B 472 28.62 2.11 -18.13
C VAL B 472 28.25 2.41 -19.59
N ASP B 473 27.73 1.40 -20.30
CA ASP B 473 27.34 1.51 -21.70
C ASP B 473 26.22 2.53 -21.92
N GLU B 474 25.25 2.52 -21.01
CA GLU B 474 24.16 3.51 -21.00
C GLU B 474 24.74 4.93 -20.92
N GLY B 475 25.77 5.11 -20.10
CA GLY B 475 26.46 6.39 -19.93
C GLY B 475 27.09 6.93 -21.20
N ILE B 476 27.92 6.10 -21.83
CA ILE B 476 28.64 6.47 -23.05
C ILE B 476 27.68 6.83 -24.18
N PHE B 477 26.64 6.01 -24.38
CA PHE B 477 25.66 6.26 -25.42
C PHE B 477 24.84 7.56 -25.20
N ARG B 478 24.65 7.93 -23.93
CA ARG B 478 24.03 9.21 -23.59
C ARG B 478 24.94 10.38 -23.93
N ASN B 479 26.24 10.25 -23.59
CA ASN B 479 27.24 11.28 -23.85
C ASN B 479 27.43 11.57 -25.35
N LEU B 480 27.33 10.53 -26.16
CA LEU B 480 27.46 10.68 -27.61
C LEU B 480 26.14 11.09 -28.25
N GLY B 481 25.06 11.05 -27.46
CA GLY B 481 23.75 11.46 -27.92
C GLY B 481 23.07 10.46 -28.83
N VAL B 482 23.35 9.17 -28.64
CA VAL B 482 22.66 8.15 -29.42
C VAL B 482 21.41 7.67 -28.69
N LEU B 483 20.35 7.41 -29.46
CA LEU B 483 19.08 7.00 -28.92
C LEU B 483 18.98 5.47 -28.89
N VAL B 484 19.00 4.92 -27.68
CA VAL B 484 19.07 3.48 -27.46
C VAL B 484 17.71 2.85 -27.11
N THR B 485 17.42 1.73 -27.75
CA THR B 485 16.38 0.81 -27.29
C THR B 485 16.99 -0.55 -27.01
N SER B 486 16.35 -1.31 -26.14
CA SER B 486 16.82 -2.66 -25.84
C SER B 486 15.67 -3.66 -25.71
N ASP B 487 15.90 -4.87 -26.20
CA ASP B 487 15.02 -6.00 -25.88
C ASP B 487 15.15 -6.23 -24.37
N PRO B 488 14.01 -6.47 -23.68
CA PRO B 488 14.01 -6.54 -22.21
C PRO B 488 14.54 -7.84 -21.61
N LYS B 489 15.77 -8.21 -21.95
CA LYS B 489 16.43 -9.41 -21.41
C LYS B 489 17.74 -9.03 -20.74
N PHE B 490 18.11 -9.78 -19.71
CA PHE B 490 19.42 -9.62 -19.08
C PHE B 490 20.42 -10.59 -19.70
N GLN B 491 21.67 -10.56 -19.23
CA GLN B 491 22.73 -11.39 -19.78
C GLN B 491 22.97 -12.66 -18.98
N THR C 6 -16.59 -13.60 40.94
CA THR C 6 -15.35 -14.05 41.66
C THR C 6 -14.27 -12.95 41.67
N ILE C 7 -13.55 -12.84 42.78
CA ILE C 7 -12.61 -11.72 43.02
C ILE C 7 -11.18 -12.22 43.21
N GLY C 8 -10.28 -11.78 42.33
CA GLY C 8 -8.87 -12.15 42.42
C GLY C 8 -7.92 -10.98 42.57
N PHE C 9 -8.48 -9.78 42.73
CA PHE C 9 -7.70 -8.55 42.85
C PHE C 9 -8.24 -7.74 44.00
N ASP C 10 -7.34 -7.27 44.86
CA ASP C 10 -7.73 -6.46 46.00
C ASP C 10 -7.72 -4.97 45.63
N ARG C 11 -8.93 -4.42 45.48
CA ARG C 11 -9.12 -3.04 45.03
C ARG C 11 -8.60 -1.98 46.02
N GLU C 12 -9.00 -2.10 47.29
CA GLU C 12 -8.61 -1.16 48.32
C GLU C 12 -7.11 -1.22 48.64
N LYS C 13 -6.56 -2.42 48.52
CA LYS C 13 -5.14 -2.65 48.75
C LYS C 13 -4.29 -1.96 47.69
N TYR C 14 -4.76 -1.99 46.45
CA TYR C 14 -4.12 -1.29 45.32
C TYR C 14 -4.11 0.22 45.53
N ILE C 15 -5.26 0.76 45.92
CA ILE C 15 -5.37 2.18 46.20
C ILE C 15 -4.31 2.65 47.22
N GLU C 16 -4.13 1.89 48.31
CA GLU C 16 -3.08 2.20 49.27
C GLU C 16 -1.66 1.93 48.79
N MET C 17 -1.36 0.66 48.49
CA MET C 17 0.00 0.22 48.15
CA MET C 17 0.00 0.24 48.15
C MET C 17 0.59 0.91 46.91
N GLN C 18 -0.21 1.13 45.87
CA GLN C 18 0.28 1.81 44.67
C GLN C 18 0.59 3.29 44.90
N SER C 19 -0.31 4.01 45.58
CA SER C 19 -0.06 5.40 45.95
C SER C 19 1.13 5.55 46.92
N GLN C 20 1.28 4.60 47.84
CA GLN C 20 2.39 4.61 48.79
C GLN C 20 3.74 4.39 48.10
N HIS C 21 3.76 3.50 47.10
CA HIS C 21 4.99 3.19 46.36
C HIS C 21 5.45 4.37 45.51
N ILE C 22 4.48 5.08 44.93
CA ILE C 22 4.74 6.31 44.19
C ILE C 22 5.36 7.37 45.12
N ARG C 23 4.80 7.52 46.31
CA ARG C 23 5.31 8.42 47.36
C ARG C 23 6.75 8.10 47.79
N GLU C 24 7.09 6.81 47.89
CA GLU C 24 8.43 6.37 48.27
C GLU C 24 9.46 6.60 47.16
N ARG C 25 8.99 6.60 45.92
CA ARG C 25 9.86 6.82 44.77
C ARG C 25 10.42 8.24 44.73
N ARG C 26 9.58 9.23 45.03
CA ARG C 26 10.06 10.63 45.09
C ARG C 26 11.00 10.89 46.27
N GLU C 27 10.84 10.11 47.34
CA GLU C 27 11.72 10.23 48.51
C GLU C 27 13.11 9.65 48.23
N ALA C 28 13.15 8.62 47.40
CA ALA C 28 14.42 8.03 46.97
C ALA C 28 15.07 8.92 45.90
N LEU C 29 14.25 9.64 45.14
CA LEU C 29 14.75 10.52 44.08
C LEU C 29 14.93 11.99 44.51
N GLY C 30 14.96 12.22 45.82
CA GLY C 30 15.31 13.54 46.34
C GLY C 30 14.15 14.35 46.90
N GLY C 31 13.03 14.35 46.19
CA GLY C 31 11.87 15.12 46.63
C GLY C 31 10.75 15.33 45.62
N LYS C 32 11.09 15.53 44.35
CA LYS C 32 10.09 15.79 43.31
C LYS C 32 10.10 14.75 42.20
N LEU C 33 8.92 14.36 41.75
CA LEU C 33 8.79 13.28 40.77
C LEU C 33 7.89 13.64 39.61
N TYR C 34 8.38 13.40 38.39
CA TYR C 34 7.58 13.46 37.19
C TYR C 34 7.31 12.03 36.74
N LEU C 35 6.04 11.65 36.74
CA LEU C 35 5.61 10.27 36.58
C LEU C 35 4.83 10.10 35.29
N GLU C 36 5.39 9.34 34.36
CA GLU C 36 4.74 9.06 33.09
C GLU C 36 3.65 8.00 33.25
N MET C 37 2.41 8.35 32.90
CA MET C 37 1.31 7.40 32.89
C MET C 37 1.07 6.88 31.48
N GLY C 38 1.56 5.68 31.20
CA GLY C 38 1.33 5.02 29.93
C GLY C 38 0.04 4.23 29.97
N GLY C 39 -0.86 4.51 29.02
CA GLY C 39 -2.08 3.71 28.86
C GLY C 39 -3.37 4.36 29.33
N LYS C 40 -4.42 3.54 29.35
CA LYS C 40 -5.77 3.94 29.76
C LYS C 40 -5.84 4.35 31.23
N LEU C 41 -6.34 5.55 31.50
CA LEU C 41 -6.45 6.05 32.87
C LEU C 41 -7.86 5.93 33.41
N PHE C 42 -8.83 6.38 32.60
CA PHE C 42 -10.25 6.17 32.87
C PHE C 42 -10.74 4.97 32.06
N ASP C 43 -11.81 4.35 32.56
CA ASP C 43 -12.56 3.30 31.85
C ASP C 43 -11.71 2.16 31.25
N ASP C 44 -10.79 1.63 32.05
CA ASP C 44 -9.94 0.51 31.63
C ASP C 44 -10.71 -0.81 31.74
N MET C 45 -11.52 -1.10 30.71
CA MET C 45 -12.36 -2.29 30.70
C MET C 45 -11.55 -3.60 30.57
N HIS C 46 -10.37 -3.51 29.94
CA HIS C 46 -9.48 -4.67 29.79
C HIS C 46 -8.98 -5.15 31.15
N ALA C 47 -8.39 -4.24 31.91
CA ALA C 47 -7.90 -4.56 33.25
C ALA C 47 -9.01 -5.04 34.20
N SER C 48 -10.24 -4.58 33.97
CA SER C 48 -11.38 -5.00 34.79
C SER C 48 -11.79 -6.45 34.54
N ARG C 49 -11.58 -6.91 33.31
CA ARG C 49 -11.91 -8.28 32.93
C ARG C 49 -10.78 -9.26 33.24
N VAL C 50 -9.54 -8.77 33.17
CA VAL C 50 -8.34 -9.60 33.32
C VAL C 50 -7.95 -9.78 34.79
N LEU C 51 -8.10 -8.72 35.58
CA LEU C 51 -7.84 -8.78 37.02
C LEU C 51 -9.14 -8.54 37.78
N PRO C 52 -9.94 -9.60 38.00
CA PRO C 52 -11.29 -9.44 38.54
C PRO C 52 -11.30 -8.79 39.92
N GLY C 53 -11.92 -7.62 40.00
CA GLY C 53 -11.91 -6.79 41.21
C GLY C 53 -11.28 -5.43 40.96
N PHE C 54 -10.40 -5.36 39.96
CA PHE C 54 -9.90 -4.09 39.44
C PHE C 54 -11.06 -3.41 38.74
N THR C 55 -11.46 -2.24 39.23
CA THR C 55 -12.54 -1.45 38.61
C THR C 55 -12.01 -0.64 37.44
N PRO C 56 -12.85 -0.31 36.44
CA PRO C 56 -12.36 0.48 35.30
C PRO C 56 -11.68 1.80 35.68
N ASP C 57 -12.11 2.40 36.78
CA ASP C 57 -11.53 3.66 37.26
C ASP C 57 -10.59 3.51 38.46
N ASN C 58 -10.08 2.30 38.68
CA ASN C 58 -9.20 1.97 39.81
C ASN C 58 -7.94 2.81 39.94
N LYS C 59 -7.39 3.23 38.79
CA LYS C 59 -6.19 4.07 38.76
C LYS C 59 -6.50 5.50 39.16
N ILE C 60 -7.71 5.96 38.83
CA ILE C 60 -8.16 7.29 39.21
C ILE C 60 -8.44 7.33 40.72
N ALA C 61 -9.04 6.27 41.24
CA ALA C 61 -9.29 6.10 42.66
C ALA C 61 -7.99 5.93 43.47
N MET C 62 -6.94 5.43 42.82
CA MET C 62 -5.60 5.35 43.41
C MET C 62 -4.99 6.75 43.60
N LEU C 63 -5.13 7.59 42.59
CA LEU C 63 -4.62 8.96 42.66
C LEU C 63 -5.43 9.82 43.61
N ASP C 64 -6.72 9.52 43.71
CA ASP C 64 -7.69 10.20 44.58
C ASP C 64 -7.31 10.19 46.08
N ARG C 65 -6.60 9.15 46.51
CA ARG C 65 -6.15 9.04 47.90
C ARG C 65 -4.99 10.00 48.20
N ILE C 66 -4.22 10.34 47.18
CA ILE C 66 -3.09 11.27 47.32
C ILE C 66 -3.33 12.58 46.54
N LYS C 67 -4.61 12.87 46.32
CA LYS C 67 -5.13 14.07 45.64
C LYS C 67 -4.42 15.37 45.97
N ASP C 68 -4.20 15.62 47.26
CA ASP C 68 -3.59 16.88 47.73
C ASP C 68 -2.06 16.92 47.57
N GLU C 69 -1.49 15.88 46.98
CA GLU C 69 -0.04 15.80 46.78
C GLU C 69 0.34 15.81 45.30
N VAL C 70 -0.65 15.65 44.43
CA VAL C 70 -0.41 15.50 42.99
C VAL C 70 -0.87 16.68 42.12
N GLU C 71 -0.22 16.81 40.95
CA GLU C 71 -0.66 17.73 39.90
C GLU C 71 -0.70 17.02 38.53
N ILE C 72 -1.86 17.10 37.88
CA ILE C 72 -2.02 16.56 36.53
C ILE C 72 -1.43 17.52 35.51
N LEU C 73 -0.55 16.99 34.66
CA LEU C 73 0.02 17.74 33.54
C LEU C 73 -0.32 16.98 32.26
N VAL C 74 -0.78 17.70 31.24
CA VAL C 74 -1.26 17.07 30.00
C VAL C 74 -0.34 17.40 28.81
N CYS C 75 0.08 16.35 28.09
CA CYS C 75 0.97 16.50 26.93
C CYS C 75 0.23 16.39 25.60
N ILE C 76 0.63 17.23 24.65
CA ILE C 76 0.06 17.20 23.29
C ILE C 76 1.12 17.52 22.21
N ASN C 77 1.24 16.61 21.24
CA ASN C 77 2.15 16.77 20.11
C ASN C 77 1.56 17.76 19.09
N ALA C 78 2.42 18.60 18.52
CA ALA C 78 2.01 19.63 17.56
C ALA C 78 1.39 19.03 16.29
N LYS C 79 1.98 17.94 15.82
CA LYS C 79 1.56 17.25 14.59
C LYS C 79 0.20 16.54 14.71
N ASP C 80 -0.24 16.29 15.95
CA ASP C 80 -1.50 15.59 16.22
C ASP C 80 -2.75 16.45 15.97
N LEU C 81 -2.56 17.77 16.01
CA LEU C 81 -3.65 18.73 15.78
C LEU C 81 -4.12 18.77 14.34
N GLU C 82 -3.17 19.02 13.44
CA GLU C 82 -3.46 19.39 12.04
C GLU C 82 -3.93 18.24 11.15
N ARG C 83 -3.58 17.01 11.53
CA ARG C 83 -4.04 15.83 10.81
C ARG C 83 -5.38 15.30 11.33
N HIS C 84 -5.90 15.97 12.37
CA HIS C 84 -7.10 15.54 13.12
C HIS C 84 -6.99 14.09 13.61
N LYS C 85 -5.87 13.81 14.30
CA LYS C 85 -5.55 12.50 14.83
C LYS C 85 -6.64 12.02 15.79
N ILE C 86 -7.03 10.76 15.69
CA ILE C 86 -8.25 10.26 16.34
C ILE C 86 -8.09 9.02 17.22
N ARG C 87 -9.11 8.77 18.04
CA ARG C 87 -9.31 7.52 18.77
C ARG C 87 -10.82 7.44 19.08
N ALA C 88 -11.39 6.24 18.91
CA ALA C 88 -12.83 6.05 19.09
C ALA C 88 -13.29 6.15 20.54
N ILE C 92 -14.03 10.60 19.65
CA ILE C 92 -13.81 11.84 18.90
C ILE C 92 -12.33 12.01 18.50
N SER C 93 -11.80 13.22 18.68
CA SER C 93 -10.44 13.55 18.22
C SER C 93 -9.50 13.94 19.37
N TYR C 94 -8.20 14.06 19.03
CA TYR C 94 -7.15 14.54 19.95
C TYR C 94 -7.30 16.04 20.24
N GLU C 95 -8.09 16.72 19.41
CA GLU C 95 -8.39 18.14 19.53
C GLU C 95 -9.14 18.44 20.84
N GLU C 96 -10.25 17.76 21.04
CA GLU C 96 -11.15 18.01 22.18
C GLU C 96 -10.81 17.14 23.39
N ASP C 97 -9.91 16.18 23.23
CA ASP C 97 -9.59 15.25 24.31
C ASP C 97 -8.74 15.87 25.44
N VAL C 98 -7.93 16.87 25.09
CA VAL C 98 -7.21 17.67 26.10
C VAL C 98 -8.21 18.54 26.85
N LEU C 99 -9.22 19.03 26.11
CA LEU C 99 -10.34 19.79 26.69
C LEU C 99 -11.30 18.90 27.50
N ARG C 100 -11.29 17.59 27.22
CA ARG C 100 -12.11 16.61 27.94
C ARG C 100 -11.40 16.04 29.17
N LEU C 101 -10.07 15.88 29.09
CA LEU C 101 -9.27 15.41 30.24
C LEU C 101 -9.26 16.41 31.38
N VAL C 102 -8.98 17.68 31.07
CA VAL C 102 -8.84 18.75 32.06
C VAL C 102 -10.13 18.96 32.88
N ASP C 103 -11.28 19.03 32.21
CA ASP C 103 -12.54 19.28 32.91
C ASP C 103 -13.15 18.07 33.62
N VAL C 104 -12.68 16.86 33.28
CA VAL C 104 -13.13 15.63 33.96
C VAL C 104 -12.27 15.31 35.19
N PHE C 105 -11.02 15.79 35.21
CA PHE C 105 -10.15 15.67 36.37
C PHE C 105 -10.55 16.63 37.48
N ARG C 106 -11.06 17.79 37.10
CA ARG C 106 -11.48 18.82 38.05
C ARG C 106 -12.82 18.51 38.70
N ASP C 107 -13.59 17.59 38.10
CA ASP C 107 -14.86 17.12 38.65
C ASP C 107 -14.68 16.50 40.04
N ARG C 108 -13.64 15.68 40.17
CA ARG C 108 -13.28 15.05 41.43
C ARG C 108 -12.40 15.95 42.30
N GLY C 109 -11.82 16.98 41.68
CA GLY C 109 -11.08 18.00 42.41
C GLY C 109 -9.58 17.88 42.36
N PHE C 110 -9.05 17.38 41.25
CA PHE C 110 -7.61 17.35 41.04
C PHE C 110 -7.10 18.74 40.60
N LEU C 111 -5.83 19.02 40.88
CA LEU C 111 -5.20 20.25 40.43
C LEU C 111 -4.68 20.07 39.01
N VAL C 112 -5.30 20.79 38.06
CA VAL C 112 -4.85 20.80 36.67
C VAL C 112 -4.63 22.25 36.22
N GLU C 113 -3.36 22.67 36.19
CA GLU C 113 -3.02 24.02 35.70
C GLU C 113 -1.86 24.05 34.69
N HIS C 114 -1.44 22.89 34.20
CA HIS C 114 -0.38 22.82 33.20
C HIS C 114 -0.63 21.89 32.02
N VAL C 115 -0.41 22.45 30.82
CA VAL C 115 -0.43 21.70 29.57
C VAL C 115 0.86 22.06 28.80
N VAL C 116 1.65 21.05 28.46
CA VAL C 116 2.91 21.28 27.73
C VAL C 116 2.76 20.99 26.23
N LEU C 117 3.06 22.01 25.43
CA LEU C 117 3.08 21.91 23.97
C LEU C 117 4.42 21.35 23.48
N THR C 118 4.41 20.07 23.09
CA THR C 118 5.62 19.40 22.60
C THR C 118 5.71 19.46 21.07
N GLN C 119 6.94 19.38 20.57
CA GLN C 119 7.27 19.46 19.14
C GLN C 119 6.93 20.84 18.56
N ASN C 122 7.07 27.10 15.22
CA ASN C 122 7.03 28.40 15.86
C ASN C 122 5.80 29.21 15.45
N ASP C 123 5.90 29.88 14.30
CA ASP C 123 4.76 30.62 13.74
C ASP C 123 3.70 29.65 13.22
N ASN C 124 2.69 29.40 14.04
CA ASN C 124 1.57 28.55 13.63
C ASN C 124 0.22 29.24 13.84
N ARG C 125 -0.70 29.06 12.89
CA ARG C 125 -1.96 29.81 12.87
C ARG C 125 -3.03 29.31 13.85
N LEU C 126 -3.13 28.00 14.02
CA LEU C 126 -4.10 27.40 14.95
C LEU C 126 -3.46 26.96 16.28
N ALA C 127 -2.13 26.95 16.32
CA ALA C 127 -1.41 26.56 17.55
C ALA C 127 -1.14 27.74 18.48
N LEU C 128 -1.05 28.94 17.92
CA LEU C 128 -0.99 30.17 18.71
C LEU C 128 -2.37 30.50 19.29
N ALA C 129 -3.42 30.06 18.59
CA ALA C 129 -4.81 30.25 19.03
C ALA C 129 -5.26 29.18 20.05
N PHE C 130 -4.50 28.09 20.14
CA PHE C 130 -4.77 27.05 21.13
C PHE C 130 -4.21 27.45 22.49
N ILE C 131 -3.12 28.23 22.48
CA ILE C 131 -2.58 28.87 23.69
C ILE C 131 -3.65 29.73 24.37
N GLU C 132 -4.27 30.61 23.58
CA GLU C 132 -5.32 31.53 24.04
C GLU C 132 -6.63 30.86 24.47
N ARG C 133 -6.87 29.64 24.00
CA ARG C 133 -8.02 28.85 24.43
C ARG C 133 -7.79 28.32 25.85
N LEU C 134 -6.55 27.96 26.16
CA LEU C 134 -6.19 27.43 27.48
C LEU C 134 -6.17 28.51 28.56
N GLN C 135 -5.57 29.66 28.25
CA GLN C 135 -5.42 30.76 29.18
C GLN C 135 -6.75 31.44 29.55
N ARG C 136 -7.70 31.42 28.61
CA ARG C 136 -9.03 32.01 28.84
C ARG C 136 -9.93 31.11 29.70
N LEU C 137 -9.57 29.83 29.82
CA LEU C 137 -10.32 28.89 30.64
C LEU C 137 -9.46 28.29 31.78
N GLY C 138 -8.31 28.90 32.02
CA GLY C 138 -7.55 28.70 33.25
C GLY C 138 -6.51 27.60 33.31
N ILE C 139 -5.66 27.51 32.29
CA ILE C 139 -4.50 26.60 32.29
C ILE C 139 -3.26 27.22 31.65
N LYS C 140 -2.20 27.35 32.44
CA LYS C 140 -0.91 27.87 31.98
C LYS C 140 -0.23 26.87 31.04
N VAL C 141 0.53 27.38 30.08
CA VAL C 141 1.08 26.54 29.01
C VAL C 141 2.59 26.74 28.79
N SER C 142 3.33 25.64 28.83
CA SER C 142 4.75 25.64 28.51
C SER C 142 4.99 25.21 27.07
N ARG C 143 6.05 25.75 26.47
CA ARG C 143 6.36 25.48 25.07
C ARG C 143 7.67 24.72 24.92
N HIS C 144 7.59 23.54 24.27
CA HIS C 144 8.73 22.65 24.10
C HIS C 144 9.05 22.41 22.62
N ARG C 145 10.32 22.54 22.27
CA ARG C 145 10.74 22.49 20.87
C ARG C 145 11.28 21.12 20.45
N VAL C 146 11.58 20.98 19.16
CA VAL C 146 12.16 19.75 18.62
C VAL C 146 13.69 19.86 18.70
N ILE C 147 14.33 18.78 19.10
CA ILE C 147 15.78 18.76 19.33
C ILE C 147 16.52 18.16 18.12
N PRO C 148 17.57 18.87 17.62
CA PRO C 148 18.46 18.28 16.62
C PRO C 148 19.19 17.03 17.16
N GLY C 149 18.78 15.86 16.68
CA GLY C 149 19.26 14.59 17.21
C GLY C 149 18.53 14.23 18.48
N TYR C 150 17.43 13.48 18.34
CA TYR C 150 16.49 13.24 19.44
C TYR C 150 17.02 12.32 20.58
N PRO C 151 17.42 11.07 20.26
CA PRO C 151 18.02 10.31 21.37
C PRO C 151 19.56 10.35 21.46
N THR C 152 20.25 10.26 20.32
CA THR C 152 21.69 9.98 20.29
C THR C 152 22.61 11.12 20.71
N ASP C 153 22.39 12.32 20.17
CA ASP C 153 23.27 13.48 20.44
C ASP C 153 23.19 13.97 21.88
N MET C 154 24.01 13.38 22.76
CA MET C 154 23.97 13.61 24.20
C MET C 154 24.43 14.99 24.65
N ASP C 155 25.26 15.65 23.82
CA ASP C 155 25.73 17.01 24.10
C ASP C 155 24.66 18.06 23.80
N ARG C 156 23.91 17.85 22.72
CA ARG C 156 22.88 18.79 22.28
C ARG C 156 21.65 18.83 23.18
N ILE C 157 21.35 17.70 23.84
CA ILE C 157 20.19 17.59 24.72
C ILE C 157 20.42 18.31 26.07
N VAL C 158 21.43 17.89 26.82
CA VAL C 158 21.74 18.47 28.13
C VAL C 158 22.58 19.74 27.98
N SER C 159 21.93 20.81 27.50
CA SER C 159 22.58 22.10 27.24
C SER C 159 21.53 23.20 27.04
N ASP C 160 21.98 24.34 26.54
CA ASP C 160 21.10 25.43 26.12
C ASP C 160 20.53 25.16 24.71
N GLU C 161 21.21 24.28 23.97
CA GLU C 161 20.88 24.00 22.57
C GLU C 161 19.68 23.07 22.40
N GLY C 162 19.23 22.45 23.50
CA GLY C 162 18.12 21.49 23.46
C GLY C 162 17.09 21.67 24.56
N PHE C 163 17.44 21.21 25.76
CA PHE C 163 16.56 21.35 26.93
C PHE C 163 16.50 22.78 27.46
N GLY C 164 17.49 23.60 27.11
CA GLY C 164 17.52 25.01 27.46
C GLY C 164 16.53 25.85 26.66
N LEU C 165 16.07 25.30 25.54
CA LEU C 165 15.11 25.98 24.65
C LEU C 165 13.69 26.01 25.22
N ASN C 166 13.37 25.01 26.04
CA ASN C 166 12.01 24.79 26.52
C ASN C 166 11.63 25.65 27.73
N GLU C 167 10.37 26.08 27.75
CA GLU C 167 9.82 26.81 28.88
C GLU C 167 9.55 25.86 30.05
N TYR C 168 10.06 26.23 31.23
CA TYR C 168 9.85 25.45 32.45
C TYR C 168 8.42 25.59 32.95
N ALA C 169 7.82 24.47 33.34
CA ALA C 169 6.49 24.44 33.93
C ALA C 169 6.57 24.66 35.44
N GLU C 170 6.03 25.78 35.92
CA GLU C 170 6.01 26.10 37.35
C GLU C 170 4.97 25.28 38.11
N THR C 171 5.27 23.99 38.30
CA THR C 171 4.38 23.07 38.98
C THR C 171 4.45 23.27 40.49
N THR C 172 3.28 23.29 41.14
CA THR C 172 3.21 23.56 42.58
C THR C 172 3.54 22.32 43.42
N ARG C 173 2.77 21.25 43.24
CA ARG C 173 2.94 20.01 44.01
C ARG C 173 4.18 19.22 43.60
N ASP C 174 4.70 18.41 44.51
CA ASP C 174 5.95 17.66 44.32
C ASP C 174 5.75 16.27 43.71
N LEU C 175 4.57 16.05 43.15
CA LEU C 175 4.27 14.78 42.48
C LEU C 175 3.47 15.10 41.22
N VAL C 176 4.14 15.15 40.08
CA VAL C 176 3.49 15.57 38.84
C VAL C 176 3.16 14.40 37.93
N VAL C 177 1.85 14.13 37.81
CA VAL C 177 1.34 13.03 37.01
C VAL C 177 1.21 13.48 35.56
N VAL C 178 2.13 12.98 34.73
CA VAL C 178 2.25 13.40 33.34
C VAL C 178 1.52 12.41 32.43
N THR C 179 0.46 12.88 31.80
CA THR C 179 -0.39 12.04 30.96
C THR C 179 -0.72 12.74 29.62
N ALA C 180 -1.41 12.03 28.73
CA ALA C 180 -1.70 12.53 27.37
C ALA C 180 -2.88 11.76 26.75
N PRO C 181 -3.54 12.34 25.71
CA PRO C 181 -4.57 11.65 24.91
C PRO C 181 -4.16 10.27 24.36
N GLY C 182 -2.93 10.14 23.89
CA GLY C 182 -2.41 8.88 23.37
C GLY C 182 -0.89 8.82 23.24
N PRO C 183 -0.38 7.72 22.68
CA PRO C 183 1.07 7.47 22.54
C PRO C 183 1.76 8.43 21.57
N GLY C 184 3.05 8.64 21.76
CA GLY C 184 3.86 9.48 20.88
C GLY C 184 3.72 10.97 21.11
N SER C 185 3.13 11.34 22.25
CA SER C 185 2.93 12.75 22.62
C SER C 185 4.15 13.38 23.29
N GLY C 186 5.20 12.57 23.48
CA GLY C 186 6.48 13.04 24.01
C GLY C 186 6.43 13.38 25.49
N LYS C 187 5.65 12.62 26.24
CA LYS C 187 5.52 12.83 27.69
C LYS C 187 6.80 12.47 28.44
N LEU C 188 7.52 11.46 27.95
CA LEU C 188 8.82 11.08 28.49
C LEU C 188 9.82 12.24 28.34
N ALA C 189 9.83 12.86 27.16
CA ALA C 189 10.72 14.00 26.88
C ALA C 189 10.40 15.24 27.72
N THR C 190 9.13 15.38 28.09
CA THR C 190 8.67 16.47 28.96
C THR C 190 9.27 16.33 30.37
N CYS C 191 9.16 15.13 30.93
CA CYS C 191 9.69 14.81 32.26
C CYS C 191 11.18 15.10 32.36
N LEU C 192 11.94 14.60 31.37
CA LEU C 192 13.40 14.75 31.30
C LEU C 192 13.84 16.21 31.16
N SER C 193 13.03 17.00 30.46
CA SER C 193 13.26 18.45 30.33
C SER C 193 12.98 19.16 31.65
N GLN C 194 11.91 18.74 32.32
CA GLN C 194 11.50 19.29 33.61
C GLN C 194 12.51 18.98 34.72
N VAL C 195 13.10 17.79 34.66
CA VAL C 195 14.17 17.38 35.58
C VAL C 195 15.44 18.21 35.37
N TYR C 196 15.75 18.49 34.09
CA TYR C 196 16.87 19.36 33.72
C TYR C 196 16.68 20.77 34.27
N HIS C 197 15.47 21.30 34.12
CA HIS C 197 15.15 22.67 34.51
C HIS C 197 15.15 22.89 36.02
N GLU C 198 14.82 21.85 36.78
CA GLU C 198 14.79 21.94 38.23
C GLU C 198 16.17 21.74 38.85
N HIS C 199 17.00 20.90 38.22
CA HIS C 199 18.38 20.69 38.65
C HIS C 199 19.23 21.95 38.50
N LYS C 200 18.88 22.78 37.52
CA LYS C 200 19.50 24.09 37.33
C LYS C 200 18.98 25.11 38.35
N ARG C 201 17.81 24.82 38.93
CA ARG C 201 17.22 25.66 39.97
C ARG C 201 17.57 25.18 41.40
N GLY C 202 18.33 24.09 41.48
CA GLY C 202 18.77 23.54 42.77
C GLY C 202 17.92 22.41 43.30
N VAL C 203 16.66 22.36 42.84
CA VAL C 203 15.70 21.36 43.28
C VAL C 203 15.99 19.98 42.68
N ALA C 204 16.13 18.97 43.53
CA ALA C 204 16.33 17.60 43.08
C ALA C 204 15.04 17.01 42.50
N ALA C 205 15.12 16.55 41.25
CA ALA C 205 13.97 15.97 40.57
C ALA C 205 14.34 14.64 39.92
N GLY C 206 13.32 13.85 39.59
CA GLY C 206 13.53 12.53 39.01
C GLY C 206 12.36 12.07 38.15
N TYR C 207 12.54 10.92 37.51
CA TYR C 207 11.56 10.34 36.60
C TYR C 207 11.23 8.88 36.98
N ALA C 208 9.98 8.48 36.76
CA ALA C 208 9.56 7.09 36.83
C ALA C 208 8.43 6.83 35.84
N LYS C 209 8.23 5.56 35.46
CA LYS C 209 7.15 5.17 34.55
C LYS C 209 6.09 4.32 35.24
N PHE C 210 4.82 4.66 34.99
CA PHE C 210 3.68 3.93 35.51
C PHE C 210 2.92 3.26 34.38
N GLU C 211 2.69 1.97 34.51
CA GLU C 211 1.85 1.20 33.60
C GLU C 211 1.35 -0.03 34.33
N THR C 212 0.21 -0.56 33.91
CA THR C 212 -0.37 -1.73 34.58
C THR C 212 0.14 -3.02 33.96
N PHE C 213 0.15 -3.06 32.62
CA PHE C 213 0.56 -4.25 31.91
C PHE C 213 1.74 -3.98 30.98
N PRO C 214 2.65 -4.96 30.84
CA PRO C 214 2.67 -6.27 31.51
C PRO C 214 3.06 -6.14 32.98
N ILE C 215 2.77 -7.18 33.76
CA ILE C 215 3.11 -7.17 35.17
C ILE C 215 4.48 -7.82 35.40
N TRP C 216 5.41 -7.01 35.90
CA TRP C 216 6.82 -7.39 36.03
C TRP C 216 7.12 -8.65 36.87
N ASN C 217 6.38 -8.83 37.97
CA ASN C 217 6.61 -9.96 38.88
C ASN C 217 5.71 -11.17 38.65
N LEU C 218 5.17 -11.28 37.44
CA LEU C 218 4.48 -12.48 36.97
C LEU C 218 5.31 -13.07 35.85
N PRO C 219 5.32 -14.41 35.69
CA PRO C 219 6.04 -15.07 34.59
C PRO C 219 5.70 -14.51 33.21
N LEU C 220 6.65 -14.60 32.28
CA LEU C 220 6.44 -14.14 30.91
C LEU C 220 5.18 -14.75 30.29
N GLU C 221 5.05 -16.08 30.41
CA GLU C 221 3.90 -16.81 29.87
C GLU C 221 2.72 -16.97 30.83
N HIS C 222 2.61 -16.07 31.80
CA HIS C 222 1.45 -16.01 32.68
C HIS C 222 0.27 -15.45 31.88
N PRO C 223 -0.93 -16.07 32.01
CA PRO C 223 -2.14 -15.64 31.29
C PRO C 223 -2.43 -14.13 31.29
N VAL C 224 -2.11 -13.44 32.37
CA VAL C 224 -2.31 -11.97 32.47
C VAL C 224 -1.43 -11.20 31.50
N ASN C 225 -0.15 -11.54 31.46
CA ASN C 225 0.80 -10.94 30.51
C ASN C 225 0.47 -11.29 29.08
N LEU C 226 0.17 -12.58 28.84
CA LEU C 226 -0.30 -13.07 27.55
C LEU C 226 -1.57 -12.35 27.06
N ALA C 227 -2.47 -12.03 28.00
CA ALA C 227 -3.71 -11.30 27.66
C ALA C 227 -3.43 -9.88 27.15
N TYR C 228 -2.37 -9.25 27.63
CA TYR C 228 -1.99 -7.93 27.14
C TYR C 228 -1.46 -7.96 25.70
N GLU C 229 -0.69 -9.00 25.38
CA GLU C 229 -0.18 -9.20 24.02
C GLU C 229 -1.33 -9.43 23.05
N ALA C 230 -2.33 -10.19 23.50
CA ALA C 230 -3.54 -10.48 22.74
C ALA C 230 -4.37 -9.24 22.44
N ALA C 231 -4.17 -8.18 23.21
CA ALA C 231 -4.95 -6.95 23.10
C ALA C 231 -4.27 -5.83 22.30
N THR C 232 -3.16 -6.15 21.63
CA THR C 232 -2.42 -5.11 20.90
C THR C 232 -2.21 -5.47 19.42
N VAL C 233 -2.31 -4.44 18.59
CA VAL C 233 -2.25 -4.57 17.13
C VAL C 233 -0.81 -4.55 16.58
N ASP C 234 0.07 -3.78 17.21
CA ASP C 234 1.44 -3.60 16.72
C ASP C 234 2.33 -4.85 16.84
N LEU C 235 3.17 -5.06 15.83
CA LEU C 235 4.08 -6.22 15.73
C LEU C 235 5.22 -6.15 16.76
N ASN C 236 5.71 -4.94 17.02
CA ASN C 236 6.82 -4.71 17.95
C ASN C 236 6.34 -4.35 19.36
N ASP C 237 5.34 -5.09 19.84
CA ASP C 237 4.76 -4.85 21.17
C ASP C 237 4.67 -6.13 22.01
N ALA C 238 5.65 -7.01 21.84
CA ALA C 238 5.70 -8.26 22.58
C ALA C 238 6.37 -8.07 23.95
N ASN C 239 5.97 -8.90 24.91
CA ASN C 239 6.63 -8.96 26.21
C ASN C 239 7.95 -9.72 26.12
N VAL C 240 8.96 -9.23 26.83
CA VAL C 240 10.27 -9.91 26.87
C VAL C 240 10.75 -10.04 28.30
N ILE C 241 11.75 -10.88 28.51
CA ILE C 241 12.45 -10.93 29.77
C ILE C 241 13.36 -9.71 29.84
N ASP C 242 13.30 -9.01 30.97
CA ASP C 242 14.17 -7.87 31.22
C ASP C 242 15.58 -8.40 31.49
N HIS C 243 16.37 -8.47 30.44
CA HIS C 243 17.76 -8.94 30.53
C HIS C 243 18.67 -7.98 31.30
N PHE C 244 18.31 -6.70 31.32
CA PHE C 244 19.02 -5.70 32.11
C PHE C 244 18.89 -6.01 33.60
N HIS C 245 17.67 -6.34 34.01
CA HIS C 245 17.39 -6.72 35.39
C HIS C 245 18.01 -8.07 35.72
N LEU C 246 18.08 -8.95 34.72
CA LEU C 246 18.66 -10.28 34.86
C LEU C 246 20.18 -10.27 35.06
N ALA C 247 20.88 -9.42 34.31
CA ALA C 247 22.33 -9.31 34.43
C ALA C 247 22.78 -8.48 35.63
N ALA C 248 21.89 -7.62 36.14
CA ALA C 248 22.21 -6.77 37.28
C ALA C 248 21.91 -7.42 38.64
N TYR C 249 20.69 -7.93 38.80
CA TYR C 249 20.25 -8.43 40.11
C TYR C 249 20.13 -9.95 40.19
N GLY C 250 20.08 -10.61 39.04
CA GLY C 250 19.96 -12.07 38.99
C GLY C 250 18.54 -12.60 39.07
N GLU C 251 17.56 -11.71 39.21
CA GLU C 251 16.16 -12.13 39.30
C GLU C 251 15.42 -11.92 37.98
N GLN C 252 14.51 -12.84 37.67
CA GLN C 252 13.81 -12.87 36.39
C GLN C 252 12.60 -11.96 36.38
N THR C 253 12.55 -11.07 35.39
CA THR C 253 11.51 -10.04 35.34
C THR C 253 10.94 -9.84 33.93
N VAL C 254 9.72 -9.32 33.85
CA VAL C 254 9.05 -9.07 32.57
C VAL C 254 8.86 -7.58 32.27
N ASN C 255 9.32 -7.16 31.08
CA ASN C 255 8.96 -5.89 30.48
C ASN C 255 8.55 -6.16 29.03
N TYR C 256 8.69 -5.17 28.15
CA TYR C 256 8.29 -5.34 26.76
C TYR C 256 9.30 -4.81 25.75
N ASN C 257 9.12 -5.20 24.49
CA ASN C 257 9.97 -4.81 23.37
C ASN C 257 10.32 -3.33 23.33
N ARG C 258 9.29 -2.48 23.25
CA ARG C 258 9.48 -1.03 23.09
C ARG C 258 10.43 -0.40 24.12
N ASP C 259 10.22 -0.72 25.39
CA ASP C 259 11.01 -0.11 26.48
C ASP C 259 12.39 -0.74 26.70
N VAL C 260 12.50 -2.06 26.48
CA VAL C 260 13.79 -2.76 26.53
C VAL C 260 14.75 -2.24 25.45
N GLU C 261 14.22 -2.09 24.22
CA GLU C 261 14.95 -1.49 23.10
C GLU C 261 15.41 -0.06 23.40
N ALA C 262 14.53 0.74 23.99
CA ALA C 262 14.77 2.16 24.24
C ALA C 262 15.62 2.45 25.49
N PHE C 263 15.86 1.42 26.29
CA PHE C 263 16.52 1.58 27.59
C PHE C 263 17.97 2.10 27.63
N PRO C 264 18.88 1.58 26.77
CA PRO C 264 20.28 2.03 26.89
C PRO C 264 20.50 3.51 26.55
N LEU C 265 19.70 4.05 25.63
CA LEU C 265 19.74 5.47 25.30
C LEU C 265 19.12 6.32 26.39
N LEU C 266 18.09 5.76 27.04
CA LEU C 266 17.40 6.40 28.15
C LEU C 266 18.28 6.40 29.40
N LYS C 267 19.12 5.36 29.53
CA LYS C 267 20.00 5.19 30.69
C LYS C 267 21.15 6.21 30.72
N THR C 268 21.76 6.45 29.56
CA THR C 268 22.85 7.44 29.44
C THR C 268 22.30 8.86 29.63
N LEU C 269 21.06 9.06 29.17
CA LEU C 269 20.33 10.30 29.35
C LEU C 269 20.00 10.58 30.82
N LEU C 270 19.82 9.52 31.61
CA LEU C 270 19.58 9.66 33.05
C LEU C 270 20.87 9.77 33.87
N GLU C 271 22.00 9.35 33.29
CA GLU C 271 23.30 9.49 33.94
C GLU C 271 23.76 10.95 33.94
N ARG C 272 23.39 11.68 32.90
CA ARG C 272 23.70 13.10 32.78
C ARG C 272 22.72 13.98 33.57
N LEU C 273 21.44 13.63 33.52
CA LEU C 273 20.38 14.45 34.12
C LEU C 273 20.14 14.19 35.62
N MET C 274 20.98 13.36 36.22
CA MET C 274 20.82 13.01 37.64
C MET C 274 22.14 12.71 38.34
N GLY C 275 23.25 12.89 37.63
CA GLY C 275 24.58 12.64 38.19
C GLY C 275 24.96 11.18 38.17
N GLU C 276 24.29 10.39 39.01
CA GLU C 276 24.39 8.93 38.98
C GLU C 276 23.19 8.34 38.25
N SER C 277 23.33 7.11 37.77
CA SER C 277 22.21 6.39 37.18
C SER C 277 21.29 5.88 38.29
N PRO C 278 20.01 6.31 38.28
CA PRO C 278 19.08 5.85 39.31
C PRO C 278 18.59 4.40 39.07
N TYR C 279 18.65 3.97 37.82
CA TYR C 279 18.04 2.73 37.39
C TYR C 279 19.01 1.83 36.63
N GLN C 280 18.78 0.53 36.73
CA GLN C 280 19.57 -0.46 36.01
C GLN C 280 18.69 -1.23 35.02
N SER C 281 17.38 -1.07 35.16
CA SER C 281 16.39 -1.83 34.40
C SER C 281 15.22 -0.94 34.01
N PRO C 282 14.49 -1.30 32.94
CA PRO C 282 13.13 -0.81 32.75
C PRO C 282 12.22 -1.15 33.93
N THR C 283 12.49 -2.28 34.59
CA THR C 283 11.79 -2.71 35.79
C THR C 283 12.00 -1.74 36.96
N ASP C 284 13.27 -1.40 37.21
CA ASP C 284 13.64 -0.38 38.20
C ASP C 284 12.94 0.95 37.95
N MET C 285 12.92 1.35 36.67
CA MET C 285 12.24 2.55 36.15
C MET C 285 10.75 2.56 36.47
N GLY C 286 10.15 1.37 36.54
CA GLY C 286 8.73 1.21 36.85
C GLY C 286 8.34 1.45 38.29
N VAL C 287 7.04 1.39 38.56
CA VAL C 287 6.49 1.71 39.87
C VAL C 287 5.27 0.80 40.17
N ASN C 288 4.96 -0.08 39.21
CA ASN C 288 3.76 -0.93 39.25
C ASN C 288 3.67 -1.90 40.44
N MET C 289 2.50 -1.90 41.08
CA MET C 289 2.22 -2.74 42.25
C MET C 289 1.04 -3.70 42.03
N ALA C 290 0.49 -3.70 40.82
CA ALA C 290 -0.70 -4.50 40.49
C ALA C 290 -0.58 -5.98 40.84
N GLY C 291 0.55 -6.58 40.48
CA GLY C 291 0.83 -7.99 40.77
C GLY C 291 0.98 -8.33 42.24
N ASN C 292 1.39 -7.34 43.04
CA ASN C 292 1.46 -7.49 44.50
C ASN C 292 0.09 -7.39 45.15
N CYS C 293 -0.93 -7.09 44.36
CA CYS C 293 -2.29 -6.92 44.86
C CYS C 293 -3.26 -8.00 44.37
N ILE C 294 -2.73 -8.94 43.58
CA ILE C 294 -3.46 -10.16 43.22
C ILE C 294 -3.66 -11.01 44.48
N SER C 295 -4.91 -11.35 44.76
CA SER C 295 -5.26 -12.16 45.91
C SER C 295 -5.55 -13.62 45.53
N ASP C 296 -6.03 -13.84 44.31
CA ASP C 296 -6.33 -15.18 43.81
C ASP C 296 -5.78 -15.36 42.39
N ASP C 297 -4.55 -15.85 42.32
CA ASP C 297 -3.84 -16.09 41.07
C ASP C 297 -4.65 -16.96 40.08
N ALA C 298 -5.24 -18.04 40.59
CA ALA C 298 -6.08 -18.93 39.79
C ALA C 298 -7.33 -18.25 39.20
N ALA C 299 -7.91 -17.32 39.94
CA ALA C 299 -9.05 -16.54 39.42
C ALA C 299 -8.62 -15.58 38.31
N CYS C 300 -7.44 -14.96 38.48
CA CYS C 300 -6.87 -14.09 37.45
C CYS C 300 -6.35 -14.88 36.25
N ARG C 301 -5.82 -16.07 36.51
CA ARG C 301 -5.39 -16.99 35.44
C ARG C 301 -6.57 -17.36 34.56
N HIS C 302 -7.68 -17.74 35.19
CA HIS C 302 -8.89 -18.14 34.47
C HIS C 302 -9.47 -16.99 33.64
N ALA C 303 -9.58 -15.81 34.26
CA ALA C 303 -10.21 -14.65 33.62
C ALA C 303 -9.41 -14.11 32.44
N SER C 304 -8.09 -14.14 32.54
CA SER C 304 -7.25 -13.64 31.45
C SER C 304 -7.14 -14.65 30.32
N GLU C 305 -7.29 -15.94 30.63
CA GLU C 305 -7.41 -16.97 29.60
C GLU C 305 -8.68 -16.78 28.78
N GLN C 306 -9.77 -16.44 29.45
CA GLN C 306 -11.05 -16.17 28.80
C GLN C 306 -10.98 -14.94 27.89
N GLU C 307 -10.19 -13.94 28.32
CA GLU C 307 -9.99 -12.73 27.55
C GLU C 307 -9.21 -13.02 26.27
N ILE C 308 -8.14 -13.80 26.39
CA ILE C 308 -7.36 -14.24 25.24
C ILE C 308 -8.29 -14.81 24.17
N ILE C 309 -9.20 -15.67 24.59
CA ILE C 309 -10.17 -16.29 23.70
C ILE C 309 -11.11 -15.28 23.03
N ARG C 310 -11.59 -14.33 23.83
CA ARG C 310 -12.45 -13.26 23.32
C ARG C 310 -11.77 -12.47 22.20
N ARG C 311 -10.49 -12.16 22.41
CA ARG C 311 -9.70 -11.38 21.45
C ARG C 311 -9.49 -12.10 20.12
N TYR C 312 -9.39 -13.43 20.19
CA TYR C 312 -9.26 -14.28 19.02
C TYR C 312 -10.50 -14.26 18.15
N PHE C 313 -11.65 -14.47 18.78
CA PHE C 313 -12.93 -14.44 18.09
C PHE C 313 -13.25 -13.06 17.53
N LYS C 314 -12.94 -12.02 18.31
CA LYS C 314 -13.10 -10.63 17.88
C LYS C 314 -12.27 -10.31 16.65
N ALA C 315 -11.06 -10.86 16.61
CA ALA C 315 -10.20 -10.72 15.43
C ALA C 315 -10.79 -11.46 14.22
N LEU C 316 -11.31 -12.67 14.44
CA LEU C 316 -11.91 -13.46 13.36
C LEU C 316 -13.13 -12.79 12.74
N VAL C 317 -14.00 -12.28 13.61
CA VAL C 317 -15.21 -11.57 13.19
C VAL C 317 -14.85 -10.28 12.41
N GLU C 318 -13.85 -9.55 12.89
CA GLU C 318 -13.42 -8.31 12.24
C GLU C 318 -12.78 -8.57 10.87
N GLU C 319 -12.02 -9.67 10.76
CA GLU C 319 -11.42 -10.04 9.47
C GLU C 319 -12.47 -10.49 8.46
N ALA C 320 -13.50 -11.17 8.95
CA ALA C 320 -14.61 -11.60 8.11
C ALA C 320 -15.46 -10.42 7.65
N ARG C 321 -15.66 -9.44 8.52
CA ARG C 321 -16.44 -8.24 8.21
C ARG C 321 -15.76 -7.30 7.23
N THR C 322 -14.45 -7.13 7.39
CA THR C 322 -13.67 -6.15 6.60
C THR C 322 -13.07 -6.77 5.34
N GLY C 323 -12.83 -8.08 5.37
CA GLY C 323 -12.22 -8.78 4.25
C GLY C 323 -10.70 -8.83 4.34
N LYS C 324 -10.17 -8.45 5.50
CA LYS C 324 -8.73 -8.37 5.73
C LYS C 324 -8.06 -9.73 5.80
N ASP C 325 -6.74 -9.74 5.68
CA ASP C 325 -5.90 -10.93 5.90
C ASP C 325 -6.03 -11.41 7.36
N SER C 326 -5.63 -12.65 7.60
CA SER C 326 -5.78 -13.28 8.92
C SER C 326 -4.60 -13.04 9.88
N THR C 327 -3.91 -11.91 9.73
CA THR C 327 -2.72 -11.59 10.53
C THR C 327 -2.98 -11.51 12.03
N GLN C 328 -4.03 -10.78 12.39
CA GLN C 328 -4.33 -10.48 13.79
C GLN C 328 -4.92 -11.67 14.54
N SER C 329 -5.70 -12.49 13.84
CA SER C 329 -6.28 -13.70 14.44
C SER C 329 -5.28 -14.84 14.60
N ASP C 330 -4.34 -14.96 13.66
CA ASP C 330 -3.23 -15.92 13.76
C ASP C 330 -2.36 -15.61 14.96
N ARG C 331 -2.12 -14.32 15.22
CA ARG C 331 -1.33 -13.88 16.36
C ARG C 331 -2.01 -14.26 17.68
N ALA C 332 -3.33 -14.11 17.74
CA ALA C 332 -4.10 -14.44 18.95
C ALA C 332 -4.24 -15.95 19.15
N ALA C 333 -4.17 -16.70 18.06
CA ALA C 333 -4.10 -18.16 18.11
C ALA C 333 -2.77 -18.63 18.71
N VAL C 334 -1.69 -17.91 18.39
CA VAL C 334 -0.35 -18.18 18.92
C VAL C 334 -0.31 -17.91 20.43
N VAL C 335 -1.03 -16.88 20.87
CA VAL C 335 -1.16 -16.54 22.29
C VAL C 335 -1.92 -17.62 23.07
N MET C 336 -3.04 -18.07 22.49
CA MET C 336 -3.80 -19.21 23.03
C MET C 336 -2.91 -20.43 23.28
N ALA C 337 -2.13 -20.78 22.26
CA ALA C 337 -1.19 -21.91 22.33
C ALA C 337 -0.07 -21.69 23.34
N LYS C 338 0.36 -20.44 23.53
CA LYS C 338 1.34 -20.09 24.56
C LYS C 338 0.78 -20.28 25.96
N ALA C 339 -0.54 -20.15 26.08
CA ALA C 339 -1.24 -20.41 27.34
C ALA C 339 -1.66 -21.87 27.45
N GLY C 340 -1.59 -22.60 26.32
CA GLY C 340 -2.03 -23.98 26.25
C GLY C 340 -3.53 -24.15 26.40
N ILE C 341 -4.29 -23.22 25.82
CA ILE C 341 -5.75 -23.26 25.85
C ILE C 341 -6.31 -23.43 24.44
N LYS C 342 -7.49 -24.04 24.35
CA LYS C 342 -8.20 -24.18 23.08
C LYS C 342 -9.33 -23.14 23.04
N ALA C 343 -9.88 -22.92 21.86
CA ALA C 343 -11.05 -22.04 21.69
C ALA C 343 -12.29 -22.63 22.35
N SER C 344 -12.32 -23.97 22.43
CA SER C 344 -13.40 -24.73 23.05
C SER C 344 -13.52 -24.47 24.55
N GLN C 345 -12.44 -23.96 25.16
CA GLN C 345 -12.41 -23.70 26.61
C GLN C 345 -13.15 -22.44 27.06
N ARG C 346 -13.69 -21.67 26.11
CA ARG C 346 -14.74 -20.71 26.42
C ARG C 346 -16.00 -21.57 26.48
N VAL C 347 -16.51 -21.75 27.70
CA VAL C 347 -17.48 -22.79 28.02
C VAL C 347 -18.82 -22.73 27.21
N VAL C 348 -19.11 -21.57 26.62
CA VAL C 348 -20.33 -21.40 25.82
C VAL C 348 -20.17 -21.69 24.33
N VAL C 349 -18.95 -22.01 23.90
CA VAL C 349 -18.66 -22.23 22.47
C VAL C 349 -19.32 -23.50 21.96
N GLU C 350 -18.96 -24.65 22.55
CA GLU C 350 -19.51 -25.95 22.15
C GLU C 350 -21.03 -26.14 22.31
N PRO C 351 -21.62 -25.71 23.46
CA PRO C 351 -23.08 -25.76 23.56
C PRO C 351 -23.81 -25.02 22.45
N ALA C 352 -23.25 -23.88 22.02
CA ALA C 352 -23.83 -23.08 20.94
C ALA C 352 -23.77 -23.77 19.59
N ARG C 353 -22.62 -24.36 19.25
CA ARG C 353 -22.55 -25.05 17.96
C ARG C 353 -23.14 -26.46 17.93
N GLN C 354 -23.40 -27.02 19.11
CA GLN C 354 -24.21 -28.25 19.23
C GLN C 354 -25.66 -27.97 18.79
N VAL C 355 -26.19 -26.81 19.22
CA VAL C 355 -27.50 -26.33 18.75
C VAL C 355 -27.53 -26.21 17.22
N GLU C 356 -26.46 -25.65 16.63
CA GLU C 356 -26.35 -25.57 15.17
C GLU C 356 -26.14 -26.94 14.52
N GLU C 357 -25.42 -27.83 15.19
CA GLU C 357 -25.23 -29.21 14.72
C GLU C 357 -26.56 -29.95 14.53
N ARG C 358 -27.45 -29.82 15.51
CA ARG C 358 -28.73 -30.52 15.44
CA ARG C 358 -28.75 -30.50 15.47
C ARG C 358 -29.74 -29.81 14.54
N THR C 359 -29.92 -28.51 14.73
CA THR C 359 -30.96 -27.76 14.03
C THR C 359 -30.65 -27.41 12.57
N SER C 360 -29.36 -27.32 12.23
CA SER C 360 -28.89 -26.77 10.93
C SER C 360 -29.28 -25.30 10.75
N LEU C 361 -29.43 -24.61 11.88
CA LEU C 361 -29.83 -23.22 11.93
C LEU C 361 -28.95 -22.54 12.99
N PRO C 362 -28.71 -21.21 12.86
CA PRO C 362 -27.80 -20.51 13.78
C PRO C 362 -28.07 -20.81 15.26
N GLY C 363 -27.01 -21.07 16.02
CA GLY C 363 -27.11 -21.45 17.43
C GLY C 363 -26.51 -20.44 18.39
N CYS C 364 -26.70 -20.68 19.69
CA CYS C 364 -26.54 -19.63 20.70
C CYS C 364 -26.40 -20.17 22.12
N ALA C 365 -25.51 -19.56 22.92
CA ALA C 365 -25.33 -19.93 24.33
C ALA C 365 -24.87 -18.78 25.23
N ILE C 366 -25.51 -18.65 26.40
CA ILE C 366 -25.06 -17.74 27.47
C ILE C 366 -24.62 -18.54 28.72
N GLU C 367 -23.67 -17.98 29.47
CA GLU C 367 -23.37 -18.49 30.79
C GLU C 367 -23.79 -17.43 31.80
N LEU C 368 -24.66 -17.81 32.73
CA LEU C 368 -25.14 -16.89 33.76
C LEU C 368 -24.12 -16.76 34.90
N VAL C 369 -24.31 -15.75 35.74
CA VAL C 369 -23.43 -15.49 36.89
C VAL C 369 -23.42 -16.71 37.84
N ASP C 370 -24.56 -17.39 37.88
CA ASP C 370 -24.73 -18.73 38.48
C ASP C 370 -23.67 -19.72 38.03
N GLY C 371 -23.49 -19.85 36.71
CA GLY C 371 -22.60 -20.84 36.12
C GLY C 371 -23.37 -21.73 35.16
N SER C 372 -24.69 -21.55 35.14
CA SER C 372 -25.58 -22.34 34.30
C SER C 372 -25.43 -21.94 32.84
N ILE C 373 -25.34 -22.95 31.96
CA ILE C 373 -25.30 -22.69 30.52
C ILE C 373 -26.71 -22.75 29.95
N ILE C 374 -27.16 -21.63 29.39
CA ILE C 374 -28.49 -21.56 28.80
C ILE C 374 -28.35 -21.35 27.30
N THR C 375 -29.05 -22.15 26.52
CA THR C 375 -28.94 -22.11 25.07
C THR C 375 -30.16 -21.47 24.41
N GLY C 376 -30.03 -21.19 23.12
CA GLY C 376 -31.09 -20.56 22.34
C GLY C 376 -31.07 -21.05 20.91
N ALA C 377 -32.25 -21.24 20.33
CA ALA C 377 -32.36 -21.89 19.04
C ALA C 377 -33.24 -21.09 18.09
N THR C 378 -32.96 -21.23 16.80
CA THR C 378 -33.77 -20.57 15.77
C THR C 378 -35.09 -21.30 15.62
N SER C 379 -36.18 -20.57 15.86
CA SER C 379 -37.52 -21.08 15.63
C SER C 379 -38.24 -20.15 14.65
N ASP C 380 -39.49 -20.47 14.34
CA ASP C 380 -40.26 -19.66 13.39
C ASP C 380 -40.64 -18.31 14.00
N LEU C 381 -40.76 -18.27 15.32
CA LEU C 381 -41.11 -17.04 16.02
C LEU C 381 -39.87 -16.21 16.35
N LEU C 382 -38.81 -16.89 16.78
CA LEU C 382 -37.67 -16.25 17.42
C LEU C 382 -36.34 -16.54 16.72
N GLY C 383 -35.46 -15.54 16.72
CA GLY C 383 -34.05 -15.75 16.41
C GLY C 383 -33.39 -16.34 17.63
N CYS C 384 -32.27 -17.04 17.43
CA CYS C 384 -31.63 -17.79 18.53
C CYS C 384 -31.11 -16.90 19.66
N SER C 385 -30.76 -15.66 19.34
CA SER C 385 -30.34 -14.70 20.35
C SER C 385 -31.53 -14.23 21.20
N SER C 386 -32.69 -14.08 20.56
CA SER C 386 -33.93 -13.72 21.24
C SER C 386 -34.46 -14.87 22.09
N SER C 387 -34.27 -16.09 21.60
CA SER C 387 -34.67 -17.30 22.29
C SER C 387 -33.80 -17.48 23.54
N MET C 388 -32.47 -17.39 23.37
CA MET C 388 -31.50 -17.45 24.48
C MET C 388 -31.80 -16.42 25.56
N LEU C 389 -32.15 -15.20 25.14
CA LEU C 389 -32.50 -14.13 26.08
C LEU C 389 -33.67 -14.48 26.99
N LEU C 390 -34.79 -14.86 26.38
CA LEU C 390 -36.00 -15.23 27.12
C LEU C 390 -35.76 -16.42 28.08
N ASN C 391 -35.04 -17.43 27.62
CA ASN C 391 -34.68 -18.59 28.44
C ASN C 391 -33.75 -18.24 29.61
N ALA C 392 -32.84 -17.30 29.40
CA ALA C 392 -31.93 -16.85 30.45
C ALA C 392 -32.68 -16.01 31.47
N LEU C 393 -33.58 -15.16 30.99
CA LEU C 393 -34.40 -14.30 31.83
C LEU C 393 -35.39 -15.08 32.69
N LYS C 394 -35.98 -16.13 32.11
CA LYS C 394 -36.86 -17.07 32.82
C LYS C 394 -36.15 -17.77 33.97
N HIS C 395 -34.98 -18.33 33.68
CA HIS C 395 -34.14 -19.01 34.66
C HIS C 395 -33.77 -18.09 35.82
N LEU C 396 -33.32 -16.88 35.50
CA LEU C 396 -32.91 -15.90 36.49
C LEU C 396 -34.04 -15.43 37.42
N ALA C 397 -35.25 -15.36 36.87
CA ALA C 397 -36.42 -14.92 37.62
C ALA C 397 -37.08 -16.05 38.39
N GLY C 398 -36.60 -17.27 38.19
CA GLY C 398 -37.15 -18.46 38.85
C GLY C 398 -38.45 -18.93 38.22
N ILE C 399 -38.64 -18.57 36.95
CA ILE C 399 -39.83 -18.94 36.18
C ILE C 399 -39.58 -20.26 35.45
N ASP C 400 -40.58 -21.15 35.48
CA ASP C 400 -40.51 -22.41 34.76
C ASP C 400 -40.35 -22.18 33.27
N ASP C 401 -39.56 -23.05 32.63
CA ASP C 401 -39.20 -22.91 31.22
C ASP C 401 -40.37 -23.09 30.26
N ALA C 402 -41.44 -23.73 30.73
CA ALA C 402 -42.61 -24.00 29.90
C ALA C 402 -43.53 -22.78 29.72
N ILE C 403 -43.34 -21.78 30.58
CA ILE C 403 -44.13 -20.55 30.56
C ILE C 403 -43.84 -19.71 29.32
N HIS C 404 -44.91 -19.40 28.57
CA HIS C 404 -44.86 -18.40 27.50
C HIS C 404 -45.02 -17.04 28.15
N LEU C 405 -43.96 -16.23 28.15
CA LEU C 405 -44.08 -14.88 28.74
C LEU C 405 -44.35 -13.78 27.71
N LEU C 406 -44.73 -14.19 26.51
CA LEU C 406 -45.00 -13.25 25.43
C LEU C 406 -46.42 -13.45 24.93
N SER C 407 -47.26 -12.43 25.13
CA SER C 407 -48.66 -12.48 24.70
C SER C 407 -48.78 -12.41 23.18
N PRO C 408 -49.72 -13.18 22.60
CA PRO C 408 -50.01 -13.14 21.16
C PRO C 408 -50.37 -11.76 20.61
N GLU C 409 -50.91 -10.88 21.45
CA GLU C 409 -51.22 -9.51 21.01
C GLU C 409 -50.01 -8.56 21.08
N SER C 410 -48.94 -8.99 21.72
CA SER C 410 -47.67 -8.25 21.68
C SER C 410 -46.86 -8.63 20.43
N ILE C 411 -46.89 -9.91 20.06
CA ILE C 411 -46.14 -10.43 18.92
C ILE C 411 -46.76 -10.08 17.57
N GLU C 412 -48.08 -10.29 17.45
CA GLU C 412 -48.81 -10.08 16.19
C GLU C 412 -48.52 -8.74 15.45
N PRO C 413 -48.63 -7.57 16.14
CA PRO C 413 -48.48 -6.31 15.39
C PRO C 413 -47.07 -6.08 14.81
N ILE C 414 -46.05 -6.61 15.48
CA ILE C 414 -44.69 -6.57 14.96
C ILE C 414 -44.54 -7.40 13.68
N GLN C 415 -44.95 -8.68 13.74
CA GLN C 415 -44.82 -9.60 12.59
C GLN C 415 -45.64 -9.16 11.37
N THR C 416 -46.81 -8.59 11.62
CA THR C 416 -47.67 -8.08 10.56
C THR C 416 -47.01 -6.87 9.88
N LEU C 417 -46.32 -6.06 10.67
CA LEU C 417 -45.60 -4.90 10.16
C LEU C 417 -44.46 -5.32 9.23
N LYS C 418 -43.65 -6.27 9.69
CA LYS C 418 -42.54 -6.79 8.90
CA LYS C 418 -42.54 -6.85 8.92
C LYS C 418 -43.00 -7.46 7.59
N THR C 419 -43.96 -8.37 7.67
CA THR C 419 -44.43 -9.10 6.50
C THR C 419 -45.31 -8.28 5.56
N VAL C 420 -46.46 -7.85 6.05
CA VAL C 420 -47.46 -7.15 5.23
C VAL C 420 -46.95 -5.79 4.74
N HIS C 421 -46.33 -5.03 5.64
CA HIS C 421 -45.98 -3.64 5.33
C HIS C 421 -44.53 -3.37 4.96
N LEU C 422 -43.60 -4.14 5.52
CA LEU C 422 -42.18 -3.93 5.24
C LEU C 422 -41.57 -4.99 4.31
N GLY C 423 -42.45 -5.75 3.64
CA GLY C 423 -42.07 -6.73 2.62
C GLY C 423 -40.98 -7.72 2.99
N SER C 424 -41.07 -8.33 4.17
CA SER C 424 -40.11 -9.35 4.58
C SER C 424 -40.58 -10.77 4.28
N SER C 425 -39.61 -11.63 3.93
CA SER C 425 -39.83 -13.06 3.83
C SER C 425 -39.74 -13.68 5.22
N ASN C 426 -38.84 -13.12 6.05
CA ASN C 426 -38.57 -13.63 7.39
C ASN C 426 -39.31 -12.84 8.48
N PRO C 427 -40.30 -13.48 9.13
CA PRO C 427 -41.07 -12.81 10.17
C PRO C 427 -40.54 -12.98 11.60
N ARG C 428 -39.35 -13.56 11.77
CA ARG C 428 -38.83 -13.83 13.09
C ARG C 428 -38.24 -12.58 13.78
N LEU C 429 -38.26 -12.60 15.10
CA LEU C 429 -38.00 -11.41 15.90
C LEU C 429 -36.55 -11.30 16.37
N HIS C 430 -35.97 -10.14 16.11
CA HIS C 430 -34.64 -9.80 16.61
C HIS C 430 -34.71 -9.40 18.07
N THR C 431 -33.54 -9.25 18.68
CA THR C 431 -33.38 -8.90 20.10
C THR C 431 -34.18 -7.69 20.54
N ASP C 432 -34.11 -6.61 19.77
CA ASP C 432 -34.83 -5.38 20.09
C ASP C 432 -36.34 -5.60 20.02
N GLU C 433 -36.76 -6.45 19.08
CA GLU C 433 -38.18 -6.71 18.87
C GLU C 433 -38.77 -7.60 19.95
N VAL C 434 -38.00 -8.59 20.41
CA VAL C 434 -38.46 -9.44 21.51
C VAL C 434 -38.56 -8.67 22.84
N LEU C 435 -37.69 -7.66 23.02
CA LEU C 435 -37.66 -6.88 24.25
C LEU C 435 -38.74 -5.81 24.29
N ILE C 436 -39.19 -5.37 23.11
CA ILE C 436 -40.34 -4.49 23.02
C ILE C 436 -41.60 -5.30 23.37
N ALA C 437 -41.69 -6.50 22.80
CA ALA C 437 -42.79 -7.43 23.07
C ALA C 437 -42.88 -7.82 24.54
N LEU C 438 -41.73 -8.04 25.17
CA LEU C 438 -41.66 -8.36 26.59
C LEU C 438 -42.14 -7.18 27.43
N SER C 439 -41.80 -5.98 26.99
CA SER C 439 -42.20 -4.76 27.68
C SER C 439 -43.70 -4.48 27.53
N VAL C 440 -44.26 -4.77 26.35
CA VAL C 440 -45.71 -4.68 26.13
C VAL C 440 -46.45 -5.69 27.00
N SER C 441 -45.85 -6.88 27.13
CA SER C 441 -46.41 -7.96 27.95
C SER C 441 -46.29 -7.73 29.45
N ALA C 442 -45.38 -6.84 29.85
CA ALA C 442 -45.12 -6.59 31.27
C ALA C 442 -46.20 -5.75 31.96
N ALA C 443 -46.96 -4.99 31.19
CA ALA C 443 -48.07 -4.19 31.72
C ALA C 443 -49.26 -5.07 32.13
N THR C 444 -49.39 -6.23 31.47
CA THR C 444 -50.48 -7.16 31.72
C THR C 444 -50.08 -8.42 32.49
N ASP C 445 -48.82 -8.85 32.34
CA ASP C 445 -48.34 -10.12 32.94
C ASP C 445 -47.13 -9.93 33.86
N SER C 446 -47.27 -10.45 35.09
CA SER C 446 -46.24 -10.36 36.13
C SER C 446 -44.97 -11.13 35.80
N ASN C 447 -45.13 -12.24 35.07
CA ASN C 447 -43.99 -13.05 34.65
C ASN C 447 -43.06 -12.31 33.70
N ALA C 448 -43.65 -11.56 32.76
CA ALA C 448 -42.91 -10.73 31.83
C ALA C 448 -42.12 -9.63 32.54
N GLN C 449 -42.75 -9.03 33.55
CA GLN C 449 -42.13 -7.94 34.32
C GLN C 449 -40.99 -8.45 35.18
N LYS C 450 -41.20 -9.61 35.82
CA LYS C 450 -40.16 -10.28 36.63
C LYS C 450 -38.96 -10.69 35.79
N ALA C 451 -39.21 -10.95 34.51
CA ALA C 451 -38.15 -11.26 33.55
C ALA C 451 -37.34 -10.03 33.19
N LEU C 452 -38.02 -8.93 32.83
CA LEU C 452 -37.36 -7.67 32.48
C LEU C 452 -36.45 -7.17 33.61
N ASP C 453 -36.91 -7.38 34.85
CA ASP C 453 -36.12 -7.08 36.06
C ASP C 453 -34.72 -7.67 35.99
N GLN C 454 -34.63 -8.87 35.40
CA GLN C 454 -33.40 -9.64 35.39
C GLN C 454 -32.41 -9.23 34.30
N LEU C 455 -32.76 -8.22 33.51
CA LEU C 455 -31.84 -7.69 32.48
C LEU C 455 -30.55 -7.13 33.08
N LYS C 456 -30.64 -6.52 34.27
CA LYS C 456 -29.48 -5.97 34.98
C LYS C 456 -28.43 -7.04 35.34
N ASN C 457 -28.87 -8.28 35.53
CA ASN C 457 -27.98 -9.38 35.92
C ASN C 457 -27.34 -10.12 34.76
N LEU C 458 -27.26 -9.46 33.61
CA LEU C 458 -26.60 -10.03 32.44
C LEU C 458 -25.25 -9.36 32.14
N ARG C 459 -24.96 -8.24 32.81
CA ARG C 459 -23.65 -7.58 32.71
C ARG C 459 -22.55 -8.56 33.06
N GLY C 460 -21.50 -8.61 32.24
CA GLY C 460 -20.37 -9.50 32.49
C GLY C 460 -20.51 -10.92 32.00
N CYS C 461 -21.71 -11.31 31.60
CA CYS C 461 -21.95 -12.68 31.10
C CYS C 461 -21.43 -12.88 29.69
N ASP C 462 -20.85 -14.05 29.47
CA ASP C 462 -20.30 -14.42 28.18
C ASP C 462 -21.36 -15.06 27.30
N VAL C 463 -21.24 -14.82 25.99
CA VAL C 463 -22.15 -15.34 24.96
C VAL C 463 -21.38 -15.78 23.72
N HIS C 464 -21.65 -16.99 23.24
CA HIS C 464 -21.19 -17.38 21.92
C HIS C 464 -22.37 -17.60 20.99
N THR C 465 -22.30 -17.01 19.80
CA THR C 465 -23.25 -17.30 18.73
C THR C 465 -22.50 -17.97 17.59
N THR C 466 -23.20 -18.76 16.78
CA THR C 466 -22.56 -19.49 15.68
C THR C 466 -22.48 -18.66 14.40
N THR C 467 -23.31 -17.61 14.31
CA THR C 467 -23.21 -16.65 13.20
C THR C 467 -22.91 -15.23 13.70
N ILE C 468 -22.41 -14.40 12.81
CA ILE C 468 -22.09 -13.01 13.12
C ILE C 468 -23.39 -12.24 13.26
N LEU C 469 -23.52 -11.51 14.37
CA LEU C 469 -24.70 -10.71 14.66
C LEU C 469 -24.78 -9.46 13.78
N GLY C 470 -26.00 -8.99 13.55
CA GLY C 470 -26.22 -7.74 12.84
C GLY C 470 -25.97 -6.58 13.79
N SER C 471 -26.10 -5.36 13.28
CA SER C 471 -25.83 -4.17 14.08
C SER C 471 -26.83 -4.00 15.22
N VAL C 472 -28.09 -4.34 14.94
CA VAL C 472 -29.17 -4.23 15.90
C VAL C 472 -28.94 -5.12 17.12
N ASP C 473 -28.61 -6.38 16.85
CA ASP C 473 -28.42 -7.39 17.90
C ASP C 473 -27.13 -7.16 18.68
N GLU C 474 -26.12 -6.63 18.00
CA GLU C 474 -24.84 -6.30 18.60
C GLU C 474 -25.01 -5.10 19.55
N GLY C 475 -25.84 -4.15 19.13
CA GLY C 475 -26.16 -2.97 19.94
C GLY C 475 -26.85 -3.32 21.25
N ILE C 476 -27.82 -4.23 21.18
CA ILE C 476 -28.59 -4.66 22.33
C ILE C 476 -27.69 -5.29 23.39
N PHE C 477 -26.80 -6.18 22.97
CA PHE C 477 -25.89 -6.84 23.91
C PHE C 477 -24.84 -5.92 24.52
N ARG C 478 -24.45 -4.87 23.79
CA ARG C 478 -23.57 -3.81 24.31
C ARG C 478 -24.22 -3.06 25.46
N ASN C 479 -25.47 -2.63 25.26
CA ASN C 479 -26.24 -1.92 26.28
C ASN C 479 -26.42 -2.71 27.56
N LEU C 480 -26.49 -4.03 27.42
CA LEU C 480 -26.67 -4.93 28.55
C LEU C 480 -25.34 -5.31 29.21
N GLY C 481 -24.24 -4.98 28.56
CA GLY C 481 -22.89 -5.30 29.04
C GLY C 481 -22.55 -6.78 28.89
N VAL C 482 -23.09 -7.39 27.84
CA VAL C 482 -22.85 -8.80 27.55
C VAL C 482 -21.66 -8.94 26.62
N LEU C 483 -20.74 -9.83 26.96
CA LEU C 483 -19.55 -10.09 26.15
C LEU C 483 -19.80 -11.20 25.12
N VAL C 484 -20.01 -10.79 23.88
CA VAL C 484 -20.37 -11.71 22.79
C VAL C 484 -19.15 -12.11 21.96
N THR C 485 -19.06 -13.40 21.65
CA THR C 485 -18.12 -13.91 20.64
C THR C 485 -18.90 -14.64 19.57
N SER C 486 -18.43 -14.57 18.33
CA SER C 486 -19.11 -15.22 17.22
C SER C 486 -18.16 -16.01 16.34
N ASP C 487 -18.67 -17.08 15.71
CA ASP C 487 -17.91 -17.79 14.71
C ASP C 487 -18.00 -16.98 13.43
N PRO C 488 -16.86 -16.85 12.71
CA PRO C 488 -16.82 -16.05 11.47
C PRO C 488 -17.63 -16.65 10.30
N LYS C 489 -18.96 -16.65 10.47
CA LYS C 489 -19.90 -17.10 9.44
C LYS C 489 -21.08 -16.14 9.41
N PHE C 490 -21.59 -15.87 8.22
CA PHE C 490 -22.82 -15.10 8.10
C PHE C 490 -24.00 -16.04 7.93
N GLN C 491 -25.21 -15.51 8.10
CA GLN C 491 -26.43 -16.28 7.86
C GLN C 491 -26.65 -16.46 6.36
N LYS C 492 -27.36 -17.53 6.00
CA LYS C 492 -27.72 -17.80 4.60
C LYS C 492 -28.81 -16.83 4.14
N ASN C 493 -28.55 -16.14 3.02
CA ASN C 493 -29.47 -15.13 2.49
C ASN C 493 -30.47 -15.70 1.49
N ASN D 5 43.22 -8.27 10.38
CA ASN D 5 43.64 -9.69 10.24
C ASN D 5 44.16 -10.33 11.54
N THR D 6 43.54 -9.97 12.66
CA THR D 6 43.84 -10.60 13.95
C THR D 6 42.82 -11.72 14.25
N ILE D 7 43.33 -12.90 14.63
CA ILE D 7 42.50 -14.10 14.79
C ILE D 7 41.84 -14.17 16.19
N GLY D 8 40.53 -14.41 16.20
CA GLY D 8 39.76 -14.56 17.44
C GLY D 8 38.89 -15.80 17.51
N PHE D 9 38.94 -16.61 16.46
CA PHE D 9 38.17 -17.86 16.39
C PHE D 9 39.08 -19.04 16.06
N ASP D 10 38.94 -20.12 16.82
CA ASP D 10 39.79 -21.30 16.63
C ASP D 10 39.17 -22.25 15.60
N ARG D 11 39.59 -22.15 14.36
CA ARG D 11 38.94 -22.88 13.33
C ARG D 11 39.34 -24.35 13.30
N GLU D 12 40.54 -24.66 13.75
CA GLU D 12 40.92 -26.06 13.89
C GLU D 12 40.15 -26.77 15.01
N LYS D 13 39.94 -26.06 16.12
CA LYS D 13 39.18 -26.61 17.25
C LYS D 13 37.71 -26.82 16.88
N TYR D 14 37.17 -25.90 16.08
CA TYR D 14 35.78 -25.96 15.63
C TYR D 14 35.49 -27.18 14.77
N ILE D 15 36.36 -27.42 13.80
CA ILE D 15 36.26 -28.58 12.91
C ILE D 15 36.33 -29.90 13.70
N GLU D 16 37.15 -29.93 14.74
CA GLU D 16 37.21 -31.07 15.68
C GLU D 16 35.97 -31.18 16.57
N MET D 17 35.59 -30.06 17.19
CA MET D 17 34.57 -30.07 18.25
C MET D 17 33.16 -30.26 17.70
N GLN D 18 32.81 -29.47 16.69
CA GLN D 18 31.47 -29.50 16.08
C GLN D 18 31.14 -30.85 15.46
N SER D 19 32.13 -31.44 14.78
CA SER D 19 31.98 -32.77 14.18
C SER D 19 31.74 -33.84 15.23
N GLN D 20 32.52 -33.79 16.32
CA GLN D 20 32.38 -34.75 17.43
C GLN D 20 31.04 -34.63 18.15
N HIS D 21 30.58 -33.39 18.34
CA HIS D 21 29.33 -33.11 19.05
C HIS D 21 28.10 -33.48 18.22
N ILE D 22 28.17 -33.30 16.91
CA ILE D 22 27.11 -33.72 15.99
C ILE D 22 27.00 -35.25 15.96
N ARG D 23 28.15 -35.92 15.93
CA ARG D 23 28.22 -37.39 15.99
C ARG D 23 27.71 -37.93 17.32
N GLU D 24 27.91 -37.15 18.39
CA GLU D 24 27.45 -37.50 19.72
C GLU D 24 25.92 -37.37 19.86
N ARG D 25 25.32 -36.55 19.00
CA ARG D 25 23.89 -36.32 19.01
C ARG D 25 23.09 -37.47 18.41
N ARG D 26 23.55 -38.02 17.28
CA ARG D 26 22.88 -39.16 16.65
C ARG D 26 22.98 -40.44 17.48
N GLU D 27 24.10 -40.63 18.15
CA GLU D 27 24.30 -41.79 19.02
C GLU D 27 23.44 -41.70 20.27
N ALA D 28 23.09 -40.46 20.67
CA ALA D 28 22.18 -40.25 21.79
C ALA D 28 20.72 -40.23 21.34
N LEU D 29 20.49 -40.17 20.02
CA LEU D 29 19.14 -40.18 19.47
C LEU D 29 18.82 -41.54 18.84
N GLY D 30 19.77 -42.46 18.94
CA GLY D 30 19.62 -43.80 18.38
C GLY D 30 20.84 -44.20 17.57
N GLY D 31 20.93 -43.67 16.35
CA GLY D 31 22.04 -43.96 15.44
C GLY D 31 21.93 -43.21 14.12
N LYS D 32 20.76 -42.62 13.89
CA LYS D 32 20.49 -41.88 12.66
C LYS D 32 20.06 -40.45 13.00
N LEU D 33 20.56 -39.48 12.24
CA LEU D 33 20.20 -38.07 12.44
C LEU D 33 19.82 -37.36 11.16
N TYR D 34 18.74 -36.59 11.22
CA TYR D 34 18.39 -35.68 10.15
C TYR D 34 18.62 -34.25 10.63
N LEU D 35 19.68 -33.64 10.08
CA LEU D 35 20.18 -32.36 10.55
C LEU D 35 19.73 -31.25 9.61
N GLU D 36 18.89 -30.35 10.11
CA GLU D 36 18.50 -29.17 9.36
C GLU D 36 19.64 -28.16 9.35
N MET D 37 20.11 -27.83 8.15
CA MET D 37 21.21 -26.88 7.96
C MET D 37 20.71 -25.62 7.25
N GLY D 38 20.21 -24.67 8.03
CA GLY D 38 19.74 -23.40 7.48
C GLY D 38 20.86 -22.41 7.27
N GLY D 39 20.52 -21.27 6.67
CA GLY D 39 21.48 -20.17 6.46
C GLY D 39 22.45 -20.39 5.32
N LYS D 40 23.42 -19.49 5.20
CA LYS D 40 24.45 -19.56 4.16
C LYS D 40 25.44 -20.67 4.47
N LEU D 41 25.78 -21.46 3.47
CA LEU D 41 26.54 -22.69 3.67
C LEU D 41 27.98 -22.59 3.20
N PHE D 42 28.17 -21.95 2.04
CA PHE D 42 29.49 -21.80 1.45
C PHE D 42 30.03 -20.37 1.55
N ASP D 43 29.12 -19.41 1.61
CA ASP D 43 29.47 -18.00 1.50
C ASP D 43 29.04 -17.18 2.72
N ASP D 44 29.30 -17.69 3.92
CA ASP D 44 28.95 -16.94 5.13
C ASP D 44 29.99 -15.86 5.40
N MET D 45 29.87 -14.77 4.64
CA MET D 45 30.82 -13.66 4.71
C MET D 45 30.68 -12.91 6.03
N HIS D 46 29.44 -12.78 6.50
CA HIS D 46 29.11 -12.18 7.79
C HIS D 46 29.88 -12.87 8.92
N ALA D 47 29.84 -14.19 8.95
CA ALA D 47 30.52 -14.97 9.98
C ALA D 47 32.05 -14.86 9.89
N SER D 48 32.56 -14.60 8.69
CA SER D 48 34.00 -14.42 8.51
C SER D 48 34.47 -13.07 9.06
N ARG D 49 33.59 -12.07 9.04
CA ARG D 49 33.90 -10.74 9.56
C ARG D 49 33.62 -10.60 11.05
N VAL D 50 32.73 -11.44 11.57
CA VAL D 50 32.26 -11.35 12.97
C VAL D 50 33.07 -12.29 13.88
N LEU D 51 33.48 -13.43 13.32
CA LEU D 51 34.30 -14.39 14.03
C LEU D 51 35.59 -14.60 13.27
N PRO D 52 36.58 -13.71 13.48
CA PRO D 52 37.81 -13.74 12.67
C PRO D 52 38.59 -15.04 12.85
N GLY D 53 38.69 -15.81 11.78
CA GLY D 53 39.23 -17.16 11.81
C GLY D 53 38.24 -18.14 11.22
N PHE D 54 36.97 -17.77 11.27
CA PHE D 54 35.89 -18.52 10.64
C PHE D 54 36.00 -18.29 9.13
N THR D 55 36.21 -19.35 8.37
CA THR D 55 36.22 -19.26 6.90
C THR D 55 34.78 -19.27 6.41
N PRO D 56 34.48 -18.53 5.31
CA PRO D 56 33.13 -18.55 4.70
C PRO D 56 32.52 -19.94 4.50
N ASP D 57 33.37 -20.94 4.26
CA ASP D 57 32.95 -22.32 4.03
C ASP D 57 33.22 -23.24 5.23
N ASN D 58 33.31 -22.66 6.42
CA ASN D 58 33.70 -23.40 7.64
C ASN D 58 32.74 -24.51 8.07
N LYS D 59 31.46 -24.34 7.75
CA LYS D 59 30.45 -25.35 8.04
C LYS D 59 30.66 -26.60 7.18
N ILE D 60 31.08 -26.39 5.93
CA ILE D 60 31.32 -27.48 4.99
C ILE D 60 32.64 -28.17 5.28
N ALA D 61 33.64 -27.38 5.66
CA ALA D 61 34.96 -27.88 6.07
C ALA D 61 34.89 -28.69 7.37
N MET D 62 33.91 -28.38 8.21
CA MET D 62 33.60 -29.17 9.40
C MET D 62 33.11 -30.57 9.00
N LEU D 63 32.21 -30.62 8.01
CA LEU D 63 31.64 -31.88 7.53
C LEU D 63 32.67 -32.68 6.74
N ASP D 64 33.61 -31.99 6.10
CA ASP D 64 34.66 -32.62 5.31
C ASP D 64 35.61 -33.48 6.16
N ARG D 65 35.64 -33.22 7.46
CA ARG D 65 36.29 -34.09 8.45
C ARG D 65 35.57 -35.44 8.55
N ILE D 66 34.25 -35.41 8.49
CA ILE D 66 33.43 -36.63 8.64
C ILE D 66 32.63 -37.03 7.39
N LYS D 67 33.12 -36.61 6.21
CA LYS D 67 32.39 -36.75 4.93
C LYS D 67 31.95 -38.18 4.54
N ASP D 68 32.66 -39.19 5.05
CA ASP D 68 32.34 -40.58 4.77
C ASP D 68 31.19 -41.10 5.65
N GLU D 69 30.80 -40.28 6.62
CA GLU D 69 29.66 -40.57 7.49
C GLU D 69 28.49 -39.66 7.14
N VAL D 70 28.67 -38.84 6.10
CA VAL D 70 27.73 -37.77 5.76
C VAL D 70 27.10 -37.94 4.37
N GLU D 71 25.77 -37.87 4.33
CA GLU D 71 25.03 -37.79 3.07
C GLU D 71 24.20 -36.50 3.05
N ILE D 72 24.32 -35.74 1.96
CA ILE D 72 23.59 -34.48 1.79
C ILE D 72 22.27 -34.75 1.07
N LEU D 73 21.18 -34.15 1.58
CA LEU D 73 19.88 -34.18 0.94
C LEU D 73 19.41 -32.75 0.66
N VAL D 74 18.95 -32.50 -0.56
CA VAL D 74 18.49 -31.16 -0.95
C VAL D 74 16.98 -31.10 -1.08
N CYS D 75 16.35 -30.30 -0.24
CA CYS D 75 14.91 -30.06 -0.31
C CYS D 75 14.63 -28.95 -1.31
N ILE D 76 13.42 -28.97 -1.86
CA ILE D 76 12.93 -27.91 -2.75
C ILE D 76 11.40 -27.85 -2.69
N ASN D 77 10.87 -26.66 -2.41
CA ASN D 77 9.44 -26.41 -2.48
C ASN D 77 9.00 -26.43 -3.94
N ALA D 78 8.08 -27.34 -4.28
CA ALA D 78 7.63 -27.53 -5.66
C ALA D 78 6.74 -26.39 -6.17
N LYS D 79 6.23 -25.57 -5.25
CA LYS D 79 5.40 -24.42 -5.59
C LYS D 79 6.23 -23.14 -5.81
N ASP D 80 7.54 -23.25 -5.59
CA ASP D 80 8.50 -22.20 -5.93
C ASP D 80 8.98 -22.31 -7.37
N LEU D 81 8.58 -23.39 -8.06
CA LEU D 81 8.95 -23.63 -9.45
C LEU D 81 8.03 -22.89 -10.42
N GLU D 82 6.72 -23.01 -10.18
CA GLU D 82 5.69 -22.37 -11.00
C GLU D 82 5.67 -20.87 -10.74
N ARG D 83 5.98 -20.50 -9.50
CA ARG D 83 6.13 -19.11 -9.07
C ARG D 83 7.41 -18.49 -9.67
N HIS D 84 8.35 -19.37 -10.03
CA HIS D 84 9.70 -19.00 -10.51
C HIS D 84 10.48 -18.15 -9.50
N LYS D 85 10.41 -18.57 -8.24
CA LYS D 85 11.08 -17.90 -7.13
C LYS D 85 12.58 -17.91 -7.36
N ILE D 86 13.20 -16.75 -7.18
CA ILE D 86 14.62 -16.57 -7.42
C ILE D 86 15.39 -16.28 -6.13
N ARG D 87 16.59 -16.83 -6.02
CA ARG D 87 17.48 -16.48 -4.91
C ARG D 87 18.15 -15.16 -5.25
N ALA D 88 17.92 -14.16 -4.38
CA ALA D 88 18.39 -12.79 -4.60
C ALA D 88 19.90 -12.64 -4.45
N ASP D 89 20.52 -13.53 -3.68
CA ASP D 89 21.96 -13.48 -3.38
C ASP D 89 22.85 -13.71 -4.60
N LEU D 90 22.40 -14.56 -5.52
CA LEU D 90 23.18 -14.87 -6.72
C LEU D 90 22.53 -14.28 -7.98
N GLY D 91 21.34 -14.76 -8.32
CA GLY D 91 20.64 -14.29 -9.50
C GLY D 91 20.14 -15.41 -10.40
N ILE D 92 19.92 -16.58 -9.82
CA ILE D 92 19.31 -17.72 -10.52
C ILE D 92 18.05 -18.18 -9.79
N SER D 93 17.28 -19.05 -10.44
CA SER D 93 16.04 -19.58 -9.85
C SER D 93 16.33 -20.64 -8.79
N TYR D 94 15.30 -20.99 -8.02
CA TYR D 94 15.38 -22.04 -7.00
C TYR D 94 15.54 -23.43 -7.61
N GLU D 95 15.12 -23.58 -8.86
CA GLU D 95 15.31 -24.81 -9.64
C GLU D 95 16.80 -25.07 -9.89
N GLU D 96 17.44 -24.12 -10.56
CA GLU D 96 18.85 -24.24 -10.96
C GLU D 96 19.82 -24.15 -9.78
N ASP D 97 19.32 -23.65 -8.65
CA ASP D 97 20.08 -23.60 -7.41
C ASP D 97 20.26 -24.99 -6.80
N VAL D 98 19.27 -25.86 -7.01
CA VAL D 98 19.34 -27.24 -6.54
C VAL D 98 20.45 -28.00 -7.25
N LEU D 99 20.51 -27.87 -8.58
CA LEU D 99 21.60 -28.45 -9.38
C LEU D 99 22.95 -27.86 -9.01
N ARG D 100 22.97 -26.55 -8.76
CA ARG D 100 24.18 -25.83 -8.36
C ARG D 100 24.67 -26.29 -6.98
N LEU D 101 23.75 -26.71 -6.12
CA LEU D 101 24.09 -27.25 -4.81
C LEU D 101 24.63 -28.69 -4.92
N VAL D 102 24.04 -29.47 -5.82
CA VAL D 102 24.40 -30.88 -5.99
C VAL D 102 25.84 -31.08 -6.49
N ASP D 103 26.21 -30.37 -7.56
CA ASP D 103 27.55 -30.51 -8.14
C ASP D 103 28.66 -29.81 -7.34
N VAL D 104 28.31 -28.80 -6.55
CA VAL D 104 29.29 -28.14 -5.68
C VAL D 104 29.59 -29.02 -4.46
N PHE D 105 28.65 -29.89 -4.09
CA PHE D 105 28.85 -30.85 -3.01
C PHE D 105 29.57 -32.10 -3.51
N ARG D 106 29.24 -32.53 -4.72
CA ARG D 106 29.94 -33.63 -5.37
C ARG D 106 31.39 -33.27 -5.71
N ASP D 107 31.64 -31.99 -5.96
CA ASP D 107 32.99 -31.44 -6.13
C ASP D 107 33.92 -31.82 -4.97
N ARG D 108 33.44 -31.64 -3.75
CA ARG D 108 34.22 -31.98 -2.56
CA ARG D 108 34.18 -31.97 -2.53
C ARG D 108 34.03 -33.44 -2.13
N GLY D 109 33.39 -34.22 -3.01
CA GLY D 109 33.25 -35.66 -2.81
C GLY D 109 32.24 -36.10 -1.75
N PHE D 110 31.28 -35.23 -1.46
CA PHE D 110 30.16 -35.61 -0.61
C PHE D 110 29.19 -36.50 -1.39
N LEU D 111 28.64 -37.51 -0.72
CA LEU D 111 27.68 -38.40 -1.35
C LEU D 111 26.30 -37.77 -1.40
N VAL D 112 25.94 -37.28 -2.59
CA VAL D 112 24.62 -36.69 -2.82
C VAL D 112 23.87 -37.59 -3.81
N GLU D 113 22.72 -38.08 -3.38
CA GLU D 113 21.89 -38.95 -4.22
C GLU D 113 20.40 -38.75 -4.00
N HIS D 114 20.04 -37.81 -3.14
CA HIS D 114 18.63 -37.59 -2.81
C HIS D 114 18.18 -36.14 -2.89
N VAL D 115 17.04 -35.94 -3.55
CA VAL D 115 16.35 -34.66 -3.59
C VAL D 115 14.88 -34.88 -3.23
N VAL D 116 14.38 -34.10 -2.27
CA VAL D 116 13.00 -34.17 -1.83
C VAL D 116 12.21 -32.97 -2.35
N LEU D 117 11.15 -33.25 -3.11
CA LEU D 117 10.22 -32.22 -3.56
C LEU D 117 9.01 -32.12 -2.62
N THR D 118 9.06 -31.15 -1.71
CA THR D 118 7.95 -30.87 -0.79
C THR D 118 6.84 -30.13 -1.53
N GLN D 119 5.60 -30.32 -1.06
CA GLN D 119 4.38 -29.65 -1.57
C GLN D 119 4.01 -30.06 -3.00
N LEU D 120 4.43 -31.26 -3.40
CA LEU D 120 4.19 -31.78 -4.74
C LEU D 120 2.74 -32.22 -4.90
N GLU D 121 2.14 -31.79 -6.01
CA GLU D 121 0.81 -32.24 -6.42
C GLU D 121 0.81 -32.54 -7.91
N ASN D 122 -0.11 -33.40 -8.33
CA ASN D 122 -0.21 -33.86 -9.73
C ASN D 122 -0.54 -32.77 -10.74
N ASP D 123 -1.14 -31.68 -10.25
CA ASP D 123 -1.60 -30.57 -11.09
C ASP D 123 -0.46 -29.76 -11.70
N ASN D 124 0.72 -29.83 -11.08
CA ASN D 124 1.89 -29.06 -11.50
C ASN D 124 2.75 -29.88 -12.48
N ARG D 125 2.86 -29.41 -13.71
CA ARG D 125 3.55 -30.15 -14.77
C ARG D 125 4.99 -29.68 -15.04
N LEU D 126 5.33 -28.48 -14.58
CA LEU D 126 6.71 -28.01 -14.60
C LEU D 126 7.47 -28.72 -13.50
N ALA D 127 6.75 -29.07 -12.43
CA ALA D 127 7.29 -29.85 -11.32
C ALA D 127 7.64 -31.27 -11.74
N LEU D 128 6.73 -31.90 -12.49
CA LEU D 128 6.94 -33.26 -13.02
C LEU D 128 7.98 -33.30 -14.15
N ALA D 129 8.21 -32.15 -14.80
CA ALA D 129 9.26 -32.02 -15.81
C ALA D 129 10.64 -31.97 -15.15
N PHE D 130 10.68 -31.49 -13.91
CA PHE D 130 11.92 -31.40 -13.14
C PHE D 130 12.32 -32.76 -12.53
N ILE D 131 11.32 -33.61 -12.24
CA ILE D 131 11.55 -34.95 -11.72
C ILE D 131 12.40 -35.77 -12.71
N GLU D 132 11.97 -35.78 -13.97
CA GLU D 132 12.62 -36.55 -15.04
C GLU D 132 13.98 -35.97 -15.47
N ARG D 133 14.19 -34.68 -15.20
CA ARG D 133 15.48 -34.05 -15.47
C ARG D 133 16.51 -34.45 -14.41
N LEU D 134 16.02 -34.73 -13.20
CA LEU D 134 16.88 -35.10 -12.06
C LEU D 134 17.24 -36.58 -12.03
N GLN D 135 16.33 -37.43 -12.50
CA GLN D 135 16.56 -38.88 -12.58
C GLN D 135 17.66 -39.23 -13.58
N ARG D 136 17.84 -38.36 -14.57
CA ARG D 136 18.86 -38.53 -15.60
C ARG D 136 20.22 -38.02 -15.14
N LEU D 137 20.21 -37.14 -14.13
CA LEU D 137 21.44 -36.57 -13.56
C LEU D 137 22.10 -37.51 -12.54
N GLY D 138 21.39 -38.56 -12.14
CA GLY D 138 21.96 -39.62 -11.32
C GLY D 138 21.43 -39.73 -9.89
N ILE D 139 20.51 -38.84 -9.53
CA ILE D 139 19.98 -38.82 -8.16
C ILE D 139 18.56 -39.42 -8.03
N LYS D 140 18.29 -40.04 -6.89
CA LYS D 140 16.95 -40.55 -6.55
C LYS D 140 16.08 -39.42 -5.98
N VAL D 141 14.94 -39.17 -6.62
CA VAL D 141 14.06 -38.08 -6.20
C VAL D 141 12.76 -38.56 -5.54
N SER D 142 12.59 -38.21 -4.27
CA SER D 142 11.42 -38.60 -3.49
C SER D 142 10.32 -37.53 -3.52
N ARG D 143 9.06 -37.98 -3.52
CA ARG D 143 7.92 -37.09 -3.64
C ARG D 143 7.20 -36.87 -2.30
N HIS D 144 7.14 -35.61 -1.87
CA HIS D 144 6.45 -35.23 -0.63
C HIS D 144 5.22 -34.37 -0.91
N ARG D 145 4.15 -34.63 -0.17
CA ARG D 145 2.84 -34.01 -0.42
C ARG D 145 2.52 -32.88 0.57
N VAL D 146 1.34 -32.28 0.41
CA VAL D 146 0.84 -31.26 1.33
C VAL D 146 -0.05 -31.94 2.38
N ILE D 147 0.04 -31.49 3.62
CA ILE D 147 -0.80 -32.02 4.71
C ILE D 147 -1.81 -30.94 5.13
N PRO D 148 -3.12 -31.25 5.03
CA PRO D 148 -4.22 -30.30 5.30
C PRO D 148 -4.23 -29.65 6.69
N GLY D 149 -3.93 -30.44 7.73
CA GLY D 149 -3.98 -29.95 9.10
C GLY D 149 -2.68 -29.40 9.66
N TYR D 150 -1.63 -29.38 8.81
CA TYR D 150 -0.28 -28.98 9.22
C TYR D 150 -0.18 -27.47 9.50
N PRO D 151 0.51 -27.09 10.60
CA PRO D 151 1.03 -27.96 11.67
C PRO D 151 0.10 -28.13 12.90
N THR D 152 -0.95 -27.32 12.97
CA THR D 152 -1.78 -27.16 14.17
C THR D 152 -2.64 -28.37 14.58
N ASP D 153 -2.99 -29.21 13.61
CA ASP D 153 -3.76 -30.43 13.87
C ASP D 153 -2.81 -31.62 13.98
N MET D 154 -2.64 -32.12 15.20
CA MET D 154 -1.68 -33.19 15.51
C MET D 154 -2.11 -34.57 15.02
N ASP D 155 -3.41 -34.75 14.82
CA ASP D 155 -3.99 -36.08 14.60
C ASP D 155 -3.82 -36.65 13.19
N ARG D 156 -3.93 -35.80 12.17
CA ARG D 156 -3.72 -36.22 10.78
C ARG D 156 -2.26 -36.51 10.46
N ILE D 157 -1.35 -35.73 11.04
CA ILE D 157 0.02 -35.65 10.54
C ILE D 157 0.71 -37.01 10.62
N VAL D 158 0.46 -37.74 11.69
CA VAL D 158 1.42 -38.70 12.21
C VAL D 158 1.32 -40.04 11.47
N SER D 159 0.08 -40.48 11.25
CA SER D 159 -0.19 -41.90 11.00
C SER D 159 -0.12 -42.23 9.52
N ASP D 160 -1.13 -41.81 8.77
CA ASP D 160 -1.19 -42.08 7.34
C ASP D 160 -1.49 -40.82 6.55
N GLU D 161 -2.54 -40.10 6.97
CA GLU D 161 -3.06 -38.99 6.19
C GLU D 161 -2.02 -37.88 6.04
N GLY D 162 -1.00 -37.92 6.88
CA GLY D 162 0.10 -36.96 6.81
C GLY D 162 1.38 -37.53 6.25
N PHE D 163 2.23 -38.05 7.13
CA PHE D 163 3.56 -38.57 6.75
C PHE D 163 3.53 -39.90 5.98
N GLY D 164 2.37 -40.57 5.99
CA GLY D 164 2.17 -41.80 5.23
C GLY D 164 2.11 -41.61 3.72
N LEU D 165 1.81 -40.37 3.30
CA LEU D 165 1.72 -40.01 1.88
C LEU D 165 3.05 -39.54 1.30
N ASN D 166 4.03 -39.32 2.16
CA ASN D 166 5.36 -38.92 1.74
C ASN D 166 6.21 -40.13 1.36
N GLU D 167 7.00 -39.97 0.29
CA GLU D 167 7.93 -41.01 -0.14
C GLU D 167 9.22 -41.00 0.69
N TYR D 168 9.65 -42.18 1.12
CA TYR D 168 10.87 -42.32 1.90
C TYR D 168 12.11 -42.33 1.02
N ALA D 169 13.13 -41.57 1.42
CA ALA D 169 14.40 -41.53 0.72
C ALA D 169 15.39 -42.49 1.37
N GLU D 170 15.78 -43.51 0.61
CA GLU D 170 16.69 -44.56 1.11
C GLU D 170 18.14 -44.07 1.22
N THR D 171 18.47 -43.49 2.37
CA THR D 171 19.78 -42.90 2.58
C THR D 171 20.80 -43.93 3.09
N THR D 172 21.99 -43.91 2.49
CA THR D 172 23.08 -44.83 2.83
C THR D 172 23.72 -44.48 4.17
N ARG D 173 24.20 -43.23 4.28
CA ARG D 173 24.93 -42.80 5.46
C ARG D 173 24.02 -42.48 6.64
N ASP D 174 24.58 -42.62 7.85
CA ASP D 174 23.83 -42.52 9.10
C ASP D 174 23.62 -41.07 9.58
N LEU D 175 24.30 -40.13 8.93
CA LEU D 175 24.04 -38.71 9.17
C LEU D 175 23.59 -38.03 7.89
N VAL D 176 22.33 -37.57 7.90
CA VAL D 176 21.75 -36.94 6.72
C VAL D 176 21.55 -35.45 6.93
N VAL D 177 22.31 -34.67 6.17
CA VAL D 177 22.27 -33.22 6.26
C VAL D 177 21.21 -32.69 5.30
N VAL D 178 20.20 -32.03 5.85
CA VAL D 178 19.07 -31.53 5.07
C VAL D 178 19.25 -30.06 4.71
N THR D 179 19.25 -29.80 3.40
CA THR D 179 19.64 -28.51 2.83
C THR D 179 18.57 -28.03 1.84
N ALA D 180 18.51 -26.72 1.61
CA ALA D 180 17.54 -26.12 0.70
C ALA D 180 18.13 -24.83 0.10
N PRO D 181 17.62 -24.39 -1.08
CA PRO D 181 18.07 -23.14 -1.71
C PRO D 181 17.79 -21.86 -0.91
N GLY D 182 16.78 -21.92 -0.04
CA GLY D 182 16.41 -20.79 0.80
C GLY D 182 15.32 -21.18 1.79
N PRO D 183 14.80 -20.20 2.56
CA PRO D 183 13.78 -20.47 3.57
C PRO D 183 12.42 -20.83 2.96
N GLY D 184 11.73 -21.77 3.60
CA GLY D 184 10.39 -22.18 3.18
C GLY D 184 10.42 -23.25 2.10
N SER D 185 11.23 -24.27 2.30
CA SER D 185 11.30 -25.39 1.37
C SER D 185 10.88 -26.70 2.03
N GLY D 186 10.31 -26.58 3.23
CA GLY D 186 9.80 -27.72 3.98
C GLY D 186 10.87 -28.64 4.52
N LYS D 187 12.04 -28.05 4.85
CA LYS D 187 13.20 -28.80 5.33
C LYS D 187 12.99 -29.44 6.70
N LEU D 188 12.29 -28.71 7.58
CA LEU D 188 11.91 -29.22 8.89
C LEU D 188 10.90 -30.38 8.75
N ALA D 189 9.91 -30.18 7.88
CA ALA D 189 8.85 -31.16 7.65
C ALA D 189 9.33 -32.44 6.97
N THR D 190 10.40 -32.31 6.18
CA THR D 190 11.07 -33.45 5.55
C THR D 190 11.77 -34.29 6.63
N CYS D 191 12.49 -33.60 7.52
CA CYS D 191 13.27 -34.22 8.60
C CYS D 191 12.41 -35.08 9.52
N LEU D 192 11.22 -34.59 9.81
CA LEU D 192 10.30 -35.29 10.70
C LEU D 192 9.63 -36.46 10.01
N SER D 193 9.43 -36.33 8.70
CA SER D 193 8.85 -37.39 7.87
C SER D 193 9.77 -38.60 7.76
N GLN D 194 11.05 -38.33 7.59
CA GLN D 194 12.05 -39.39 7.36
C GLN D 194 12.37 -40.18 8.63
N VAL D 195 12.26 -39.51 9.78
CA VAL D 195 12.37 -40.16 11.10
C VAL D 195 11.18 -41.10 11.32
N TYR D 196 9.99 -40.65 10.92
CA TYR D 196 8.79 -41.49 10.98
C TYR D 196 8.91 -42.71 10.08
N HIS D 197 9.43 -42.50 8.86
CA HIS D 197 9.60 -43.58 7.88
C HIS D 197 10.69 -44.58 8.26
N GLU D 198 11.61 -44.17 9.14
CA GLU D 198 12.64 -45.09 9.64
C GLU D 198 12.28 -45.77 10.96
N HIS D 199 11.47 -45.11 11.78
CA HIS D 199 10.91 -45.72 12.99
C HIS D 199 9.87 -46.80 12.65
N LYS D 200 9.21 -46.63 11.50
CA LYS D 200 8.33 -47.65 10.93
C LYS D 200 9.14 -48.80 10.32
N ARG D 201 10.39 -48.51 9.94
CA ARG D 201 11.28 -49.48 9.30
C ARG D 201 12.14 -50.24 10.32
N GLY D 202 12.26 -49.69 11.52
CA GLY D 202 13.00 -50.35 12.61
C GLY D 202 14.18 -49.57 13.17
N VAL D 203 14.72 -48.64 12.37
CA VAL D 203 15.92 -47.87 12.75
C VAL D 203 15.55 -46.67 13.64
N ALA D 204 16.27 -46.51 14.74
CA ALA D 204 16.06 -45.39 15.66
C ALA D 204 16.69 -44.11 15.10
N ALA D 205 15.82 -43.20 14.65
CA ALA D 205 16.25 -41.95 14.02
C ALA D 205 15.82 -40.72 14.81
N GLY D 206 16.51 -39.61 14.57
CA GLY D 206 16.22 -38.35 15.25
C GLY D 206 16.47 -37.09 14.44
N TYR D 207 16.06 -35.95 14.99
CA TYR D 207 16.19 -34.65 14.34
C TYR D 207 17.00 -33.67 15.19
N ALA D 208 17.85 -32.88 14.56
CA ALA D 208 18.52 -31.75 15.21
C ALA D 208 18.68 -30.59 14.24
N LYS D 209 19.04 -29.41 14.76
CA LYS D 209 19.21 -28.20 13.94
C LYS D 209 20.62 -27.64 14.02
N PHE D 210 21.12 -27.19 12.88
CA PHE D 210 22.42 -26.55 12.76
C PHE D 210 22.24 -25.07 12.37
N GLU D 211 22.29 -24.20 13.37
CA GLU D 211 22.32 -22.74 13.19
C GLU D 211 23.64 -22.25 13.76
N THR D 212 24.29 -21.31 13.10
CA THR D 212 25.52 -20.70 13.64
C THR D 212 25.21 -19.45 14.47
N PHE D 213 24.27 -18.63 13.99
CA PHE D 213 23.80 -17.46 14.74
C PHE D 213 22.31 -17.58 15.05
N PRO D 214 21.86 -16.99 16.18
CA PRO D 214 22.64 -16.42 17.28
C PRO D 214 23.40 -17.50 18.04
N ILE D 215 24.47 -17.11 18.72
CA ILE D 215 25.22 -18.07 19.51
C ILE D 215 24.61 -18.17 20.90
N TRP D 216 24.10 -19.36 21.21
CA TRP D 216 23.29 -19.63 22.40
C TRP D 216 24.00 -19.38 23.73
N ASN D 217 25.29 -19.70 23.81
CA ASN D 217 26.05 -19.58 25.06
C ASN D 217 26.80 -18.26 25.26
N LEU D 218 26.54 -17.29 24.39
CA LEU D 218 26.97 -15.91 24.62
C LEU D 218 25.74 -15.12 25.04
N PRO D 219 25.91 -14.06 25.88
CA PRO D 219 24.73 -13.28 26.31
C PRO D 219 23.99 -12.56 25.18
N LEU D 220 22.78 -12.10 25.47
CA LEU D 220 21.95 -11.40 24.48
C LEU D 220 22.58 -10.09 24.02
N GLU D 221 23.25 -9.42 24.95
CA GLU D 221 23.86 -8.13 24.68
C GLU D 221 25.30 -8.22 24.14
N HIS D 222 25.80 -9.45 23.96
CA HIS D 222 27.12 -9.70 23.35
C HIS D 222 27.14 -9.18 21.91
N PRO D 223 28.17 -8.39 21.54
CA PRO D 223 28.30 -7.80 20.21
C PRO D 223 28.20 -8.80 19.05
N VAL D 224 28.68 -10.03 19.25
CA VAL D 224 28.51 -11.10 18.25
C VAL D 224 27.03 -11.35 17.91
N ASN D 225 26.21 -11.56 18.94
CA ASN D 225 24.75 -11.69 18.78
C ASN D 225 24.11 -10.40 18.25
N LEU D 226 24.52 -9.26 18.81
CA LEU D 226 24.05 -7.95 18.35
C LEU D 226 24.31 -7.69 16.87
N ALA D 227 25.46 -8.17 16.37
CA ALA D 227 25.83 -8.02 14.96
C ALA D 227 24.86 -8.76 14.04
N TYR D 228 24.33 -9.89 14.50
CA TYR D 228 23.36 -10.65 13.75
C TYR D 228 22.02 -9.94 13.69
N GLU D 229 21.64 -9.26 14.78
CA GLU D 229 20.42 -8.45 14.80
C GLU D 229 20.54 -7.24 13.88
N ALA D 230 21.76 -6.70 13.78
CA ALA D 230 22.07 -5.63 12.84
C ALA D 230 22.00 -6.12 11.40
N ALA D 231 22.21 -7.43 11.21
CA ALA D 231 22.15 -8.04 9.89
C ALA D 231 20.75 -8.50 9.46
N THR D 232 19.72 -8.21 10.27
CA THR D 232 18.37 -8.71 9.99
C THR D 232 17.38 -7.64 9.53
N VAL D 233 16.72 -7.91 8.40
CA VAL D 233 15.70 -7.03 7.83
C VAL D 233 14.33 -7.31 8.47
N ASP D 234 14.02 -8.61 8.63
CA ASP D 234 12.79 -9.03 9.30
C ASP D 234 12.92 -8.85 10.81
N LEU D 235 11.79 -8.72 11.50
CA LEU D 235 11.78 -8.59 12.95
C LEU D 235 11.42 -9.93 13.63
N ASN D 236 10.99 -10.89 12.82
CA ASN D 236 10.68 -12.25 13.28
C ASN D 236 11.91 -13.07 13.70
N ASP D 237 13.08 -12.66 13.24
CA ASP D 237 14.33 -13.35 13.60
C ASP D 237 15.12 -12.58 14.66
N ALA D 238 14.41 -11.81 15.47
CA ALA D 238 15.00 -11.07 16.59
C ALA D 238 15.47 -12.03 17.69
N ASN D 239 16.65 -11.74 18.23
CA ASN D 239 17.19 -12.52 19.34
C ASN D 239 16.40 -12.33 20.64
N VAL D 240 16.05 -13.45 21.28
CA VAL D 240 15.42 -13.44 22.59
C VAL D 240 16.11 -14.46 23.51
N ILE D 241 15.93 -14.29 24.82
CA ILE D 241 16.35 -15.30 25.78
C ILE D 241 15.40 -16.49 25.69
N ASP D 242 15.98 -17.68 25.55
CA ASP D 242 15.26 -18.94 25.56
C ASP D 242 14.67 -19.18 26.94
N HIS D 243 13.41 -18.80 27.10
CA HIS D 243 12.74 -18.89 28.40
C HIS D 243 12.39 -20.32 28.79
N PHE D 244 12.20 -21.16 27.77
CA PHE D 244 12.01 -22.60 27.95
C PHE D 244 13.23 -23.24 28.60
N HIS D 245 14.41 -22.84 28.14
CA HIS D 245 15.69 -23.34 28.67
C HIS D 245 15.96 -22.79 30.07
N LEU D 246 15.43 -21.60 30.34
CA LEU D 246 15.57 -20.97 31.63
C LEU D 246 14.65 -21.62 32.66
N ALA D 247 13.46 -22.03 32.19
CA ALA D 247 12.47 -22.67 33.04
C ALA D 247 12.85 -24.12 33.37
N ALA D 248 13.51 -24.79 32.42
CA ALA D 248 13.83 -26.21 32.55
C ALA D 248 15.16 -26.49 33.26
N TYR D 249 16.16 -25.66 33.02
CA TYR D 249 17.52 -25.94 33.52
C TYR D 249 18.08 -24.86 34.42
N GLY D 250 17.57 -23.63 34.29
CA GLY D 250 18.06 -22.51 35.07
C GLY D 250 19.16 -21.71 34.37
N GLU D 251 19.65 -22.21 33.23
CA GLU D 251 20.69 -21.50 32.50
C GLU D 251 20.15 -20.56 31.42
N GLN D 252 20.79 -19.41 31.32
CA GLN D 252 20.37 -18.35 30.41
C GLN D 252 21.03 -18.54 29.06
N THR D 253 20.23 -18.82 28.05
CA THR D 253 20.72 -19.01 26.69
C THR D 253 19.97 -18.12 25.70
N VAL D 254 20.56 -17.93 24.53
CA VAL D 254 19.99 -17.06 23.50
C VAL D 254 19.46 -17.88 22.32
N ASN D 255 18.21 -17.61 21.95
CA ASN D 255 17.61 -18.14 20.74
C ASN D 255 16.96 -16.98 19.98
N TYR D 256 15.89 -17.25 19.23
CA TYR D 256 15.20 -16.25 18.42
C TYR D 256 13.71 -16.54 18.27
N ASN D 257 12.93 -15.48 18.00
CA ASN D 257 11.45 -15.51 18.03
C ASN D 257 10.76 -16.63 17.26
N ARG D 258 11.22 -16.87 16.04
CA ARG D 258 10.67 -17.89 15.14
C ARG D 258 10.73 -19.30 15.73
N ASP D 259 11.91 -19.71 16.19
CA ASP D 259 12.07 -21.04 16.79
C ASP D 259 11.44 -21.16 18.17
N VAL D 260 11.46 -20.06 18.94
CA VAL D 260 10.87 -20.01 20.28
C VAL D 260 9.35 -20.14 20.21
N GLU D 261 8.71 -19.45 19.27
CA GLU D 261 7.26 -19.55 19.06
C GLU D 261 6.85 -20.88 18.42
N ALA D 262 7.72 -21.45 17.60
CA ALA D 262 7.45 -22.75 16.97
C ALA D 262 7.62 -23.90 17.94
N PHE D 263 8.39 -23.68 19.00
CA PHE D 263 8.73 -24.75 19.95
C PHE D 263 7.58 -25.45 20.71
N PRO D 264 6.59 -24.71 21.28
CA PRO D 264 5.51 -25.43 21.94
C PRO D 264 4.87 -26.49 21.05
N LEU D 265 4.55 -26.08 19.81
CA LEU D 265 3.88 -26.93 18.83
C LEU D 265 4.77 -28.04 18.28
N LEU D 266 6.08 -27.80 18.25
CA LEU D 266 7.05 -28.77 17.75
C LEU D 266 7.44 -29.82 18.79
N LYS D 267 7.32 -29.45 20.07
CA LYS D 267 7.64 -30.34 21.19
C LYS D 267 6.65 -31.51 21.28
N THR D 268 5.38 -31.22 20.96
CA THR D 268 4.33 -32.25 20.92
C THR D 268 4.51 -33.17 19.72
N LEU D 269 5.06 -32.60 18.64
CA LEU D 269 5.35 -33.35 17.41
C LEU D 269 6.53 -34.30 17.56
N LEU D 270 7.47 -33.96 18.45
CA LEU D 270 8.63 -34.81 18.73
C LEU D 270 8.25 -36.06 19.53
N GLU D 271 7.33 -35.88 20.49
CA GLU D 271 6.87 -36.96 21.37
C GLU D 271 6.14 -38.06 20.62
N ARG D 272 5.35 -37.68 19.62
CA ARG D 272 4.54 -38.60 18.85
C ARG D 272 5.35 -39.44 17.86
N LEU D 273 6.53 -38.93 17.49
CA LEU D 273 7.38 -39.58 16.49
C LEU D 273 8.53 -40.39 17.11
N MET D 274 8.89 -40.06 18.35
CA MET D 274 10.06 -40.64 18.99
C MET D 274 9.76 -41.43 20.27
N GLY D 275 8.69 -41.05 20.95
CA GLY D 275 8.32 -41.66 22.23
C GLY D 275 8.28 -40.62 23.32
N GLU D 276 9.46 -40.18 23.76
CA GLU D 276 9.58 -39.05 24.67
C GLU D 276 10.13 -37.84 23.92
N SER D 277 10.17 -36.68 24.60
CA SER D 277 10.80 -35.50 24.05
C SER D 277 12.27 -35.44 24.49
N PRO D 278 13.20 -35.52 23.53
CA PRO D 278 14.62 -35.38 23.86
C PRO D 278 15.02 -33.94 24.12
N TYR D 279 14.18 -32.97 23.73
CA TYR D 279 14.46 -31.55 23.87
C TYR D 279 13.45 -30.82 24.75
N GLN D 280 13.95 -30.01 25.67
CA GLN D 280 13.10 -29.18 26.53
C GLN D 280 13.15 -27.71 26.11
N SER D 281 13.97 -27.42 25.10
CA SER D 281 14.18 -26.06 24.58
C SER D 281 14.63 -26.09 23.11
N PRO D 282 14.52 -24.95 22.39
CA PRO D 282 15.21 -24.82 21.09
C PRO D 282 16.73 -24.88 21.20
N THR D 283 17.27 -24.49 22.36
CA THR D 283 18.71 -24.62 22.65
C THR D 283 19.13 -26.09 22.62
N ASP D 284 18.37 -26.95 23.31
CA ASP D 284 18.57 -28.41 23.35
C ASP D 284 18.57 -29.00 21.94
N MET D 285 17.58 -28.55 21.16
CA MET D 285 17.34 -28.96 19.78
C MET D 285 18.54 -28.67 18.87
N GLY D 286 19.25 -27.58 19.17
CA GLY D 286 20.42 -27.15 18.43
C GLY D 286 21.66 -27.97 18.73
N VAL D 287 22.76 -27.63 18.06
CA VAL D 287 23.97 -28.45 18.11
C VAL D 287 25.22 -27.56 18.00
N ASN D 288 24.98 -26.25 17.86
CA ASN D 288 26.00 -25.24 17.66
C ASN D 288 27.12 -25.21 18.70
N MET D 289 28.36 -25.40 18.24
CA MET D 289 29.52 -25.40 19.13
C MET D 289 30.39 -24.15 18.97
N ALA D 290 30.06 -23.29 17.99
CA ALA D 290 30.85 -22.11 17.64
C ALA D 290 31.17 -21.15 18.80
N GLY D 291 30.29 -21.10 19.79
CA GLY D 291 30.51 -20.29 20.98
C GLY D 291 31.68 -20.78 21.83
N ASN D 292 31.86 -22.10 21.86
CA ASN D 292 32.93 -22.72 22.63
C ASN D 292 34.30 -22.66 21.93
N CYS D 293 34.35 -22.07 20.74
CA CYS D 293 35.60 -22.01 19.97
C CYS D 293 36.16 -20.61 19.74
N ILE D 294 35.67 -19.64 20.50
CA ILE D 294 36.26 -18.29 20.53
C ILE D 294 37.59 -18.34 21.30
N SER D 295 38.67 -17.99 20.61
CA SER D 295 40.01 -17.97 21.23
C SER D 295 40.33 -16.60 21.82
N ASP D 296 39.85 -15.55 21.16
CA ASP D 296 39.98 -14.18 21.66
C ASP D 296 38.60 -13.49 21.60
N ASP D 297 38.02 -13.28 22.78
CA ASP D 297 36.72 -12.63 22.90
C ASP D 297 36.78 -11.17 22.48
N ALA D 298 37.83 -10.47 22.91
CA ALA D 298 38.02 -9.05 22.60
C ALA D 298 38.11 -8.78 21.09
N ALA D 299 38.71 -9.72 20.35
CA ALA D 299 38.82 -9.62 18.90
C ALA D 299 37.47 -9.79 18.23
N CYS D 300 36.68 -10.75 18.71
CA CYS D 300 35.34 -11.00 18.24
C CYS D 300 34.41 -9.84 18.56
N ARG D 301 34.51 -9.34 19.80
CA ARG D 301 33.74 -8.18 20.25
C ARG D 301 34.00 -6.95 19.36
N HIS D 302 35.27 -6.66 19.11
CA HIS D 302 35.67 -5.52 18.28
C HIS D 302 35.25 -5.68 16.81
N ALA D 303 35.49 -6.87 16.25
CA ALA D 303 35.12 -7.18 14.87
C ALA D 303 33.61 -7.11 14.63
N SER D 304 32.82 -7.53 15.62
CA SER D 304 31.37 -7.47 15.50
CA SER D 304 31.37 -7.48 15.52
C SER D 304 30.84 -6.07 15.73
N GLU D 305 31.54 -5.28 16.55
CA GLU D 305 31.17 -3.89 16.78
C GLU D 305 31.38 -3.03 15.53
N GLN D 306 32.41 -3.37 14.76
CA GLN D 306 32.67 -2.72 13.48
C GLN D 306 31.61 -3.07 12.44
N GLU D 307 31.12 -4.32 12.50
CA GLU D 307 30.10 -4.82 11.58
C GLU D 307 28.79 -4.08 11.77
N ILE D 308 28.42 -3.84 13.03
CA ILE D 308 27.23 -3.08 13.38
C ILE D 308 27.24 -1.71 12.72
N ILE D 309 28.40 -1.04 12.81
CA ILE D 309 28.60 0.26 12.20
C ILE D 309 28.47 0.20 10.67
N ARG D 310 29.08 -0.81 10.05
CA ARG D 310 28.94 -1.04 8.62
C ARG D 310 27.48 -1.19 8.18
N ARG D 311 26.70 -1.90 8.98
CA ARG D 311 25.28 -2.14 8.69
C ARG D 311 24.45 -0.86 8.78
N TYR D 312 24.83 0.03 9.69
CA TYR D 312 24.15 1.30 9.87
C TYR D 312 24.26 2.18 8.62
N PHE D 313 25.49 2.33 8.12
CA PHE D 313 25.76 3.17 6.96
C PHE D 313 25.17 2.59 5.69
N LYS D 314 25.23 1.26 5.56
CA LYS D 314 24.71 0.58 4.37
C LYS D 314 23.19 0.59 4.30
N ALA D 315 22.56 0.79 5.46
CA ALA D 315 21.11 1.00 5.52
C ALA D 315 20.79 2.43 5.12
N LEU D 316 21.53 3.39 5.67
CA LEU D 316 21.38 4.82 5.35
C LEU D 316 21.51 5.11 3.85
N VAL D 317 22.49 4.47 3.21
CA VAL D 317 22.76 4.64 1.79
C VAL D 317 21.65 4.00 0.95
N GLU D 318 21.21 2.80 1.37
CA GLU D 318 20.15 2.07 0.69
C GLU D 318 18.83 2.85 0.72
N GLU D 319 18.60 3.57 1.82
CA GLU D 319 17.44 4.46 1.96
C GLU D 319 17.57 5.70 1.07
N ALA D 320 18.80 6.18 0.93
CA ALA D 320 19.11 7.36 0.13
C ALA D 320 18.99 7.09 -1.38
N ARG D 321 19.29 5.86 -1.78
CA ARG D 321 19.20 5.46 -3.18
C ARG D 321 17.77 5.14 -3.63
N THR D 322 17.00 4.51 -2.76
CA THR D 322 15.66 4.04 -3.11
C THR D 322 14.54 4.99 -2.67
N GLY D 323 14.92 6.06 -1.96
CA GLY D 323 13.99 7.12 -1.57
C GLY D 323 12.94 6.67 -0.56
N LYS D 324 13.39 5.91 0.43
CA LYS D 324 12.49 5.36 1.45
C LYS D 324 12.73 6.03 2.79
N ASP D 325 11.84 5.79 3.74
CA ASP D 325 11.95 6.34 5.10
C ASP D 325 13.04 5.62 5.90
N SER D 326 13.43 6.21 7.02
CA SER D 326 14.52 5.67 7.85
C SER D 326 14.05 4.54 8.76
N THR D 327 13.63 3.43 8.16
CA THR D 327 13.14 2.30 8.94
C THR D 327 14.31 1.48 9.48
N GLN D 328 15.05 0.84 8.56
CA GLN D 328 16.09 -0.10 8.95
C GLN D 328 17.38 0.53 9.49
N SER D 329 17.61 1.81 9.17
CA SER D 329 18.78 2.52 9.72
C SER D 329 18.57 2.97 11.16
N ASP D 330 17.33 3.29 11.51
CA ASP D 330 16.97 3.58 12.90
C ASP D 330 17.08 2.31 13.74
N ARG D 331 16.64 1.19 13.17
CA ARG D 331 16.76 -0.11 13.80
C ARG D 331 18.23 -0.43 14.05
N ALA D 332 19.08 -0.22 13.04
CA ALA D 332 20.52 -0.45 13.15
C ALA D 332 21.22 0.53 14.10
N ALA D 333 20.63 1.70 14.29
CA ALA D 333 21.09 2.68 15.28
C ALA D 333 20.79 2.26 16.72
N VAL D 334 19.73 1.48 16.92
CA VAL D 334 19.35 1.00 18.24
C VAL D 334 20.34 -0.05 18.76
N VAL D 335 20.74 -0.98 17.89
CA VAL D 335 21.72 -2.00 18.26
C VAL D 335 23.12 -1.38 18.51
N MET D 336 23.38 -0.25 17.85
CA MET D 336 24.56 0.56 18.11
C MET D 336 24.61 1.00 19.57
N ALA D 337 23.46 1.47 20.08
CA ALA D 337 23.30 1.86 21.48
C ALA D 337 23.47 0.70 22.46
N LYS D 338 22.94 -0.47 22.11
CA LYS D 338 23.01 -1.67 22.94
C LYS D 338 24.44 -2.19 23.10
N ALA D 339 25.27 -1.89 22.10
CA ALA D 339 26.68 -2.22 22.15
C ALA D 339 27.48 -1.12 22.85
N GLY D 340 26.87 0.05 22.99
CA GLY D 340 27.51 1.20 23.61
C GLY D 340 28.58 1.80 22.71
N ILE D 341 28.27 1.84 21.41
CA ILE D 341 29.19 2.37 20.41
C ILE D 341 28.51 3.46 19.56
N LYS D 342 29.33 4.21 18.83
CA LYS D 342 28.85 5.29 17.95
C LYS D 342 29.62 5.20 16.64
N ALA D 343 29.14 5.92 15.61
CA ALA D 343 29.72 5.89 14.26
C ALA D 343 31.18 6.33 14.17
N SER D 344 31.62 7.13 15.15
CA SER D 344 33.00 7.61 15.27
C SER D 344 34.02 6.47 15.42
N GLN D 345 33.60 5.40 16.08
CA GLN D 345 34.47 4.27 16.40
C GLN D 345 34.89 3.44 15.19
N ARG D 346 34.21 3.63 14.05
CA ARG D 346 34.78 3.23 12.76
C ARG D 346 35.83 4.29 12.43
N VAL D 347 37.09 3.89 12.58
CA VAL D 347 38.23 4.82 12.67
C VAL D 347 38.50 5.64 11.39
N VAL D 348 37.92 5.21 10.27
CA VAL D 348 38.05 5.91 8.99
C VAL D 348 36.96 6.96 8.72
N VAL D 349 36.11 7.23 9.71
CA VAL D 349 34.96 8.12 9.50
C VAL D 349 35.28 9.60 9.65
N GLU D 350 35.74 10.02 10.83
CA GLU D 350 36.09 11.42 11.06
C GLU D 350 37.23 11.98 10.19
N PRO D 351 38.33 11.20 9.97
CA PRO D 351 39.33 11.61 8.97
C PRO D 351 38.79 11.96 7.58
N ALA D 352 37.80 11.20 7.11
CA ALA D 352 37.22 11.41 5.78
C ALA D 352 36.42 12.69 5.65
N ARG D 353 35.61 13.03 6.67
CA ARG D 353 34.87 14.29 6.63
C ARG D 353 35.64 15.50 7.16
N GLN D 354 36.83 15.24 7.71
CA GLN D 354 37.81 16.30 7.98
C GLN D 354 38.37 16.81 6.65
N VAL D 355 38.56 15.90 5.71
CA VAL D 355 38.96 16.23 4.34
C VAL D 355 37.87 17.08 3.68
N GLU D 356 36.61 16.68 3.86
CA GLU D 356 35.48 17.42 3.30
C GLU D 356 35.30 18.82 3.92
N GLU D 357 35.60 18.95 5.21
CA GLU D 357 35.45 20.23 5.90
C GLU D 357 36.52 21.25 5.53
N ARG D 358 37.73 20.77 5.22
CA ARG D 358 38.84 21.68 4.89
C ARG D 358 38.98 21.97 3.39
N THR D 359 38.26 21.20 2.56
CA THR D 359 38.32 21.37 1.10
C THR D 359 37.00 21.81 0.45
N SER D 360 35.88 21.50 1.10
CA SER D 360 34.52 21.67 0.56
C SER D 360 34.23 20.83 -0.68
N LEU D 361 34.88 19.67 -0.73
CA LEU D 361 34.72 18.69 -1.80
C LEU D 361 34.72 17.28 -1.17
N PRO D 362 34.03 16.30 -1.81
CA PRO D 362 34.00 14.90 -1.36
C PRO D 362 35.32 14.35 -0.82
N GLY D 363 35.25 13.69 0.34
CA GLY D 363 36.44 13.16 1.03
C GLY D 363 36.39 11.66 1.21
N CYS D 364 37.52 11.08 1.57
CA CYS D 364 37.70 9.62 1.53
C CYS D 364 38.88 9.17 2.41
N ALA D 365 38.75 8.00 3.05
CA ALA D 365 39.81 7.45 3.92
C ALA D 365 39.84 5.93 4.02
N ILE D 366 41.05 5.35 4.04
CA ILE D 366 41.25 3.90 4.20
C ILE D 366 42.13 3.58 5.41
N GLU D 367 41.85 2.47 6.09
CA GLU D 367 42.77 1.93 7.09
C GLU D 367 43.50 0.73 6.49
N LEU D 368 44.83 0.79 6.53
CA LEU D 368 45.65 -0.30 6.01
C LEU D 368 45.73 -1.45 6.99
N VAL D 369 46.23 -2.58 6.51
CA VAL D 369 46.48 -3.75 7.34
C VAL D 369 47.50 -3.45 8.45
N ASP D 370 48.45 -2.56 8.15
CA ASP D 370 49.43 -2.07 9.14
C ASP D 370 48.83 -1.14 10.18
N GLY D 371 47.68 -0.54 9.86
CA GLY D 371 46.94 0.29 10.82
C GLY D 371 46.86 1.77 10.49
N SER D 372 47.65 2.22 9.50
CA SER D 372 47.70 3.64 9.16
C SER D 372 46.45 4.15 8.44
N ILE D 373 46.11 5.41 8.69
CA ILE D 373 44.99 6.07 8.05
C ILE D 373 45.46 6.91 6.86
N ILE D 374 45.07 6.48 5.66
CA ILE D 374 45.45 7.15 4.43
C ILE D 374 44.21 7.81 3.84
N THR D 375 44.27 9.13 3.70
CA THR D 375 43.15 9.91 3.19
C THR D 375 43.27 10.21 1.70
N GLY D 376 42.27 10.87 1.15
CA GLY D 376 42.23 11.22 -0.27
C GLY D 376 41.28 12.38 -0.52
N ALA D 377 41.77 13.39 -1.23
CA ALA D 377 40.98 14.58 -1.51
C ALA D 377 40.69 14.69 -3.00
N THR D 378 39.62 15.41 -3.34
CA THR D 378 39.24 15.64 -4.72
C THR D 378 40.13 16.74 -5.33
N SER D 379 40.92 16.36 -6.32
CA SER D 379 41.76 17.32 -7.05
C SER D 379 41.18 17.59 -8.44
N ASP D 380 41.93 18.30 -9.28
CA ASP D 380 41.52 18.59 -10.66
C ASP D 380 41.57 17.35 -11.52
N LEU D 381 42.57 16.51 -11.26
CA LEU D 381 42.84 15.31 -12.03
C LEU D 381 42.05 14.10 -11.50
N LEU D 382 41.96 13.98 -10.19
CA LEU D 382 41.45 12.77 -9.55
C LEU D 382 40.15 12.95 -8.79
N GLY D 383 39.37 11.87 -8.72
CA GLY D 383 38.31 11.74 -7.74
C GLY D 383 38.96 11.38 -6.41
N CYS D 384 38.24 11.59 -5.31
CA CYS D 384 38.83 11.39 -3.98
C CYS D 384 39.10 9.92 -3.63
N SER D 385 38.31 9.02 -4.21
CA SER D 385 38.56 7.59 -4.03
C SER D 385 39.79 7.16 -4.83
N SER D 386 39.94 7.71 -6.03
CA SER D 386 41.10 7.44 -6.90
C SER D 386 42.38 7.97 -6.28
N SER D 387 42.25 9.13 -5.63
CA SER D 387 43.35 9.77 -4.91
C SER D 387 43.78 8.93 -3.71
N MET D 388 42.80 8.43 -2.96
CA MET D 388 43.04 7.58 -1.79
C MET D 388 43.77 6.30 -2.20
N LEU D 389 43.37 5.71 -3.32
CA LEU D 389 43.98 4.49 -3.81
C LEU D 389 45.44 4.63 -4.17
N LEU D 390 45.77 5.70 -4.91
CA LEU D 390 47.15 5.98 -5.28
C LEU D 390 48.02 6.30 -4.08
N ASN D 391 47.46 7.02 -3.09
CA ASN D 391 48.14 7.30 -1.83
C ASN D 391 48.41 6.05 -1.00
N ALA D 392 47.43 5.15 -0.94
CA ALA D 392 47.51 3.92 -0.15
C ALA D 392 48.49 2.92 -0.74
N LEU D 393 48.49 2.83 -2.06
CA LEU D 393 49.39 1.94 -2.80
C LEU D 393 50.84 2.41 -2.68
N LYS D 394 51.03 3.73 -2.59
CA LYS D 394 52.34 4.34 -2.39
C LYS D 394 52.91 4.07 -0.99
N HIS D 395 52.05 4.16 0.03
CA HIS D 395 52.45 3.89 1.41
C HIS D 395 52.77 2.42 1.60
N LEU D 396 52.00 1.54 0.95
CA LEU D 396 52.22 0.10 1.03
C LEU D 396 53.51 -0.35 0.37
N ALA D 397 53.82 0.25 -0.78
CA ALA D 397 54.99 -0.13 -1.57
C ALA D 397 56.30 0.54 -1.13
N GLY D 398 56.20 1.48 -0.20
CA GLY D 398 57.35 2.21 0.31
C GLY D 398 57.77 3.37 -0.58
N ILE D 399 56.93 3.69 -1.56
CA ILE D 399 57.18 4.78 -2.49
C ILE D 399 56.93 6.13 -1.81
N ASP D 400 57.87 7.06 -2.03
CA ASP D 400 57.77 8.43 -1.52
C ASP D 400 56.50 9.13 -2.00
N ASP D 401 55.93 9.95 -1.12
CA ASP D 401 54.66 10.63 -1.36
C ASP D 401 54.75 11.68 -2.48
N ALA D 402 55.93 12.27 -2.65
CA ALA D 402 56.17 13.30 -3.67
C ALA D 402 56.20 12.74 -5.09
N ILE D 403 56.43 11.44 -5.22
CA ILE D 403 56.51 10.76 -6.51
C ILE D 403 55.14 10.64 -7.20
N HIS D 404 55.04 11.26 -8.38
CA HIS D 404 53.91 11.03 -9.27
C HIS D 404 54.12 9.67 -9.91
N LEU D 405 53.10 8.83 -9.88
CA LEU D 405 53.19 7.49 -10.49
C LEU D 405 52.38 7.37 -11.78
N LEU D 406 51.56 8.38 -12.04
CA LEU D 406 50.69 8.38 -13.20
C LEU D 406 51.33 9.15 -14.35
N SER D 407 51.76 8.41 -15.38
CA SER D 407 52.39 9.00 -16.56
C SER D 407 51.38 9.76 -17.42
N PRO D 408 51.76 10.96 -17.90
CA PRO D 408 50.87 11.77 -18.75
C PRO D 408 50.63 11.16 -20.12
N GLU D 409 51.43 10.16 -20.48
CA GLU D 409 51.19 9.36 -21.67
C GLU D 409 49.95 8.48 -21.50
N SER D 410 49.61 8.19 -20.24
CA SER D 410 48.46 7.35 -19.92
C SER D 410 47.26 8.19 -19.50
N ILE D 411 47.53 9.35 -18.91
CA ILE D 411 46.50 10.29 -18.46
C ILE D 411 45.83 10.97 -19.66
N GLU D 412 46.65 11.45 -20.59
CA GLU D 412 46.19 12.28 -21.71
C GLU D 412 45.10 11.68 -22.62
N PRO D 413 45.25 10.41 -23.08
CA PRO D 413 44.23 9.89 -24.00
C PRO D 413 42.86 9.71 -23.35
N ILE D 414 42.82 9.45 -22.04
CA ILE D 414 41.56 9.38 -21.30
C ILE D 414 40.93 10.77 -21.20
N GLN D 415 41.74 11.75 -20.78
CA GLN D 415 41.31 13.14 -20.61
C GLN D 415 40.80 13.76 -21.91
N THR D 416 41.57 13.55 -22.99
CA THR D 416 41.23 14.03 -24.34
C THR D 416 39.92 13.40 -24.85
N LEU D 417 39.70 12.13 -24.51
CA LEU D 417 38.48 11.43 -24.89
C LEU D 417 37.27 12.02 -24.19
N LYS D 418 37.38 12.16 -22.86
CA LYS D 418 36.30 12.64 -22.01
C LYS D 418 35.80 14.04 -22.36
N THR D 419 36.70 14.90 -22.83
CA THR D 419 36.37 16.31 -23.03
C THR D 419 36.00 16.63 -24.47
N VAL D 420 36.87 16.28 -25.41
CA VAL D 420 36.66 16.57 -26.83
C VAL D 420 35.56 15.72 -27.45
N HIS D 421 35.55 14.42 -27.11
CA HIS D 421 34.66 13.46 -27.77
C HIS D 421 33.39 13.14 -26.97
N LEU D 422 33.55 12.85 -25.68
CA LEU D 422 32.41 12.54 -24.82
C LEU D 422 31.62 13.79 -24.45
N GLY D 423 32.26 14.96 -24.59
CA GLY D 423 31.63 16.24 -24.32
C GLY D 423 31.34 16.47 -22.84
N SER D 424 32.17 15.89 -21.98
CA SER D 424 32.01 16.06 -20.54
C SER D 424 32.92 17.19 -20.03
N SER D 425 32.32 18.12 -19.30
CA SER D 425 33.07 19.17 -18.62
C SER D 425 33.52 18.70 -17.22
N ASN D 426 33.44 17.39 -17.02
CA ASN D 426 34.02 16.71 -15.85
C ASN D 426 35.24 15.91 -16.28
N PRO D 427 36.44 16.54 -16.22
CA PRO D 427 37.67 15.89 -16.66
C PRO D 427 38.28 14.97 -15.59
N ARG D 428 37.60 14.84 -14.45
CA ARG D 428 38.01 14.00 -13.33
C ARG D 428 38.10 12.52 -13.71
N LEU D 429 39.00 11.80 -13.07
CA LEU D 429 39.17 10.37 -13.34
C LEU D 429 38.66 9.53 -12.17
N HIS D 430 37.80 8.56 -12.51
CA HIS D 430 37.29 7.60 -11.53
C HIS D 430 38.33 6.49 -11.31
N THR D 431 38.03 5.59 -10.37
CA THR D 431 39.00 4.58 -9.91
C THR D 431 39.42 3.60 -10.99
N ASP D 432 38.48 3.25 -11.88
CA ASP D 432 38.72 2.30 -12.96
C ASP D 432 39.76 2.82 -13.96
N GLU D 433 39.60 4.06 -14.41
CA GLU D 433 40.47 4.65 -15.42
C GLU D 433 41.80 5.09 -14.85
N VAL D 434 41.83 5.31 -13.53
CA VAL D 434 43.08 5.54 -12.82
C VAL D 434 43.88 4.24 -12.78
N LEU D 435 43.20 3.15 -12.44
CA LEU D 435 43.82 1.82 -12.42
C LEU D 435 44.26 1.36 -13.81
N ILE D 436 43.56 1.83 -14.83
CA ILE D 436 43.96 1.64 -16.23
C ILE D 436 45.23 2.45 -16.52
N ALA D 437 45.23 3.72 -16.13
CA ALA D 437 46.36 4.62 -16.33
C ALA D 437 47.60 4.19 -15.55
N LEU D 438 47.39 3.55 -14.40
CA LEU D 438 48.47 3.00 -13.61
C LEU D 438 49.03 1.76 -14.30
N SER D 439 48.17 1.02 -15.01
CA SER D 439 48.55 -0.21 -15.69
C SER D 439 49.36 0.07 -16.96
N VAL D 440 48.98 1.12 -17.69
CA VAL D 440 49.72 1.59 -18.87
C VAL D 440 51.08 2.19 -18.46
N SER D 441 51.10 2.90 -17.33
CA SER D 441 52.32 3.49 -16.78
C SER D 441 53.34 2.45 -16.27
N ALA D 442 52.87 1.24 -15.99
CA ALA D 442 53.70 0.15 -15.48
C ALA D 442 54.71 -0.40 -16.50
N ALA D 443 54.51 -0.07 -17.78
CA ALA D 443 55.42 -0.47 -18.83
C ALA D 443 56.74 0.30 -18.77
N THR D 444 56.67 1.62 -18.89
CA THR D 444 57.86 2.48 -18.90
C THR D 444 58.42 2.75 -17.50
N ASP D 445 57.54 2.78 -16.49
CA ASP D 445 57.95 3.07 -15.12
C ASP D 445 57.74 1.87 -14.20
N SER D 446 58.75 1.58 -13.39
CA SER D 446 58.71 0.45 -12.48
C SER D 446 58.04 0.79 -11.14
N ASN D 447 57.82 2.08 -10.91
CA ASN D 447 57.12 2.55 -9.71
C ASN D 447 55.63 2.25 -9.73
N ALA D 448 55.04 2.33 -10.92
CA ALA D 448 53.63 2.02 -11.12
C ALA D 448 53.36 0.53 -10.98
N GLN D 449 54.34 -0.28 -11.37
CA GLN D 449 54.26 -1.74 -11.24
C GLN D 449 54.28 -2.16 -9.78
N LYS D 450 55.16 -1.53 -8.99
CA LYS D 450 55.27 -1.79 -7.55
C LYS D 450 54.01 -1.42 -6.77
N ALA D 451 53.28 -0.42 -7.28
CA ALA D 451 52.00 0.00 -6.73
C ALA D 451 50.90 -1.00 -7.06
N LEU D 452 50.88 -1.47 -8.30
CA LEU D 452 49.90 -2.47 -8.76
C LEU D 452 50.01 -3.81 -8.03
N ASP D 453 51.21 -4.09 -7.50
CA ASP D 453 51.47 -5.33 -6.76
C ASP D 453 50.84 -5.33 -5.37
N GLN D 454 50.55 -4.14 -4.83
CA GLN D 454 49.93 -4.04 -3.52
C GLN D 454 48.43 -3.70 -3.49
N LEU D 455 47.74 -3.90 -4.62
CA LEU D 455 46.28 -3.90 -4.65
C LEU D 455 45.74 -5.13 -3.95
N LYS D 456 46.52 -6.21 -4.04
CA LYS D 456 46.31 -7.47 -3.33
C LYS D 456 46.05 -7.29 -1.83
N ASN D 457 46.85 -6.42 -1.19
CA ASN D 457 46.80 -6.21 0.25
C ASN D 457 45.72 -5.24 0.71
N LEU D 458 44.67 -5.09 -0.09
CA LEU D 458 43.56 -4.21 0.25
C LEU D 458 42.30 -4.97 0.65
N ARG D 459 42.31 -6.29 0.51
CA ARG D 459 41.19 -7.13 0.93
C ARG D 459 41.08 -7.06 2.45
N GLY D 460 39.89 -6.73 2.95
CA GLY D 460 39.67 -6.61 4.39
C GLY D 460 39.73 -5.19 4.94
N CYS D 461 40.20 -4.25 4.13
CA CYS D 461 40.37 -2.86 4.55
C CYS D 461 39.08 -2.06 4.54
N ASP D 462 38.97 -1.15 5.51
CA ASP D 462 37.76 -0.34 5.65
C ASP D 462 37.91 1.04 5.03
N VAL D 463 36.93 1.44 4.24
CA VAL D 463 36.90 2.74 3.59
C VAL D 463 35.62 3.48 4.01
N HIS D 464 35.75 4.77 4.28
CA HIS D 464 34.58 5.63 4.34
C HIS D 464 34.68 6.75 3.31
N THR D 465 33.55 7.07 2.66
CA THR D 465 33.46 8.23 1.78
C THR D 465 32.37 9.18 2.28
N THR D 466 32.53 10.48 2.02
CA THR D 466 31.55 11.49 2.43
C THR D 466 30.43 11.62 1.41
N THR D 467 30.62 11.01 0.25
CA THR D 467 29.62 10.99 -0.80
C THR D 467 29.24 9.56 -1.16
N ILE D 468 28.01 9.39 -1.64
CA ILE D 468 27.56 8.10 -2.14
C ILE D 468 28.29 7.83 -3.45
N LEU D 469 29.01 6.71 -3.49
CA LEU D 469 29.79 6.35 -4.66
C LEU D 469 28.91 5.92 -5.82
N GLY D 470 29.44 6.00 -7.03
CA GLY D 470 28.75 5.54 -8.22
C GLY D 470 28.90 4.04 -8.37
N SER D 471 28.29 3.50 -9.42
CA SER D 471 28.33 2.07 -9.69
C SER D 471 29.74 1.58 -10.03
N VAL D 472 30.48 2.38 -10.78
CA VAL D 472 31.80 2.00 -11.28
C VAL D 472 32.82 1.88 -10.14
N ASP D 473 32.86 2.89 -9.27
CA ASP D 473 33.78 2.92 -8.14
C ASP D 473 33.45 1.86 -7.10
N GLU D 474 32.16 1.61 -6.90
CA GLU D 474 31.72 0.59 -5.95
C GLU D 474 32.01 -0.81 -6.48
N GLY D 475 31.90 -0.97 -7.79
CA GLY D 475 32.28 -2.22 -8.46
C GLY D 475 33.76 -2.52 -8.29
N ILE D 476 34.58 -1.47 -8.38
CA ILE D 476 36.03 -1.59 -8.25
C ILE D 476 36.44 -1.91 -6.80
N PHE D 477 35.73 -1.34 -5.83
CA PHE D 477 36.02 -1.60 -4.41
C PHE D 477 35.54 -2.99 -3.98
N ARG D 478 34.48 -3.48 -4.62
CA ARG D 478 33.98 -4.83 -4.33
C ARG D 478 34.99 -5.86 -4.83
N ASN D 479 35.49 -5.64 -6.05
CA ASN D 479 36.44 -6.53 -6.70
C ASN D 479 37.78 -6.60 -5.98
N LEU D 480 38.12 -5.53 -5.26
CA LEU D 480 39.35 -5.47 -4.50
C LEU D 480 39.17 -6.00 -3.08
N GLY D 481 37.92 -6.33 -2.72
CA GLY D 481 37.59 -6.87 -1.41
C GLY D 481 37.61 -5.83 -0.30
N VAL D 482 37.27 -4.60 -0.67
CA VAL D 482 37.29 -3.45 0.24
C VAL D 482 35.89 -3.19 0.81
N LEU D 483 35.82 -3.04 2.14
CA LEU D 483 34.56 -2.82 2.83
C LEU D 483 34.27 -1.32 2.98
N VAL D 484 33.34 -0.84 2.16
CA VAL D 484 33.04 0.59 2.06
C VAL D 484 31.77 0.98 2.81
N THR D 485 31.87 2.10 3.55
CA THR D 485 30.70 2.78 4.09
C THR D 485 30.65 4.19 3.50
N SER D 486 29.45 4.78 3.47
CA SER D 486 29.27 6.13 2.94
C SER D 486 28.24 6.93 3.73
N ASP D 487 28.46 8.23 3.81
CA ASP D 487 27.46 9.15 4.33
C ASP D 487 26.35 9.28 3.29
N PRO D 488 25.07 9.29 3.74
CA PRO D 488 23.95 9.43 2.80
C PRO D 488 23.80 10.84 2.21
N LYS D 489 24.72 11.21 1.32
CA LYS D 489 24.74 12.52 0.67
C LYS D 489 25.26 12.37 -0.76
N PHE D 490 24.72 13.18 -1.66
CA PHE D 490 25.23 13.25 -3.03
C PHE D 490 26.12 14.49 -3.22
N GLN D 491 26.86 14.52 -4.34
CA GLN D 491 27.84 15.58 -4.62
C GLN D 491 27.21 16.95 -4.85
#